data_7JQD
# 
_entry.id   7JQD 
# 
_audit_conform.dict_name       mmcif_pdbx.dic 
_audit_conform.dict_version    5.399 
_audit_conform.dict_location   http://mmcif.pdb.org/dictionaries/ascii/mmcif_pdbx.dic 
# 
loop_
_database_2.database_id 
_database_2.database_code 
_database_2.pdbx_database_accession 
_database_2.pdbx_DOI 
PDB   7JQD         pdb_00007jqd 10.2210/pdb7jqd/pdb 
WWPDB D_1000251240 ?            ?                   
# 
loop_
_pdbx_audit_revision_history.ordinal 
_pdbx_audit_revision_history.data_content_type 
_pdbx_audit_revision_history.major_revision 
_pdbx_audit_revision_history.minor_revision 
_pdbx_audit_revision_history.revision_date 
1 'Structure model' 1 0 2021-03-24 
2 'Structure model' 1 1 2021-04-07 
3 'Structure model' 1 2 2023-10-18 
4 'Structure model' 1 3 2024-11-20 
# 
_pdbx_audit_revision_details.ordinal             1 
_pdbx_audit_revision_details.revision_ordinal    1 
_pdbx_audit_revision_details.data_content_type   'Structure model' 
_pdbx_audit_revision_details.provider            repository 
_pdbx_audit_revision_details.type                'Initial release' 
_pdbx_audit_revision_details.description         ? 
_pdbx_audit_revision_details.details             ? 
# 
loop_
_pdbx_audit_revision_group.ordinal 
_pdbx_audit_revision_group.revision_ordinal 
_pdbx_audit_revision_group.data_content_type 
_pdbx_audit_revision_group.group 
1 2 'Structure model' 'Database references'    
2 3 'Structure model' 'Data collection'        
3 3 'Structure model' 'Database references'    
4 3 'Structure model' 'Refinement description' 
5 4 'Structure model' 'Structure summary'      
# 
loop_
_pdbx_audit_revision_category.ordinal 
_pdbx_audit_revision_category.revision_ordinal 
_pdbx_audit_revision_category.data_content_type 
_pdbx_audit_revision_category.category 
1 2 'Structure model' citation                      
2 2 'Structure model' citation_author               
3 3 'Structure model' chem_comp_atom                
4 3 'Structure model' chem_comp_bond                
5 3 'Structure model' database_2                    
6 3 'Structure model' pdbx_initial_refinement_model 
7 4 'Structure model' pdbx_entry_details            
8 4 'Structure model' pdbx_modification_feature     
# 
loop_
_pdbx_audit_revision_item.ordinal 
_pdbx_audit_revision_item.revision_ordinal 
_pdbx_audit_revision_item.data_content_type 
_pdbx_audit_revision_item.item 
1 2 'Structure model' '_citation.journal_volume'            
2 2 'Structure model' '_citation.page_first'                
3 2 'Structure model' '_citation.page_last'                 
4 2 'Structure model' '_citation_author.identifier_ORCID'   
5 3 'Structure model' '_database_2.pdbx_DOI'                
6 3 'Structure model' '_database_2.pdbx_database_accession' 
# 
_pdbx_database_status.status_code                     REL 
_pdbx_database_status.status_code_sf                  REL 
_pdbx_database_status.status_code_mr                  ? 
_pdbx_database_status.entry_id                        7JQD 
_pdbx_database_status.recvd_initial_deposition_date   2020-08-10 
_pdbx_database_status.SG_entry                        N 
_pdbx_database_status.deposit_site                    RCSB 
_pdbx_database_status.process_site                    RCSB 
_pdbx_database_status.status_code_cs                  ? 
_pdbx_database_status.status_code_nmr_data            ? 
_pdbx_database_status.methods_development_category    ? 
_pdbx_database_status.pdb_format_compatible           Y 
# 
loop_
_audit_author.name 
_audit_author.pdbx_ordinal 
_audit_author.identifier_ORCID 
'Piper, D.E.'   1 ? 
'Hu, E.'        2 ? 
'Fang-Tsao, H.' 3 ? 
# 
_citation.abstract                  ? 
_citation.abstract_id_CAS           ? 
_citation.book_id_ISBN              ? 
_citation.book_publisher            ? 
_citation.book_publisher_city       ? 
_citation.book_title                ? 
_citation.coordinate_linkage        ? 
_citation.country                   US 
_citation.database_id_Medline       ? 
_citation.details                   ? 
_citation.id                        primary 
_citation.journal_abbrev            J.Med.Chem. 
_citation.journal_id_ASTM           JMCMAR 
_citation.journal_id_CSD            0151 
_citation.journal_id_ISSN           0022-2623 
_citation.journal_full              ? 
_citation.journal_issue             ? 
_citation.journal_volume            64 
_citation.language                  ? 
_citation.page_first                3427 
_citation.page_last                 3438 
_citation.title                     
;Discovery of Selective Pituitary Adenylate Cyclase 1 Receptor (PAC1R) Antagonist Peptides Potent in a Maxadilan/PACAP38-Induced Increase in Blood Flow Pharmacodynamic Model.
;
_citation.year                      2021 
_citation.database_id_CSD           ? 
_citation.pdbx_database_id_DOI      10.1021/acs.jmedchem.0c01396 
_citation.pdbx_database_id_PubMed   33715378 
_citation.unpublished_flag          ? 
# 
loop_
_citation_author.citation_id 
_citation_author.name 
_citation_author.ordinal 
_citation_author.identifier_ORCID 
primary 'Hu, E.'        1  ? 
primary 'Hong, F.T.'    2  ? 
primary 'Aral, J.'      3  ? 
primary 'Long, J.'      4  ? 
primary 'Piper, D.E.'   5  ? 
primary 'Poppe, L.'     6  ? 
primary 'Andrews, K.L.' 7  ? 
primary 'Hager, T.'     8  ? 
primary 'Davis, C.'     9  ? 
primary 'Li, H.'        10 ? 
primary 'Wong, P.'      11 ? 
primary 'Gavva, N.'     12 ? 
primary 'Shi, L.'       13 ? 
primary 'Zhu, D.X.D.'   14 ? 
primary 'Lehto, S.G.'   15 ? 
primary 'Xu, C.'        16 ? 
primary 'Miranda, L.P.' 17 ? 
# 
loop_
_entity.id 
_entity.type 
_entity.src_method 
_entity.pdbx_description 
_entity.formula_weight 
_entity.pdbx_number_of_molecules 
_entity.pdbx_ec 
_entity.pdbx_mutation 
_entity.pdbx_fragment 
_entity.details 
1 polymer man 'Pituitary adenylate cyclase-activating polypeptide type I receptor' 11858.230 1 ? 
'A18G, P19S, A20M, M21A, C25G, del(89-109)' 'UNP residues 18-143' ? 
2 polymer syn Peptide-43                                                           4390.144  1 ? ? ?                     ? 
3 water   nat water                                                                18.015    8 ? ? ?                     ? 
# 
_entity_name_com.entity_id   1 
_entity_name_com.name        PACAP-R1 
# 
loop_
_entity_poly.entity_id 
_entity_poly.type 
_entity_poly.nstd_linkage 
_entity_poly.nstd_monomer 
_entity_poly.pdbx_seq_one_letter_code 
_entity_poly.pdbx_seq_one_letter_code_can 
_entity_poly.pdbx_strand_id 
_entity_poly.pdbx_target_identifier 
1 'polypeptide(L)' no no  
;GSMAHSDGIFKKEQAMCLEKIQRANELMGFNDSSPGCPGMWDNITCWKPAHVGEMVLVSCPELFRIFNPDQDMGVVSRNC
TEDGWSEPFPHYFDACGFDEYESET
;
;GSMAHSDGIFKKEQAMCLEKIQRANELMGFNDSSPGCPGMWDNITCWKPAHVGEMVLVSCPELFRIFNPDQDMGVVSRNC
TEDGWSEPFPHYFDACGFDEYESET
;
A ? 
2 'polypeptide(L)' no yes 'CDATCQFRKAIDDCARQAYHSSVFKACMKQKKKEWKAG(NH2)' CDATCQFRKAIDDCARQAYHSSVFKACMKQKKKEWKAGX B ? 
# 
_pdbx_entity_nonpoly.entity_id   3 
_pdbx_entity_nonpoly.name        water 
_pdbx_entity_nonpoly.comp_id     HOH 
# 
loop_
_entity_poly_seq.entity_id 
_entity_poly_seq.num 
_entity_poly_seq.mon_id 
_entity_poly_seq.hetero 
1 1   GLY n 
1 2   SER n 
1 3   MET n 
1 4   ALA n 
1 5   HIS n 
1 6   SER n 
1 7   ASP n 
1 8   GLY n 
1 9   ILE n 
1 10  PHE n 
1 11  LYS n 
1 12  LYS n 
1 13  GLU n 
1 14  GLN n 
1 15  ALA n 
1 16  MET n 
1 17  CYS n 
1 18  LEU n 
1 19  GLU n 
1 20  LYS n 
1 21  ILE n 
1 22  GLN n 
1 23  ARG n 
1 24  ALA n 
1 25  ASN n 
1 26  GLU n 
1 27  LEU n 
1 28  MET n 
1 29  GLY n 
1 30  PHE n 
1 31  ASN n 
1 32  ASP n 
1 33  SER n 
1 34  SER n 
1 35  PRO n 
1 36  GLY n 
1 37  CYS n 
1 38  PRO n 
1 39  GLY n 
1 40  MET n 
1 41  TRP n 
1 42  ASP n 
1 43  ASN n 
1 44  ILE n 
1 45  THR n 
1 46  CYS n 
1 47  TRP n 
1 48  LYS n 
1 49  PRO n 
1 50  ALA n 
1 51  HIS n 
1 52  VAL n 
1 53  GLY n 
1 54  GLU n 
1 55  MET n 
1 56  VAL n 
1 57  LEU n 
1 58  VAL n 
1 59  SER n 
1 60  CYS n 
1 61  PRO n 
1 62  GLU n 
1 63  LEU n 
1 64  PHE n 
1 65  ARG n 
1 66  ILE n 
1 67  PHE n 
1 68  ASN n 
1 69  PRO n 
1 70  ASP n 
1 71  GLN n 
1 72  ASP n 
1 73  MET n 
1 74  GLY n 
1 75  VAL n 
1 76  VAL n 
1 77  SER n 
1 78  ARG n 
1 79  ASN n 
1 80  CYS n 
1 81  THR n 
1 82  GLU n 
1 83  ASP n 
1 84  GLY n 
1 85  TRP n 
1 86  SER n 
1 87  GLU n 
1 88  PRO n 
1 89  PHE n 
1 90  PRO n 
1 91  HIS n 
1 92  TYR n 
1 93  PHE n 
1 94  ASP n 
1 95  ALA n 
1 96  CYS n 
1 97  GLY n 
1 98  PHE n 
1 99  ASP n 
1 100 GLU n 
1 101 TYR n 
1 102 GLU n 
1 103 SER n 
1 104 GLU n 
1 105 THR n 
2 1   CYS n 
2 2   ASP n 
2 3   ALA n 
2 4   THR n 
2 5   CYS n 
2 6   GLN n 
2 7   PHE n 
2 8   ARG n 
2 9   LYS n 
2 10  ALA n 
2 11  ILE n 
2 12  ASP n 
2 13  ASP n 
2 14  CYS n 
2 15  ALA n 
2 16  ARG n 
2 17  GLN n 
2 18  ALA n 
2 19  TYR n 
2 20  HIS n 
2 21  SER n 
2 22  SER n 
2 23  VAL n 
2 24  PHE n 
2 25  LYS n 
2 26  ALA n 
2 27  CYS n 
2 28  MET n 
2 29  LYS n 
2 30  GLN n 
2 31  LYS n 
2 32  LYS n 
2 33  LYS n 
2 34  GLU n 
2 35  TRP n 
2 36  LYS n 
2 37  ALA n 
2 38  GLY n 
2 39  NH2 n 
# 
_entity_src_gen.entity_id                          1 
_entity_src_gen.pdbx_src_id                        1 
_entity_src_gen.pdbx_alt_source_flag               sample 
_entity_src_gen.pdbx_seq_type                      'Biological sequence' 
_entity_src_gen.pdbx_beg_seq_num                   1 
_entity_src_gen.pdbx_end_seq_num                   105 
_entity_src_gen.gene_src_common_name               Human 
_entity_src_gen.gene_src_genus                     ? 
_entity_src_gen.pdbx_gene_src_gene                 ADCYAP1R1 
_entity_src_gen.gene_src_species                   ? 
_entity_src_gen.gene_src_strain                    ? 
_entity_src_gen.gene_src_tissue                    ? 
_entity_src_gen.gene_src_tissue_fraction           ? 
_entity_src_gen.gene_src_details                   ? 
_entity_src_gen.pdbx_gene_src_fragment             ? 
_entity_src_gen.pdbx_gene_src_scientific_name      'Homo sapiens' 
_entity_src_gen.pdbx_gene_src_ncbi_taxonomy_id     9606 
_entity_src_gen.pdbx_gene_src_variant              ? 
_entity_src_gen.pdbx_gene_src_cell_line            ? 
_entity_src_gen.pdbx_gene_src_atcc                 ? 
_entity_src_gen.pdbx_gene_src_organ                ? 
_entity_src_gen.pdbx_gene_src_organelle            ? 
_entity_src_gen.pdbx_gene_src_cell                 ? 
_entity_src_gen.pdbx_gene_src_cellular_location    ? 
_entity_src_gen.host_org_common_name               ? 
_entity_src_gen.pdbx_host_org_scientific_name      'Escherichia coli' 
_entity_src_gen.pdbx_host_org_ncbi_taxonomy_id     562 
_entity_src_gen.host_org_genus                     ? 
_entity_src_gen.pdbx_host_org_gene                 ? 
_entity_src_gen.pdbx_host_org_organ                ? 
_entity_src_gen.host_org_species                   ? 
_entity_src_gen.pdbx_host_org_tissue               ? 
_entity_src_gen.pdbx_host_org_tissue_fraction      ? 
_entity_src_gen.pdbx_host_org_strain               ? 
_entity_src_gen.pdbx_host_org_variant              ? 
_entity_src_gen.pdbx_host_org_cell_line            ? 
_entity_src_gen.pdbx_host_org_atcc                 ? 
_entity_src_gen.pdbx_host_org_culture_collection   ? 
_entity_src_gen.pdbx_host_org_cell                 ? 
_entity_src_gen.pdbx_host_org_organelle            ? 
_entity_src_gen.pdbx_host_org_cellular_location    ? 
_entity_src_gen.pdbx_host_org_vector_type          ? 
_entity_src_gen.pdbx_host_org_vector               ? 
_entity_src_gen.host_org_details                   ? 
_entity_src_gen.expression_system_id               ? 
_entity_src_gen.plasmid_name                       ? 
_entity_src_gen.plasmid_details                    ? 
_entity_src_gen.pdbx_description                   ? 
# 
_pdbx_entity_src_syn.entity_id              2 
_pdbx_entity_src_syn.pdbx_src_id            1 
_pdbx_entity_src_syn.pdbx_alt_source_flag   sample 
_pdbx_entity_src_syn.pdbx_beg_seq_num       1 
_pdbx_entity_src_syn.pdbx_end_seq_num       39 
_pdbx_entity_src_syn.organism_scientific    'Lutzomyia longipalpis' 
_pdbx_entity_src_syn.organism_common_name   ? 
_pdbx_entity_src_syn.ncbi_taxonomy_id       7200 
_pdbx_entity_src_syn.details                ? 
# 
loop_
_chem_comp.id 
_chem_comp.type 
_chem_comp.mon_nstd_flag 
_chem_comp.name 
_chem_comp.pdbx_synonyms 
_chem_comp.formula 
_chem_comp.formula_weight 
ALA 'L-peptide linking' y ALANINE         ? 'C3 H7 N O2'     89.093  
ARG 'L-peptide linking' y ARGININE        ? 'C6 H15 N4 O2 1' 175.209 
ASN 'L-peptide linking' y ASPARAGINE      ? 'C4 H8 N2 O3'    132.118 
ASP 'L-peptide linking' y 'ASPARTIC ACID' ? 'C4 H7 N O4'     133.103 
CYS 'L-peptide linking' y CYSTEINE        ? 'C3 H7 N O2 S'   121.158 
GLN 'L-peptide linking' y GLUTAMINE       ? 'C5 H10 N2 O3'   146.144 
GLU 'L-peptide linking' y 'GLUTAMIC ACID' ? 'C5 H9 N O4'     147.129 
GLY 'peptide linking'   y GLYCINE         ? 'C2 H5 N O2'     75.067  
HIS 'L-peptide linking' y HISTIDINE       ? 'C6 H10 N3 O2 1' 156.162 
HOH non-polymer         . WATER           ? 'H2 O'           18.015  
ILE 'L-peptide linking' y ISOLEUCINE      ? 'C6 H13 N O2'    131.173 
LEU 'L-peptide linking' y LEUCINE         ? 'C6 H13 N O2'    131.173 
LYS 'L-peptide linking' y LYSINE          ? 'C6 H15 N2 O2 1' 147.195 
MET 'L-peptide linking' y METHIONINE      ? 'C5 H11 N O2 S'  149.211 
NH2 non-polymer         . 'AMINO GROUP'   ? 'H2 N'           16.023  
PHE 'L-peptide linking' y PHENYLALANINE   ? 'C9 H11 N O2'    165.189 
PRO 'L-peptide linking' y PROLINE         ? 'C5 H9 N O2'     115.130 
SER 'L-peptide linking' y SERINE          ? 'C3 H7 N O3'     105.093 
THR 'L-peptide linking' y THREONINE       ? 'C4 H9 N O3'     119.119 
TRP 'L-peptide linking' y TRYPTOPHAN      ? 'C11 H12 N2 O2'  204.225 
TYR 'L-peptide linking' y TYROSINE        ? 'C9 H11 N O3'    181.189 
VAL 'L-peptide linking' y VALINE          ? 'C5 H11 N O2'    117.146 
# 
loop_
_pdbx_poly_seq_scheme.asym_id 
_pdbx_poly_seq_scheme.entity_id 
_pdbx_poly_seq_scheme.seq_id 
_pdbx_poly_seq_scheme.mon_id 
_pdbx_poly_seq_scheme.ndb_seq_num 
_pdbx_poly_seq_scheme.pdb_seq_num 
_pdbx_poly_seq_scheme.auth_seq_num 
_pdbx_poly_seq_scheme.pdb_mon_id 
_pdbx_poly_seq_scheme.auth_mon_id 
_pdbx_poly_seq_scheme.pdb_strand_id 
_pdbx_poly_seq_scheme.pdb_ins_code 
_pdbx_poly_seq_scheme.hetero 
A 1 1   GLY 1   18  ?   ?   ?   A . n 
A 1 2   SER 2   19  ?   ?   ?   A . n 
A 1 3   MET 3   20  ?   ?   ?   A . n 
A 1 4   ALA 4   21  21  ALA ALA A . n 
A 1 5   HIS 5   22  22  HIS HIS A . n 
A 1 6   SER 6   23  23  SER SER A . n 
A 1 7   ASP 7   24  24  ASP ASP A . n 
A 1 8   GLY 8   25  25  GLY GLY A . n 
A 1 9   ILE 9   26  26  ILE ILE A . n 
A 1 10  PHE 10  27  27  PHE PHE A . n 
A 1 11  LYS 11  28  28  LYS LYS A . n 
A 1 12  LYS 12  29  29  LYS LYS A . n 
A 1 13  GLU 13  30  30  GLU GLU A . n 
A 1 14  GLN 14  31  31  GLN GLN A . n 
A 1 15  ALA 15  32  32  ALA ALA A . n 
A 1 16  MET 16  33  33  MET MET A . n 
A 1 17  CYS 17  34  34  CYS CYS A . n 
A 1 18  LEU 18  35  35  LEU LEU A . n 
A 1 19  GLU 19  36  36  GLU GLU A . n 
A 1 20  LYS 20  37  37  LYS LYS A . n 
A 1 21  ILE 21  38  38  ILE ILE A . n 
A 1 22  GLN 22  39  39  GLN GLN A . n 
A 1 23  ARG 23  40  40  ARG ARG A . n 
A 1 24  ALA 24  41  41  ALA ALA A . n 
A 1 25  ASN 25  42  42  ASN ASN A . n 
A 1 26  GLU 26  43  ?   ?   ?   A . n 
A 1 27  LEU 27  44  ?   ?   ?   A . n 
A 1 28  MET 28  45  ?   ?   ?   A . n 
A 1 29  GLY 29  46  ?   ?   ?   A . n 
A 1 30  PHE 30  47  ?   ?   ?   A . n 
A 1 31  ASN 31  48  ?   ?   ?   A . n 
A 1 32  ASP 32  49  ?   ?   ?   A . n 
A 1 33  SER 33  50  ?   ?   ?   A . n 
A 1 34  SER 34  51  ?   ?   ?   A . n 
A 1 35  PRO 35  52  ?   ?   ?   A . n 
A 1 36  GLY 36  53  53  GLY GLY A . n 
A 1 37  CYS 37  54  54  CYS CYS A . n 
A 1 38  PRO 38  55  55  PRO PRO A . n 
A 1 39  GLY 39  56  56  GLY GLY A . n 
A 1 40  MET 40  57  57  MET MET A . n 
A 1 41  TRP 41  58  58  TRP TRP A . n 
A 1 42  ASP 42  59  59  ASP ASP A . n 
A 1 43  ASN 43  60  60  ASN ASN A . n 
A 1 44  ILE 44  61  61  ILE ILE A . n 
A 1 45  THR 45  62  62  THR THR A . n 
A 1 46  CYS 46  63  63  CYS CYS A . n 
A 1 47  TRP 47  64  64  TRP TRP A . n 
A 1 48  LYS 48  65  65  LYS LYS A . n 
A 1 49  PRO 49  66  66  PRO PRO A . n 
A 1 50  ALA 50  67  67  ALA ALA A . n 
A 1 51  HIS 51  68  68  HIS HIS A . n 
A 1 52  VAL 52  69  69  VAL VAL A . n 
A 1 53  GLY 53  70  70  GLY GLY A . n 
A 1 54  GLU 54  71  71  GLU GLU A . n 
A 1 55  MET 55  72  72  MET MET A . n 
A 1 56  VAL 56  73  73  VAL VAL A . n 
A 1 57  LEU 57  74  74  LEU LEU A . n 
A 1 58  VAL 58  75  75  VAL VAL A . n 
A 1 59  SER 59  76  76  SER SER A . n 
A 1 60  CYS 60  77  77  CYS CYS A . n 
A 1 61  PRO 61  78  78  PRO PRO A . n 
A 1 62  GLU 62  79  79  GLU GLU A . n 
A 1 63  LEU 63  80  80  LEU LEU A . n 
A 1 64  PHE 64  81  81  PHE PHE A . n 
A 1 65  ARG 65  82  82  ARG ARG A . n 
A 1 66  ILE 66  83  83  ILE ILE A . n 
A 1 67  PHE 67  84  84  PHE PHE A . n 
A 1 68  ASN 68  85  85  ASN ASN A . n 
A 1 69  PRO 69  86  86  PRO PRO A . n 
A 1 70  ASP 70  87  87  ASP ASP A . n 
A 1 71  GLN 71  88  88  GLN GLN A . n 
A 1 72  ASP 72  89  89  ASP ASP A . n 
A 1 73  MET 73  90  90  MET MET A . n 
A 1 74  GLY 74  91  91  GLY GLY A . n 
A 1 75  VAL 75  92  92  VAL VAL A . n 
A 1 76  VAL 76  93  93  VAL VAL A . n 
A 1 77  SER 77  94  94  SER SER A . n 
A 1 78  ARG 78  95  95  ARG ARG A . n 
A 1 79  ASN 79  96  96  ASN ASN A . n 
A 1 80  CYS 80  97  97  CYS CYS A . n 
A 1 81  THR 81  98  98  THR THR A . n 
A 1 82  GLU 82  99  99  GLU GLU A . n 
A 1 83  ASP 83  100 100 ASP ASP A . n 
A 1 84  GLY 84  101 101 GLY GLY A . n 
A 1 85  TRP 85  102 102 TRP TRP A . n 
A 1 86  SER 86  103 103 SER SER A . n 
A 1 87  GLU 87  104 104 GLU GLU A . n 
A 1 88  PRO 88  105 105 PRO PRO A . n 
A 1 89  PHE 89  106 106 PHE PHE A . n 
A 1 90  PRO 90  107 107 PRO PRO A . n 
A 1 91  HIS 91  108 108 HIS HIS A . n 
A 1 92  TYR 92  109 109 TYR TYR A . n 
A 1 93  PHE 93  110 110 PHE PHE A . n 
A 1 94  ASP 94  111 111 ASP ASP A . n 
A 1 95  ALA 95  112 112 ALA ALA A . n 
A 1 96  CYS 96  113 113 CYS CYS A . n 
A 1 97  GLY 97  114 114 GLY GLY A . n 
A 1 98  PHE 98  115 115 PHE PHE A . n 
A 1 99  ASP 99  116 ?   ?   ?   A . n 
A 1 100 GLU 100 117 ?   ?   ?   A . n 
A 1 101 TYR 101 118 ?   ?   ?   A . n 
A 1 102 GLU 102 119 ?   ?   ?   A . n 
A 1 103 SER 103 120 ?   ?   ?   A . n 
A 1 104 GLU 104 121 ?   ?   ?   A . n 
A 1 105 THR 105 122 ?   ?   ?   A . n 
B 2 1   CYS 1   1   1   CYS CYS B . n 
B 2 2   ASP 2   2   2   ASP ASP B . n 
B 2 3   ALA 3   3   3   ALA ALA B . n 
B 2 4   THR 4   4   4   THR THR B . n 
B 2 5   CYS 5   5   5   CYS CYS B . n 
B 2 6   GLN 6   6   6   GLN GLN B . n 
B 2 7   PHE 7   7   7   PHE PHE B . n 
B 2 8   ARG 8   8   8   ARG ARG B . n 
B 2 9   LYS 9   9   9   LYS LYS B . n 
B 2 10  ALA 10  10  10  ALA ALA B . n 
B 2 11  ILE 11  11  11  ILE ILE B . n 
B 2 12  ASP 12  12  12  ASP ASP B . n 
B 2 13  ASP 13  13  13  ASP ASP B . n 
B 2 14  CYS 14  14  14  CYS CYS B . n 
B 2 15  ALA 15  15  15  ALA ALA B . n 
B 2 16  ARG 16  16  16  ARG ARG B . n 
B 2 17  GLN 17  17  17  GLN GLN B . n 
B 2 18  ALA 18  18  18  ALA ALA B . n 
B 2 19  TYR 19  19  19  TYR TYR B . n 
B 2 20  HIS 20  20  20  HIS HIS B . n 
B 2 21  SER 21  21  21  SER SER B . n 
B 2 22  SER 22  22  22  SER SER B . n 
B 2 23  VAL 23  23  23  VAL VAL B . n 
B 2 24  PHE 24  24  24  PHE PHE B . n 
B 2 25  LYS 25  25  25  LYS LYS B . n 
B 2 26  ALA 26  26  26  ALA ALA B . n 
B 2 27  CYS 27  27  27  CYS CYS B . n 
B 2 28  MET 28  28  28  MET MET B . n 
B 2 29  LYS 29  29  29  LYS LYS B . n 
B 2 30  GLN 30  30  30  GLN GLN B . n 
B 2 31  LYS 31  31  31  LYS LYS B . n 
B 2 32  LYS 32  32  32  LYS LYS B . n 
B 2 33  LYS 33  33  33  LYS LYS B . n 
B 2 34  GLU 34  34  34  GLU GLU B . n 
B 2 35  TRP 35  35  35  TRP TRP B . n 
B 2 36  LYS 36  36  36  LYS LYS B . n 
B 2 37  ALA 37  37  37  ALA ALA B . n 
B 2 38  GLY 38  38  38  GLY GLY B . n 
B 2 39  NH2 39  39  38  NH2 GLY B . n 
# 
loop_
_pdbx_nonpoly_scheme.asym_id 
_pdbx_nonpoly_scheme.entity_id 
_pdbx_nonpoly_scheme.mon_id 
_pdbx_nonpoly_scheme.ndb_seq_num 
_pdbx_nonpoly_scheme.pdb_seq_num 
_pdbx_nonpoly_scheme.auth_seq_num 
_pdbx_nonpoly_scheme.pdb_mon_id 
_pdbx_nonpoly_scheme.auth_mon_id 
_pdbx_nonpoly_scheme.pdb_strand_id 
_pdbx_nonpoly_scheme.pdb_ins_code 
C 3 HOH 1 201 4  HOH HOH A . 
C 3 HOH 2 202 5  HOH HOH A . 
C 3 HOH 3 203 1  HOH HOH A . 
D 3 HOH 1 101 8  HOH HOH B . 
D 3 HOH 2 102 9  HOH HOH B . 
D 3 HOH 3 103 11 HOH HOH B . 
D 3 HOH 4 104 2  HOH HOH B . 
D 3 HOH 5 105 3  HOH HOH B . 
# 
loop_
_software.citation_id 
_software.classification 
_software.compiler_name 
_software.compiler_version 
_software.contact_author 
_software.contact_author_email 
_software.date 
_software.description 
_software.dependencies 
_software.hardware 
_software.language 
_software.location 
_software.mods 
_software.name 
_software.os 
_software.os_version 
_software.type 
_software.version 
_software.pdbx_ordinal 
? 'data scaling'    ? ? ? ? ? ? ? ? ? ? ? Aimless     ? ? ? 0.7.4         1 
? refinement        ? ? ? ? ? ? ? ? ? ? ? PHENIX      ? ? ? dev-2328_1692 2 
? 'data extraction' ? ? ? ? ? ? ? ? ? ? ? PDB_EXTRACT ? ? ? 3.25          3 
? 'data reduction'  ? ? ? ? ? ? ? ? ? ? ? iMOSFLM     ? ? ? .             4 
? phasing           ? ? ? ? ? ? ? ? ? ? ? PHASER      ? ? ? .             5 
# 
_cell.angle_alpha                  90.000 
_cell.angle_alpha_esd              ? 
_cell.angle_beta                   90.000 
_cell.angle_beta_esd               ? 
_cell.angle_gamma                  90.000 
_cell.angle_gamma_esd              ? 
_cell.entry_id                     7JQD 
_cell.details                      ? 
_cell.formula_units_Z              ? 
_cell.length_a                     67.680 
_cell.length_a_esd                 ? 
_cell.length_b                     67.680 
_cell.length_b_esd                 ? 
_cell.length_c                     56.980 
_cell.length_c_esd                 ? 
_cell.volume                       ? 
_cell.volume_esd                   ? 
_cell.Z_PDB                        8 
_cell.reciprocal_angle_alpha       ? 
_cell.reciprocal_angle_beta        ? 
_cell.reciprocal_angle_gamma       ? 
_cell.reciprocal_angle_alpha_esd   ? 
_cell.reciprocal_angle_beta_esd    ? 
_cell.reciprocal_angle_gamma_esd   ? 
_cell.reciprocal_length_a          ? 
_cell.reciprocal_length_b          ? 
_cell.reciprocal_length_c          ? 
_cell.reciprocal_length_a_esd      ? 
_cell.reciprocal_length_b_esd      ? 
_cell.reciprocal_length_c_esd      ? 
_cell.pdbx_unique_axis             ? 
# 
_symmetry.entry_id                         7JQD 
_symmetry.cell_setting                     ? 
_symmetry.Int_Tables_number                96 
_symmetry.space_group_name_Hall            ? 
_symmetry.space_group_name_H-M             'P 43 21 2' 
_symmetry.pdbx_full_space_group_name_H-M   ? 
# 
_exptl.absorpt_coefficient_mu     ? 
_exptl.absorpt_correction_T_max   ? 
_exptl.absorpt_correction_T_min   ? 
_exptl.absorpt_correction_type    ? 
_exptl.absorpt_process_details    ? 
_exptl.entry_id                   7JQD 
_exptl.crystals_number            1 
_exptl.details                    ? 
_exptl.method                     'X-RAY DIFFRACTION' 
_exptl.method_details             ? 
# 
_exptl_crystal.colour                      ? 
_exptl_crystal.density_diffrn              ? 
_exptl_crystal.density_Matthews            2.05 
_exptl_crystal.density_method              ? 
_exptl_crystal.density_percent_sol         40 
_exptl_crystal.description                 ? 
_exptl_crystal.F_000                       ? 
_exptl_crystal.id                          1 
_exptl_crystal.preparation                 ? 
_exptl_crystal.size_max                    ? 
_exptl_crystal.size_mid                    ? 
_exptl_crystal.size_min                    ? 
_exptl_crystal.size_rad                    ? 
_exptl_crystal.colour_lustre               ? 
_exptl_crystal.colour_modifier             ? 
_exptl_crystal.colour_primary              ? 
_exptl_crystal.density_meas                ? 
_exptl_crystal.density_meas_esd            ? 
_exptl_crystal.density_meas_gt             ? 
_exptl_crystal.density_meas_lt             ? 
_exptl_crystal.density_meas_temp           ? 
_exptl_crystal.density_meas_temp_esd       ? 
_exptl_crystal.density_meas_temp_gt        ? 
_exptl_crystal.density_meas_temp_lt        ? 
_exptl_crystal.pdbx_crystal_image_url      ? 
_exptl_crystal.pdbx_crystal_image_format   ? 
_exptl_crystal.pdbx_mosaicity              ? 
_exptl_crystal.pdbx_mosaicity_esd          ? 
# 
_exptl_crystal_grow.apparatus       ? 
_exptl_crystal_grow.atmosphere      ? 
_exptl_crystal_grow.crystal_id      1 
_exptl_crystal_grow.details         ? 
_exptl_crystal_grow.method          'VAPOR DIFFUSION, SITTING DROP' 
_exptl_crystal_grow.method_ref      ? 
_exptl_crystal_grow.pH              7.5 
_exptl_crystal_grow.pressure        ? 
_exptl_crystal_grow.pressure_esd    ? 
_exptl_crystal_grow.seeding         ? 
_exptl_crystal_grow.seeding_ref     ? 
_exptl_crystal_grow.temp            293 
_exptl_crystal_grow.temp_details    ? 
_exptl_crystal_grow.temp_esd        ? 
_exptl_crystal_grow.time            ? 
_exptl_crystal_grow.pdbx_details    '0.1 M HEPES, 20% PEG3000, 0.2 M sodium chloride' 
_exptl_crystal_grow.pdbx_pH_range   ? 
# 
_diffrn.ambient_environment              ? 
_diffrn.ambient_temp                     90 
_diffrn.ambient_temp_details             ? 
_diffrn.ambient_temp_esd                 ? 
_diffrn.crystal_id                       1 
_diffrn.crystal_support                  ? 
_diffrn.crystal_treatment                ? 
_diffrn.details                          ? 
_diffrn.id                               1 
_diffrn.ambient_pressure                 ? 
_diffrn.ambient_pressure_esd             ? 
_diffrn.ambient_pressure_gt              ? 
_diffrn.ambient_pressure_lt              ? 
_diffrn.ambient_temp_gt                  ? 
_diffrn.ambient_temp_lt                  ? 
_diffrn.pdbx_serial_crystal_experiment   N 
# 
_diffrn_detector.details                      ? 
_diffrn_detector.detector                     PIXEL 
_diffrn_detector.diffrn_id                    1 
_diffrn_detector.type                         'DECTRIS PILATUS3 6M' 
_diffrn_detector.area_resol_mean              ? 
_diffrn_detector.dtime                        ? 
_diffrn_detector.pdbx_frames_total            ? 
_diffrn_detector.pdbx_collection_time_total   ? 
_diffrn_detector.pdbx_collection_date         2018-03-23 
_diffrn_detector.pdbx_frequency               ? 
# 
_diffrn_radiation.collimation                      ? 
_diffrn_radiation.diffrn_id                        1 
_diffrn_radiation.filter_edge                      ? 
_diffrn_radiation.inhomogeneity                    ? 
_diffrn_radiation.monochromator                    'single crystal cylindrically bent Si(220)' 
_diffrn_radiation.polarisn_norm                    ? 
_diffrn_radiation.polarisn_ratio                   ? 
_diffrn_radiation.probe                            ? 
_diffrn_radiation.type                             ? 
_diffrn_radiation.xray_symbol                      ? 
_diffrn_radiation.wavelength_id                    1 
_diffrn_radiation.pdbx_monochromatic_or_laue_m_l   M 
_diffrn_radiation.pdbx_wavelength_list             ? 
_diffrn_radiation.pdbx_wavelength                  ? 
_diffrn_radiation.pdbx_diffrn_protocol             'SINGLE WAVELENGTH' 
_diffrn_radiation.pdbx_analyzer                    ? 
_diffrn_radiation.pdbx_scattering_type             x-ray 
# 
_diffrn_radiation_wavelength.id           1 
_diffrn_radiation_wavelength.wavelength   0.977 
_diffrn_radiation_wavelength.wt           1.0 
# 
_diffrn_source.current                     ? 
_diffrn_source.details                     ? 
_diffrn_source.diffrn_id                   1 
_diffrn_source.power                       ? 
_diffrn_source.size                        ? 
_diffrn_source.source                      SYNCHROTRON 
_diffrn_source.target                      ? 
_diffrn_source.type                        'ALS BEAMLINE 5.0.1' 
_diffrn_source.voltage                     ? 
_diffrn_source.take-off_angle              ? 
_diffrn_source.pdbx_wavelength_list        0.977 
_diffrn_source.pdbx_wavelength             ? 
_diffrn_source.pdbx_synchrotron_beamline   5.0.1 
_diffrn_source.pdbx_synchrotron_site       ALS 
# 
_reflns.B_iso_Wilson_estimate            45.670 
_reflns.entry_id                         7JQD 
_reflns.data_reduction_details           ? 
_reflns.data_reduction_method            ? 
_reflns.d_resolution_high                2.700 
_reflns.d_resolution_low                 29.100 
_reflns.details                          ? 
_reflns.limit_h_max                      ? 
_reflns.limit_h_min                      ? 
_reflns.limit_k_max                      ? 
_reflns.limit_k_min                      ? 
_reflns.limit_l_max                      ? 
_reflns.limit_l_min                      ? 
_reflns.number_all                       ? 
_reflns.number_obs                       3871 
_reflns.observed_criterion               ? 
_reflns.observed_criterion_F_max         ? 
_reflns.observed_criterion_F_min         ? 
_reflns.observed_criterion_I_max         ? 
_reflns.observed_criterion_I_min         ? 
_reflns.observed_criterion_sigma_F       ? 
_reflns.observed_criterion_sigma_I       ? 
_reflns.percent_possible_obs             98.800 
_reflns.R_free_details                   ? 
_reflns.Rmerge_F_all                     ? 
_reflns.Rmerge_F_obs                     ? 
_reflns.Friedel_coverage                 ? 
_reflns.number_gt                        ? 
_reflns.threshold_expression             ? 
_reflns.pdbx_redundancy                  5.300 
_reflns.pdbx_Rmerge_I_obs                0.211 
_reflns.pdbx_Rmerge_I_all                ? 
_reflns.pdbx_Rsym_value                  ? 
_reflns.pdbx_netI_over_av_sigmaI         ? 
_reflns.pdbx_netI_over_sigmaI            5.400 
_reflns.pdbx_res_netI_over_av_sigmaI_2   ? 
_reflns.pdbx_res_netI_over_sigmaI_2      ? 
_reflns.pdbx_chi_squared                 ? 
_reflns.pdbx_scaling_rejects             4 
_reflns.pdbx_d_res_high_opt              ? 
_reflns.pdbx_d_res_low_opt               ? 
_reflns.pdbx_d_res_opt_method            ? 
_reflns.phase_calculation_details        ? 
_reflns.pdbx_Rrim_I_all                  0.234 
_reflns.pdbx_Rpim_I_all                  0.098 
_reflns.pdbx_d_opt                       ? 
_reflns.pdbx_number_measured_all         20415 
_reflns.pdbx_diffrn_id                   1 
_reflns.pdbx_ordinal                     1 
_reflns.pdbx_CC_half                     0.981 
_reflns.pdbx_CC_star                     ? 
_reflns.pdbx_R_split                     ? 
# 
loop_
_reflns_shell.d_res_high 
_reflns_shell.d_res_low 
_reflns_shell.meanI_over_sigI_all 
_reflns_shell.meanI_over_sigI_obs 
_reflns_shell.number_measured_all 
_reflns_shell.number_measured_obs 
_reflns_shell.number_possible 
_reflns_shell.number_unique_all 
_reflns_shell.number_unique_obs 
_reflns_shell.percent_possible_all 
_reflns_shell.percent_possible_obs 
_reflns_shell.Rmerge_F_all 
_reflns_shell.Rmerge_F_obs 
_reflns_shell.Rmerge_I_all 
_reflns_shell.Rmerge_I_obs 
_reflns_shell.meanI_over_sigI_gt 
_reflns_shell.meanI_over_uI_all 
_reflns_shell.meanI_over_uI_gt 
_reflns_shell.number_measured_gt 
_reflns_shell.number_unique_gt 
_reflns_shell.percent_possible_gt 
_reflns_shell.Rmerge_F_gt 
_reflns_shell.Rmerge_I_gt 
_reflns_shell.pdbx_redundancy 
_reflns_shell.pdbx_Rsym_value 
_reflns_shell.pdbx_chi_squared 
_reflns_shell.pdbx_netI_over_sigmaI_all 
_reflns_shell.pdbx_netI_over_sigmaI_obs 
_reflns_shell.pdbx_Rrim_I_all 
_reflns_shell.pdbx_Rpim_I_all 
_reflns_shell.pdbx_rejects 
_reflns_shell.pdbx_ordinal 
_reflns_shell.pdbx_diffrn_id 
_reflns_shell.pdbx_CC_half 
_reflns_shell.pdbx_CC_star 
_reflns_shell.pdbx_R_split 
2.700 2.830  ? ? 2692 ? ? ? 508 99.900 ? ? ? ? 0.963 ? ? ? ? ? ? ? ? 5.300 ? ? ? 1.800 1.065 0.445 ? 1 1 0.726 ? ? 
8.950 29.100 ? ? 548  ? ? ? 128 95.500 ? ? ? ? 0.125 ? ? ? ? ? ? ? ? 4.300 ? ? ? 9.100 0.141 0.065 ? 2 1 0.986 ? ? 
# 
_refine.aniso_B[1][1]                            ? 
_refine.aniso_B[1][2]                            ? 
_refine.aniso_B[1][3]                            ? 
_refine.aniso_B[2][2]                            ? 
_refine.aniso_B[2][3]                            ? 
_refine.aniso_B[3][3]                            ? 
_refine.B_iso_max                                79.180 
_refine.B_iso_mean                               47.2662 
_refine.B_iso_min                                25.870 
_refine.correlation_coeff_Fo_to_Fc               ? 
_refine.correlation_coeff_Fo_to_Fc_free          ? 
_refine.details                                  ? 
_refine.diff_density_max                         ? 
_refine.diff_density_max_esd                     ? 
_refine.diff_density_min                         ? 
_refine.diff_density_min_esd                     ? 
_refine.diff_density_rms                         ? 
_refine.diff_density_rms_esd                     ? 
_refine.entry_id                                 7JQD 
_refine.pdbx_refine_id                           'X-RAY DIFFRACTION' 
_refine.ls_abs_structure_details                 ? 
_refine.ls_abs_structure_Flack                   ? 
_refine.ls_abs_structure_Flack_esd               ? 
_refine.ls_abs_structure_Rogers                  ? 
_refine.ls_abs_structure_Rogers_esd              ? 
_refine.ls_d_res_high                            2.7000 
_refine.ls_d_res_low                             29.0960 
_refine.ls_extinction_coef                       ? 
_refine.ls_extinction_coef_esd                   ? 
_refine.ls_extinction_expression                 ? 
_refine.ls_extinction_method                     ? 
_refine.ls_goodness_of_fit_all                   ? 
_refine.ls_goodness_of_fit_all_esd               ? 
_refine.ls_goodness_of_fit_obs                   ? 
_refine.ls_goodness_of_fit_obs_esd               ? 
_refine.ls_hydrogen_treatment                    ? 
_refine.ls_matrix_type                           ? 
_refine.ls_number_constraints                    ? 
_refine.ls_number_parameters                     ? 
_refine.ls_number_reflns_all                     ? 
_refine.ls_number_reflns_obs                     3859 
_refine.ls_number_reflns_R_free                  397 
_refine.ls_number_reflns_R_work                  3462 
_refine.ls_number_restraints                     ? 
_refine.ls_percent_reflns_obs                    98.1400 
_refine.ls_percent_reflns_R_free                 10.2900 
_refine.ls_R_factor_all                          ? 
_refine.ls_R_factor_obs                          0.2125 
_refine.ls_R_factor_R_free                       0.2915 
_refine.ls_R_factor_R_free_error                 ? 
_refine.ls_R_factor_R_free_error_details         ? 
_refine.ls_R_factor_R_work                       0.2037 
_refine.ls_R_Fsqd_factor_obs                     ? 
_refine.ls_R_I_factor_obs                        ? 
_refine.ls_redundancy_reflns_all                 ? 
_refine.ls_redundancy_reflns_obs                 ? 
_refine.ls_restrained_S_all                      ? 
_refine.ls_restrained_S_obs                      ? 
_refine.ls_shift_over_esd_max                    ? 
_refine.ls_shift_over_esd_mean                   ? 
_refine.ls_structure_factor_coef                 ? 
_refine.ls_weighting_details                     ? 
_refine.ls_weighting_scheme                      ? 
_refine.ls_wR_factor_all                         ? 
_refine.ls_wR_factor_obs                         ? 
_refine.ls_wR_factor_R_free                      ? 
_refine.ls_wR_factor_R_work                      ? 
_refine.occupancy_max                            ? 
_refine.occupancy_min                            ? 
_refine.solvent_model_details                    'FLAT BULK SOLVENT MODEL' 
_refine.solvent_model_param_bsol                 ? 
_refine.solvent_model_param_ksol                 ? 
_refine.pdbx_R_complete                          ? 
_refine.ls_R_factor_gt                           ? 
_refine.ls_goodness_of_fit_gt                    ? 
_refine.ls_goodness_of_fit_ref                   ? 
_refine.ls_shift_over_su_max                     ? 
_refine.ls_shift_over_su_max_lt                  ? 
_refine.ls_shift_over_su_mean                    ? 
_refine.ls_shift_over_su_mean_lt                 ? 
_refine.pdbx_ls_sigma_I                          ? 
_refine.pdbx_ls_sigma_F                          1.350 
_refine.pdbx_ls_sigma_Fsqd                       ? 
_refine.pdbx_data_cutoff_high_absF               ? 
_refine.pdbx_data_cutoff_high_rms_absF           ? 
_refine.pdbx_data_cutoff_low_absF                ? 
_refine.pdbx_isotropic_thermal_model             ? 
_refine.pdbx_ls_cross_valid_method               THROUGHOUT 
_refine.pdbx_method_to_determine_struct          'MOLECULAR REPLACEMENT' 
_refine.pdbx_starting_model                      'PDB entry 2JOD' 
_refine.pdbx_stereochemistry_target_values       ML 
_refine.pdbx_R_Free_selection_details            ? 
_refine.pdbx_stereochem_target_val_spec_case     ? 
_refine.pdbx_overall_ESU_R                       ? 
_refine.pdbx_overall_ESU_R_Free                  ? 
_refine.pdbx_solvent_vdw_probe_radii             1.1100 
_refine.pdbx_solvent_ion_probe_radii             ? 
_refine.pdbx_solvent_shrinkage_radii             0.9000 
_refine.pdbx_real_space_R                        ? 
_refine.pdbx_density_correlation                 ? 
_refine.pdbx_pd_number_of_powder_patterns        ? 
_refine.pdbx_pd_number_of_points                 ? 
_refine.pdbx_pd_meas_number_of_points            ? 
_refine.pdbx_pd_proc_ls_prof_R_factor            ? 
_refine.pdbx_pd_proc_ls_prof_wR_factor           ? 
_refine.pdbx_pd_Marquardt_correlation_coeff      ? 
_refine.pdbx_pd_Fsqrd_R_factor                   ? 
_refine.pdbx_pd_ls_matrix_band_width             ? 
_refine.pdbx_overall_phase_error                 26.9300 
_refine.pdbx_overall_SU_R_free_Cruickshank_DPI   ? 
_refine.pdbx_overall_SU_R_free_Blow_DPI          ? 
_refine.pdbx_overall_SU_R_Blow_DPI               ? 
_refine.pdbx_TLS_residual_ADP_flag               ? 
_refine.pdbx_diffrn_id                           1 
_refine.overall_SU_B                             ? 
_refine.overall_SU_ML                            0.3000 
_refine.overall_SU_R_Cruickshank_DPI             ? 
_refine.overall_SU_R_free                        ? 
_refine.overall_FOM_free_R_set                   ? 
_refine.overall_FOM_work_R_set                   ? 
_refine.pdbx_average_fsc_overall                 ? 
_refine.pdbx_average_fsc_work                    ? 
_refine.pdbx_average_fsc_free                    ? 
# 
_refine_hist.pdbx_refine_id                   'X-RAY DIFFRACTION' 
_refine_hist.cycle_id                         final 
_refine_hist.details                          ? 
_refine_hist.d_res_high                       2.7000 
_refine_hist.d_res_low                        29.0960 
_refine_hist.number_atoms_solvent             8 
_refine_hist.number_atoms_total               984 
_refine_hist.number_reflns_all                ? 
_refine_hist.number_reflns_obs                ? 
_refine_hist.number_reflns_R_free             ? 
_refine_hist.number_reflns_R_work             ? 
_refine_hist.R_factor_all                     ? 
_refine_hist.R_factor_obs                     ? 
_refine_hist.R_factor_R_free                  ? 
_refine_hist.R_factor_R_work                  ? 
_refine_hist.pdbx_number_residues_total       123 
_refine_hist.pdbx_B_iso_mean_ligand           ? 
_refine_hist.pdbx_B_iso_mean_solvent          37.84 
_refine_hist.pdbx_number_atoms_protein        976 
_refine_hist.pdbx_number_atoms_nucleic_acid   0 
_refine_hist.pdbx_number_atoms_ligand         0 
_refine_hist.pdbx_number_atoms_lipid          ? 
_refine_hist.pdbx_number_atoms_carb           ? 
_refine_hist.pdbx_pseudo_atom_details         ? 
# 
loop_
_refine_ls_restr.pdbx_refine_id 
_refine_ls_restr.criterion 
_refine_ls_restr.dev_ideal 
_refine_ls_restr.dev_ideal_target 
_refine_ls_restr.number 
_refine_ls_restr.rejects 
_refine_ls_restr.type 
_refine_ls_restr.weight 
_refine_ls_restr.pdbx_restraint_function 
'X-RAY DIFFRACTION' ? 0.009  ? 1006 ? f_bond_d           ? ? 
'X-RAY DIFFRACTION' ? 0.938  ? 1354 ? f_angle_d          ? ? 
'X-RAY DIFFRACTION' ? 0.049  ? 132  ? f_chiral_restr     ? ? 
'X-RAY DIFFRACTION' ? 0.006  ? 176  ? f_plane_restr      ? ? 
'X-RAY DIFFRACTION' ? 18.956 ? 611  ? f_dihedral_angle_d ? ? 
# 
loop_
_refine_ls_shell.pdbx_refine_id 
_refine_ls_shell.d_res_high 
_refine_ls_shell.d_res_low 
_refine_ls_shell.number_reflns_all 
_refine_ls_shell.number_reflns_obs 
_refine_ls_shell.number_reflns_R_free 
_refine_ls_shell.number_reflns_R_work 
_refine_ls_shell.percent_reflns_obs 
_refine_ls_shell.percent_reflns_R_free 
_refine_ls_shell.R_factor_all 
_refine_ls_shell.R_factor_obs 
_refine_ls_shell.R_factor_R_free 
_refine_ls_shell.R_factor_R_free_error 
_refine_ls_shell.R_factor_R_work 
_refine_ls_shell.redundancy_reflns_all 
_refine_ls_shell.redundancy_reflns_obs 
_refine_ls_shell.wR_factor_all 
_refine_ls_shell.wR_factor_obs 
_refine_ls_shell.wR_factor_R_free 
_refine_ls_shell.wR_factor_R_work 
_refine_ls_shell.pdbx_R_complete 
_refine_ls_shell.pdbx_total_number_of_bins_used 
_refine_ls_shell.pdbx_phase_error 
_refine_ls_shell.pdbx_fsc_work 
_refine_ls_shell.pdbx_fsc_free 
'X-RAY DIFFRACTION' 2.7001 3.0904  . . 141 1113 99.0000 . . . 0.3264 0.0000 0.2439 . . . . . . . . . . . 
'X-RAY DIFFRACTION' 3.0904 3.8921  . . 114 1144 98.0000 . . . 0.3187 0.0000 0.2061 . . . . . . . . . . . 
'X-RAY DIFFRACTION' 3.8921 29.0960 . . 142 1205 98.0000 . . . 0.2629 0.0000 0.1894 . . . . . . . . . . . 
# 
_struct.entry_id                     7JQD 
_struct.title                        'Crystal Structure of PAC1r in complex with peptide antagonist' 
_struct.pdbx_model_details           ? 
_struct.pdbx_formula_weight          ? 
_struct.pdbx_formula_weight_method   ? 
_struct.pdbx_model_type_details      ? 
_struct.pdbx_CASP_flag               N 
# 
_struct_keywords.entry_id        7JQD 
_struct_keywords.text            'ECD, Complex, Antagonist, GPCR, SIGNALING PROTEIN-ANTAGONIST complex' 
_struct_keywords.pdbx_keywords   'SIGNALING PROTEIN/ANTAGONIST' 
# 
loop_
_struct_asym.id 
_struct_asym.pdbx_blank_PDB_chainid_flag 
_struct_asym.pdbx_modified 
_struct_asym.entity_id 
_struct_asym.details 
A N N 1 ? 
B N N 2 ? 
C N N 3 ? 
D N N 3 ? 
# 
loop_
_struct_ref.id 
_struct_ref.db_name 
_struct_ref.db_code 
_struct_ref.pdbx_db_accession 
_struct_ref.pdbx_db_isoform 
_struct_ref.entity_id 
_struct_ref.pdbx_seq_one_letter_code 
_struct_ref.pdbx_align_begin 
1 UNP PACR_HUMAN P41586 P41586-4 1 
;APAMHSDCIFKKEQAMCLEKIQRANELMGFNDSSPGCPGMWDNITCWKPAHVGEMVLVSCPELFRIFNPDQVWETETIGE
SDFGDSNSLDLSDMGVVSRNCTEDGWSEPFPHYFDACGFDEYESET
;
18 
2 PDB 7JQD       7JQD   ?        2 ? 1  
# 
loop_
_struct_ref_seq.align_id 
_struct_ref_seq.ref_id 
_struct_ref_seq.pdbx_PDB_id_code 
_struct_ref_seq.pdbx_strand_id 
_struct_ref_seq.seq_align_beg 
_struct_ref_seq.pdbx_seq_align_beg_ins_code 
_struct_ref_seq.seq_align_end 
_struct_ref_seq.pdbx_seq_align_end_ins_code 
_struct_ref_seq.pdbx_db_accession 
_struct_ref_seq.db_align_beg 
_struct_ref_seq.pdbx_db_align_beg_ins_code 
_struct_ref_seq.db_align_end 
_struct_ref_seq.pdbx_db_align_end_ins_code 
_struct_ref_seq.pdbx_auth_seq_align_beg 
_struct_ref_seq.pdbx_auth_seq_align_end 
1 1 7JQD A 1 ? 105 ? P41586 18 ? 143 ? 18 122 
2 2 7JQD B 1 ? 39  ? 7JQD   1  ? 39  ? 1  39  
# 
loop_
_struct_ref_seq_dif.align_id 
_struct_ref_seq_dif.pdbx_pdb_id_code 
_struct_ref_seq_dif.mon_id 
_struct_ref_seq_dif.pdbx_pdb_strand_id 
_struct_ref_seq_dif.seq_num 
_struct_ref_seq_dif.pdbx_pdb_ins_code 
_struct_ref_seq_dif.pdbx_seq_db_name 
_struct_ref_seq_dif.pdbx_seq_db_accession_code 
_struct_ref_seq_dif.db_mon_id 
_struct_ref_seq_dif.pdbx_seq_db_seq_num 
_struct_ref_seq_dif.details 
_struct_ref_seq_dif.pdbx_auth_seq_num 
_struct_ref_seq_dif.pdbx_ordinal 
1 7JQD GLY A 1 ? UNP P41586 ALA 18  'engineered mutation' 18 1  
1 7JQD SER A 2 ? UNP P41586 PRO 19  'engineered mutation' 19 2  
1 7JQD MET A 3 ? UNP P41586 ALA 20  'engineered mutation' 20 3  
1 7JQD ALA A 4 ? UNP P41586 MET 21  'engineered mutation' 21 4  
1 7JQD GLY A 8 ? UNP P41586 CYS 25  'engineered mutation' 25 5  
1 7JQD ?   A ? ? UNP P41586 VAL 89  deletion              ?  6  
1 7JQD ?   A ? ? UNP P41586 TRP 90  deletion              ?  7  
1 7JQD ?   A ? ? UNP P41586 GLU 91  deletion              ?  8  
1 7JQD ?   A ? ? UNP P41586 THR 92  deletion              ?  9  
1 7JQD ?   A ? ? UNP P41586 GLU 93  deletion              ?  10 
1 7JQD ?   A ? ? UNP P41586 THR 94  deletion              ?  11 
1 7JQD ?   A ? ? UNP P41586 ILE 95  deletion              ?  12 
1 7JQD ?   A ? ? UNP P41586 GLY 96  deletion              ?  13 
1 7JQD ?   A ? ? UNP P41586 GLU 97  deletion              ?  14 
1 7JQD ?   A ? ? UNP P41586 SER 98  deletion              ?  15 
1 7JQD ?   A ? ? UNP P41586 ASP 99  deletion              ?  16 
1 7JQD ?   A ? ? UNP P41586 PHE 100 deletion              ?  17 
1 7JQD ?   A ? ? UNP P41586 GLY 101 deletion              ?  18 
1 7JQD ?   A ? ? UNP P41586 ASP 102 deletion              ?  19 
1 7JQD ?   A ? ? UNP P41586 SER 103 deletion              ?  20 
1 7JQD ?   A ? ? UNP P41586 ASN 104 deletion              ?  21 
1 7JQD ?   A ? ? UNP P41586 SER 105 deletion              ?  22 
1 7JQD ?   A ? ? UNP P41586 LEU 106 deletion              ?  23 
1 7JQD ?   A ? ? UNP P41586 ASP 107 deletion              ?  24 
1 7JQD ?   A ? ? UNP P41586 LEU 108 deletion              ?  25 
1 7JQD ?   A ? ? UNP P41586 SER 109 deletion              ?  26 
# 
_pdbx_struct_assembly.id                   1 
_pdbx_struct_assembly.details              author_and_software_defined_assembly 
_pdbx_struct_assembly.method_details       PISA 
_pdbx_struct_assembly.oligomeric_details   dimeric 
_pdbx_struct_assembly.oligomeric_count     2 
# 
loop_
_pdbx_struct_assembly_prop.biol_id 
_pdbx_struct_assembly_prop.type 
_pdbx_struct_assembly_prop.value 
_pdbx_struct_assembly_prop.details 
1 'ABSA (A^2)' 1840 ? 
1 MORE         -13  ? 
1 'SSA (A^2)'  7520 ? 
# 
_pdbx_struct_assembly_gen.assembly_id       1 
_pdbx_struct_assembly_gen.oper_expression   1 
_pdbx_struct_assembly_gen.asym_id_list      A,B,C,D 
# 
_pdbx_struct_assembly_auth_evidence.id                     1 
_pdbx_struct_assembly_auth_evidence.assembly_id            1 
_pdbx_struct_assembly_auth_evidence.experimental_support   homology 
_pdbx_struct_assembly_auth_evidence.details                'Activity assays' 
# 
_pdbx_struct_oper_list.id                   1 
_pdbx_struct_oper_list.type                 'identity operation' 
_pdbx_struct_oper_list.name                 1_555 
_pdbx_struct_oper_list.symmetry_operation   x,y,z 
_pdbx_struct_oper_list.matrix[1][1]         1.0000000000 
_pdbx_struct_oper_list.matrix[1][2]         0.0000000000 
_pdbx_struct_oper_list.matrix[1][3]         0.0000000000 
_pdbx_struct_oper_list.vector[1]            0.0000000000 
_pdbx_struct_oper_list.matrix[2][1]         0.0000000000 
_pdbx_struct_oper_list.matrix[2][2]         1.0000000000 
_pdbx_struct_oper_list.matrix[2][3]         0.0000000000 
_pdbx_struct_oper_list.vector[2]            0.0000000000 
_pdbx_struct_oper_list.matrix[3][1]         0.0000000000 
_pdbx_struct_oper_list.matrix[3][2]         0.0000000000 
_pdbx_struct_oper_list.matrix[3][3]         1.0000000000 
_pdbx_struct_oper_list.vector[3]            0.0000000000 
# 
loop_
_struct_conf.conf_type_id 
_struct_conf.id 
_struct_conf.pdbx_PDB_helix_id 
_struct_conf.beg_label_comp_id 
_struct_conf.beg_label_asym_id 
_struct_conf.beg_label_seq_id 
_struct_conf.pdbx_beg_PDB_ins_code 
_struct_conf.end_label_comp_id 
_struct_conf.end_label_asym_id 
_struct_conf.end_label_seq_id 
_struct_conf.pdbx_end_PDB_ins_code 
_struct_conf.beg_auth_comp_id 
_struct_conf.beg_auth_asym_id 
_struct_conf.beg_auth_seq_id 
_struct_conf.end_auth_comp_id 
_struct_conf.end_auth_asym_id 
_struct_conf.end_auth_seq_id 
_struct_conf.pdbx_PDB_helix_class 
_struct_conf.details 
_struct_conf.pdbx_PDB_helix_length 
HELX_P HELX_P1 AA1 HIS A 5  ? ASN A 25 ? HIS A 22  ASN A 42  1 ? 21 
HELX_P HELX_P2 AA2 GLU A 62 ? ASN A 68 ? GLU A 79  ASN A 85  1 ? 7  
HELX_P HELX_P3 AA3 HIS A 91 ? GLY A 97 ? HIS A 108 GLY A 114 1 ? 7  
HELX_P HELX_P4 AA4 ASP B 2  ? ALA B 18 ? ASP B 2   ALA B 18  1 ? 17 
HELX_P HELX_P5 AA5 HIS B 20 ? GLY B 38 ? HIS B 20  GLY B 38  1 ? 19 
# 
_struct_conf_type.id          HELX_P 
_struct_conf_type.criteria    ? 
_struct_conf_type.reference   ? 
# 
loop_
_struct_conn.id 
_struct_conn.conn_type_id 
_struct_conn.pdbx_leaving_atom_flag 
_struct_conn.pdbx_PDB_id 
_struct_conn.ptnr1_label_asym_id 
_struct_conn.ptnr1_label_comp_id 
_struct_conn.ptnr1_label_seq_id 
_struct_conn.ptnr1_label_atom_id 
_struct_conn.pdbx_ptnr1_label_alt_id 
_struct_conn.pdbx_ptnr1_PDB_ins_code 
_struct_conn.pdbx_ptnr1_standard_comp_id 
_struct_conn.ptnr1_symmetry 
_struct_conn.ptnr2_label_asym_id 
_struct_conn.ptnr2_label_comp_id 
_struct_conn.ptnr2_label_seq_id 
_struct_conn.ptnr2_label_atom_id 
_struct_conn.pdbx_ptnr2_label_alt_id 
_struct_conn.pdbx_ptnr2_PDB_ins_code 
_struct_conn.ptnr1_auth_asym_id 
_struct_conn.ptnr1_auth_comp_id 
_struct_conn.ptnr1_auth_seq_id 
_struct_conn.ptnr2_auth_asym_id 
_struct_conn.ptnr2_auth_comp_id 
_struct_conn.ptnr2_auth_seq_id 
_struct_conn.ptnr2_symmetry 
_struct_conn.pdbx_ptnr3_label_atom_id 
_struct_conn.pdbx_ptnr3_label_seq_id 
_struct_conn.pdbx_ptnr3_label_comp_id 
_struct_conn.pdbx_ptnr3_label_asym_id 
_struct_conn.pdbx_ptnr3_label_alt_id 
_struct_conn.pdbx_ptnr3_PDB_ins_code 
_struct_conn.details 
_struct_conn.pdbx_dist_value 
_struct_conn.pdbx_value_order 
_struct_conn.pdbx_role 
disulf1 disulf ?    ? A CYS 17 SG ? ? ? 1_555 A CYS 46 SG ? ? A CYS 34 A CYS 63  1_555 ? ? ? ? ? ? ? 2.042 ? ? 
disulf2 disulf ?    ? A CYS 37 SG ? ? ? 1_555 A CYS 80 SG ? ? A CYS 54 A CYS 97  1_555 ? ? ? ? ? ? ? 2.039 ? ? 
disulf3 disulf ?    ? A CYS 60 SG ? ? ? 1_555 A CYS 96 SG ? ? A CYS 77 A CYS 113 1_555 ? ? ? ? ? ? ? 2.055 ? ? 
disulf4 disulf ?    ? B CYS 1  SG ? ? ? 1_555 B CYS 5  SG ? ? B CYS 1  B CYS 5   1_555 ? ? ? ? ? ? ? 2.045 ? ? 
disulf5 disulf ?    ? B CYS 14 SG ? ? ? 1_555 B CYS 27 SG ? ? B CYS 14 B CYS 27  1_555 ? ? ? ? ? ? ? 2.071 ? ? 
covale1 covale both ? B GLY 38 C  ? ? ? 1_555 B NH2 39 N  ? ? B GLY 38 B NH2 39  1_555 ? ? ? ? ? ? ? 1.331 ? ? 
# 
loop_
_struct_conn_type.id 
_struct_conn_type.criteria 
_struct_conn_type.reference 
disulf ? ? 
covale ? ? 
# 
loop_
_pdbx_modification_feature.ordinal 
_pdbx_modification_feature.label_comp_id 
_pdbx_modification_feature.label_asym_id 
_pdbx_modification_feature.label_seq_id 
_pdbx_modification_feature.label_alt_id 
_pdbx_modification_feature.modified_residue_label_comp_id 
_pdbx_modification_feature.modified_residue_label_asym_id 
_pdbx_modification_feature.modified_residue_label_seq_id 
_pdbx_modification_feature.modified_residue_label_alt_id 
_pdbx_modification_feature.auth_comp_id 
_pdbx_modification_feature.auth_asym_id 
_pdbx_modification_feature.auth_seq_id 
_pdbx_modification_feature.PDB_ins_code 
_pdbx_modification_feature.symmetry 
_pdbx_modification_feature.modified_residue_auth_comp_id 
_pdbx_modification_feature.modified_residue_auth_asym_id 
_pdbx_modification_feature.modified_residue_auth_seq_id 
_pdbx_modification_feature.modified_residue_PDB_ins_code 
_pdbx_modification_feature.modified_residue_symmetry 
_pdbx_modification_feature.comp_id_linking_atom 
_pdbx_modification_feature.modified_residue_id_linking_atom 
_pdbx_modification_feature.modified_residue_id 
_pdbx_modification_feature.ref_pcm_id 
_pdbx_modification_feature.ref_comp_id 
_pdbx_modification_feature.type 
_pdbx_modification_feature.category 
1 NH2 B 39 ? GLY B 38 ? NH2 B 39 ? 1_555 GLY B 38  ? 1_555 .  .  GLY 12 NH2 None 'Terminal amidation' 
2 CYS A 17 ? CYS A 46 ? CYS A 34 ? 1_555 CYS A 63  ? 1_555 SG SG .   .  .   None 'Disulfide bridge'   
3 CYS A 37 ? CYS A 80 ? CYS A 54 ? 1_555 CYS A 97  ? 1_555 SG SG .   .  .   None 'Disulfide bridge'   
4 CYS A 60 ? CYS A 96 ? CYS A 77 ? 1_555 CYS A 113 ? 1_555 SG SG .   .  .   None 'Disulfide bridge'   
5 CYS B 1  ? CYS B 5  ? CYS B 1  ? 1_555 CYS B 5   ? 1_555 SG SG .   .  .   None 'Disulfide bridge'   
6 CYS B 14 ? CYS B 27 ? CYS B 14 ? 1_555 CYS B 27  ? 1_555 SG SG .   .  .   None 'Disulfide bridge'   
# 
_struct_mon_prot_cis.pdbx_id                1 
_struct_mon_prot_cis.label_comp_id          PHE 
_struct_mon_prot_cis.label_seq_id           89 
_struct_mon_prot_cis.label_asym_id          A 
_struct_mon_prot_cis.label_alt_id           . 
_struct_mon_prot_cis.pdbx_PDB_ins_code      ? 
_struct_mon_prot_cis.auth_comp_id           PHE 
_struct_mon_prot_cis.auth_seq_id            106 
_struct_mon_prot_cis.auth_asym_id           A 
_struct_mon_prot_cis.pdbx_label_comp_id_2   PRO 
_struct_mon_prot_cis.pdbx_label_seq_id_2    90 
_struct_mon_prot_cis.pdbx_label_asym_id_2   A 
_struct_mon_prot_cis.pdbx_PDB_ins_code_2    ? 
_struct_mon_prot_cis.pdbx_auth_comp_id_2    PRO 
_struct_mon_prot_cis.pdbx_auth_seq_id_2     107 
_struct_mon_prot_cis.pdbx_auth_asym_id_2    A 
_struct_mon_prot_cis.pdbx_PDB_model_num     1 
_struct_mon_prot_cis.pdbx_omega_angle       -5.91 
# 
loop_
_struct_sheet.id 
_struct_sheet.type 
_struct_sheet.number_strands 
_struct_sheet.details 
AA1 ? 2 ? 
AA2 ? 3 ? 
# 
loop_
_struct_sheet_order.sheet_id 
_struct_sheet_order.range_id_1 
_struct_sheet_order.range_id_2 
_struct_sheet_order.offset 
_struct_sheet_order.sense 
AA1 1 2 ? anti-parallel 
AA2 1 2 ? anti-parallel 
AA2 2 3 ? anti-parallel 
# 
loop_
_struct_sheet_range.sheet_id 
_struct_sheet_range.id 
_struct_sheet_range.beg_label_comp_id 
_struct_sheet_range.beg_label_asym_id 
_struct_sheet_range.beg_label_seq_id 
_struct_sheet_range.pdbx_beg_PDB_ins_code 
_struct_sheet_range.end_label_comp_id 
_struct_sheet_range.end_label_asym_id 
_struct_sheet_range.end_label_seq_id 
_struct_sheet_range.pdbx_end_PDB_ins_code 
_struct_sheet_range.beg_auth_comp_id 
_struct_sheet_range.beg_auth_asym_id 
_struct_sheet_range.beg_auth_seq_id 
_struct_sheet_range.end_auth_comp_id 
_struct_sheet_range.end_auth_asym_id 
_struct_sheet_range.end_auth_seq_id 
AA1 1 MET A 40 ? TRP A 41 ? MET A 57  TRP A 58  
AA1 2 CYS A 46 ? TRP A 47 ? CYS A 63  TRP A 64  
AA2 1 MET A 55 ? SER A 59 ? MET A 72  SER A 76  
AA2 2 VAL A 75 ? THR A 81 ? VAL A 92  THR A 98  
AA2 3 GLY A 84 ? TRP A 85 ? GLY A 101 TRP A 102 
# 
loop_
_pdbx_struct_sheet_hbond.sheet_id 
_pdbx_struct_sheet_hbond.range_id_1 
_pdbx_struct_sheet_hbond.range_id_2 
_pdbx_struct_sheet_hbond.range_1_label_atom_id 
_pdbx_struct_sheet_hbond.range_1_label_comp_id 
_pdbx_struct_sheet_hbond.range_1_label_asym_id 
_pdbx_struct_sheet_hbond.range_1_label_seq_id 
_pdbx_struct_sheet_hbond.range_1_PDB_ins_code 
_pdbx_struct_sheet_hbond.range_1_auth_atom_id 
_pdbx_struct_sheet_hbond.range_1_auth_comp_id 
_pdbx_struct_sheet_hbond.range_1_auth_asym_id 
_pdbx_struct_sheet_hbond.range_1_auth_seq_id 
_pdbx_struct_sheet_hbond.range_2_label_atom_id 
_pdbx_struct_sheet_hbond.range_2_label_comp_id 
_pdbx_struct_sheet_hbond.range_2_label_asym_id 
_pdbx_struct_sheet_hbond.range_2_label_seq_id 
_pdbx_struct_sheet_hbond.range_2_PDB_ins_code 
_pdbx_struct_sheet_hbond.range_2_auth_atom_id 
_pdbx_struct_sheet_hbond.range_2_auth_comp_id 
_pdbx_struct_sheet_hbond.range_2_auth_asym_id 
_pdbx_struct_sheet_hbond.range_2_auth_seq_id 
AA1 1 2 N MET A 40 ? N MET A 57 O TRP A 47 ? O TRP A 64  
AA2 1 2 N VAL A 58 ? N VAL A 75 O VAL A 76 ? O VAL A 93  
AA2 2 3 N THR A 81 ? N THR A 98 O GLY A 84 ? O GLY A 101 
# 
_pdbx_entry_details.entry_id                   7JQD 
_pdbx_entry_details.compound_details           ? 
_pdbx_entry_details.source_details             ? 
_pdbx_entry_details.nonpolymer_details         ? 
_pdbx_entry_details.sequence_details           ? 
_pdbx_entry_details.has_ligand_of_interest     ? 
_pdbx_entry_details.has_protein_modification   Y 
# 
_pdbx_validate_rmsd_bond.id                        1 
_pdbx_validate_rmsd_bond.PDB_model_num             1 
_pdbx_validate_rmsd_bond.auth_atom_id_1            C 
_pdbx_validate_rmsd_bond.auth_asym_id_1            A 
_pdbx_validate_rmsd_bond.auth_comp_id_1            GLY 
_pdbx_validate_rmsd_bond.auth_seq_id_1             53 
_pdbx_validate_rmsd_bond.PDB_ins_code_1            ? 
_pdbx_validate_rmsd_bond.label_alt_id_1            ? 
_pdbx_validate_rmsd_bond.auth_atom_id_2            N 
_pdbx_validate_rmsd_bond.auth_asym_id_2            A 
_pdbx_validate_rmsd_bond.auth_comp_id_2            CYS 
_pdbx_validate_rmsd_bond.auth_seq_id_2             54 
_pdbx_validate_rmsd_bond.PDB_ins_code_2            ? 
_pdbx_validate_rmsd_bond.label_alt_id_2            ? 
_pdbx_validate_rmsd_bond.bond_value                1.477 
_pdbx_validate_rmsd_bond.bond_target_value         1.336 
_pdbx_validate_rmsd_bond.bond_deviation            0.141 
_pdbx_validate_rmsd_bond.bond_standard_deviation   0.023 
_pdbx_validate_rmsd_bond.linker_flag               Y 
# 
loop_
_pdbx_validate_torsion.id 
_pdbx_validate_torsion.PDB_model_num 
_pdbx_validate_torsion.auth_comp_id 
_pdbx_validate_torsion.auth_asym_id 
_pdbx_validate_torsion.auth_seq_id 
_pdbx_validate_torsion.PDB_ins_code 
_pdbx_validate_torsion.label_alt_id 
_pdbx_validate_torsion.phi 
_pdbx_validate_torsion.psi 
1 1 HIS A 22  ? ? -103.14 63.96  
2 1 ASN A 60  ? ? 86.21   10.08  
3 1 ILE A 61  ? ? -134.47 -42.93 
4 1 ASP A 89  ? ? -148.25 22.24  
5 1 GLU A 104 ? ? -47.55  157.38 
# 
loop_
_pdbx_unobs_or_zero_occ_residues.id 
_pdbx_unobs_or_zero_occ_residues.PDB_model_num 
_pdbx_unobs_or_zero_occ_residues.polymer_flag 
_pdbx_unobs_or_zero_occ_residues.occupancy_flag 
_pdbx_unobs_or_zero_occ_residues.auth_asym_id 
_pdbx_unobs_or_zero_occ_residues.auth_comp_id 
_pdbx_unobs_or_zero_occ_residues.auth_seq_id 
_pdbx_unobs_or_zero_occ_residues.PDB_ins_code 
_pdbx_unobs_or_zero_occ_residues.label_asym_id 
_pdbx_unobs_or_zero_occ_residues.label_comp_id 
_pdbx_unobs_or_zero_occ_residues.label_seq_id 
1  1 Y 1 A GLY 18  ? A GLY 1   
2  1 Y 1 A SER 19  ? A SER 2   
3  1 Y 1 A MET 20  ? A MET 3   
4  1 Y 1 A GLU 43  ? A GLU 26  
5  1 Y 1 A LEU 44  ? A LEU 27  
6  1 Y 1 A MET 45  ? A MET 28  
7  1 Y 1 A GLY 46  ? A GLY 29  
8  1 Y 1 A PHE 47  ? A PHE 30  
9  1 Y 1 A ASN 48  ? A ASN 31  
10 1 Y 1 A ASP 49  ? A ASP 32  
11 1 Y 1 A SER 50  ? A SER 33  
12 1 Y 1 A SER 51  ? A SER 34  
13 1 Y 1 A PRO 52  ? A PRO 35  
14 1 Y 1 A ASP 116 ? A ASP 99  
15 1 Y 1 A GLU 117 ? A GLU 100 
16 1 Y 1 A TYR 118 ? A TYR 101 
17 1 Y 1 A GLU 119 ? A GLU 102 
18 1 Y 1 A SER 120 ? A SER 103 
19 1 Y 1 A GLU 121 ? A GLU 104 
20 1 Y 1 A THR 122 ? A THR 105 
# 
loop_
_chem_comp_atom.comp_id 
_chem_comp_atom.atom_id 
_chem_comp_atom.type_symbol 
_chem_comp_atom.pdbx_aromatic_flag 
_chem_comp_atom.pdbx_stereo_config 
_chem_comp_atom.pdbx_ordinal 
ALA N    N N N 1   
ALA CA   C N S 2   
ALA C    C N N 3   
ALA O    O N N 4   
ALA CB   C N N 5   
ALA OXT  O N N 6   
ALA H    H N N 7   
ALA H2   H N N 8   
ALA HA   H N N 9   
ALA HB1  H N N 10  
ALA HB2  H N N 11  
ALA HB3  H N N 12  
ALA HXT  H N N 13  
ARG N    N N N 14  
ARG CA   C N S 15  
ARG C    C N N 16  
ARG O    O N N 17  
ARG CB   C N N 18  
ARG CG   C N N 19  
ARG CD   C N N 20  
ARG NE   N N N 21  
ARG CZ   C N N 22  
ARG NH1  N N N 23  
ARG NH2  N N N 24  
ARG OXT  O N N 25  
ARG H    H N N 26  
ARG H2   H N N 27  
ARG HA   H N N 28  
ARG HB2  H N N 29  
ARG HB3  H N N 30  
ARG HG2  H N N 31  
ARG HG3  H N N 32  
ARG HD2  H N N 33  
ARG HD3  H N N 34  
ARG HE   H N N 35  
ARG HH11 H N N 36  
ARG HH12 H N N 37  
ARG HH21 H N N 38  
ARG HH22 H N N 39  
ARG HXT  H N N 40  
ASN N    N N N 41  
ASN CA   C N S 42  
ASN C    C N N 43  
ASN O    O N N 44  
ASN CB   C N N 45  
ASN CG   C N N 46  
ASN OD1  O N N 47  
ASN ND2  N N N 48  
ASN OXT  O N N 49  
ASN H    H N N 50  
ASN H2   H N N 51  
ASN HA   H N N 52  
ASN HB2  H N N 53  
ASN HB3  H N N 54  
ASN HD21 H N N 55  
ASN HD22 H N N 56  
ASN HXT  H N N 57  
ASP N    N N N 58  
ASP CA   C N S 59  
ASP C    C N N 60  
ASP O    O N N 61  
ASP CB   C N N 62  
ASP CG   C N N 63  
ASP OD1  O N N 64  
ASP OD2  O N N 65  
ASP OXT  O N N 66  
ASP H    H N N 67  
ASP H2   H N N 68  
ASP HA   H N N 69  
ASP HB2  H N N 70  
ASP HB3  H N N 71  
ASP HD2  H N N 72  
ASP HXT  H N N 73  
CYS N    N N N 74  
CYS CA   C N R 75  
CYS C    C N N 76  
CYS O    O N N 77  
CYS CB   C N N 78  
CYS SG   S N N 79  
CYS OXT  O N N 80  
CYS H    H N N 81  
CYS H2   H N N 82  
CYS HA   H N N 83  
CYS HB2  H N N 84  
CYS HB3  H N N 85  
CYS HG   H N N 86  
CYS HXT  H N N 87  
GLN N    N N N 88  
GLN CA   C N S 89  
GLN C    C N N 90  
GLN O    O N N 91  
GLN CB   C N N 92  
GLN CG   C N N 93  
GLN CD   C N N 94  
GLN OE1  O N N 95  
GLN NE2  N N N 96  
GLN OXT  O N N 97  
GLN H    H N N 98  
GLN H2   H N N 99  
GLN HA   H N N 100 
GLN HB2  H N N 101 
GLN HB3  H N N 102 
GLN HG2  H N N 103 
GLN HG3  H N N 104 
GLN HE21 H N N 105 
GLN HE22 H N N 106 
GLN HXT  H N N 107 
GLU N    N N N 108 
GLU CA   C N S 109 
GLU C    C N N 110 
GLU O    O N N 111 
GLU CB   C N N 112 
GLU CG   C N N 113 
GLU CD   C N N 114 
GLU OE1  O N N 115 
GLU OE2  O N N 116 
GLU OXT  O N N 117 
GLU H    H N N 118 
GLU H2   H N N 119 
GLU HA   H N N 120 
GLU HB2  H N N 121 
GLU HB3  H N N 122 
GLU HG2  H N N 123 
GLU HG3  H N N 124 
GLU HE2  H N N 125 
GLU HXT  H N N 126 
GLY N    N N N 127 
GLY CA   C N N 128 
GLY C    C N N 129 
GLY O    O N N 130 
GLY OXT  O N N 131 
GLY H    H N N 132 
GLY H2   H N N 133 
GLY HA2  H N N 134 
GLY HA3  H N N 135 
GLY HXT  H N N 136 
HIS N    N N N 137 
HIS CA   C N S 138 
HIS C    C N N 139 
HIS O    O N N 140 
HIS CB   C N N 141 
HIS CG   C Y N 142 
HIS ND1  N Y N 143 
HIS CD2  C Y N 144 
HIS CE1  C Y N 145 
HIS NE2  N Y N 146 
HIS OXT  O N N 147 
HIS H    H N N 148 
HIS H2   H N N 149 
HIS HA   H N N 150 
HIS HB2  H N N 151 
HIS HB3  H N N 152 
HIS HD1  H N N 153 
HIS HD2  H N N 154 
HIS HE1  H N N 155 
HIS HE2  H N N 156 
HIS HXT  H N N 157 
HOH O    O N N 158 
HOH H1   H N N 159 
HOH H2   H N N 160 
ILE N    N N N 161 
ILE CA   C N S 162 
ILE C    C N N 163 
ILE O    O N N 164 
ILE CB   C N S 165 
ILE CG1  C N N 166 
ILE CG2  C N N 167 
ILE CD1  C N N 168 
ILE OXT  O N N 169 
ILE H    H N N 170 
ILE H2   H N N 171 
ILE HA   H N N 172 
ILE HB   H N N 173 
ILE HG12 H N N 174 
ILE HG13 H N N 175 
ILE HG21 H N N 176 
ILE HG22 H N N 177 
ILE HG23 H N N 178 
ILE HD11 H N N 179 
ILE HD12 H N N 180 
ILE HD13 H N N 181 
ILE HXT  H N N 182 
LEU N    N N N 183 
LEU CA   C N S 184 
LEU C    C N N 185 
LEU O    O N N 186 
LEU CB   C N N 187 
LEU CG   C N N 188 
LEU CD1  C N N 189 
LEU CD2  C N N 190 
LEU OXT  O N N 191 
LEU H    H N N 192 
LEU H2   H N N 193 
LEU HA   H N N 194 
LEU HB2  H N N 195 
LEU HB3  H N N 196 
LEU HG   H N N 197 
LEU HD11 H N N 198 
LEU HD12 H N N 199 
LEU HD13 H N N 200 
LEU HD21 H N N 201 
LEU HD22 H N N 202 
LEU HD23 H N N 203 
LEU HXT  H N N 204 
LYS N    N N N 205 
LYS CA   C N S 206 
LYS C    C N N 207 
LYS O    O N N 208 
LYS CB   C N N 209 
LYS CG   C N N 210 
LYS CD   C N N 211 
LYS CE   C N N 212 
LYS NZ   N N N 213 
LYS OXT  O N N 214 
LYS H    H N N 215 
LYS H2   H N N 216 
LYS HA   H N N 217 
LYS HB2  H N N 218 
LYS HB3  H N N 219 
LYS HG2  H N N 220 
LYS HG3  H N N 221 
LYS HD2  H N N 222 
LYS HD3  H N N 223 
LYS HE2  H N N 224 
LYS HE3  H N N 225 
LYS HZ1  H N N 226 
LYS HZ2  H N N 227 
LYS HZ3  H N N 228 
LYS HXT  H N N 229 
MET N    N N N 230 
MET CA   C N S 231 
MET C    C N N 232 
MET O    O N N 233 
MET CB   C N N 234 
MET CG   C N N 235 
MET SD   S N N 236 
MET CE   C N N 237 
MET OXT  O N N 238 
MET H    H N N 239 
MET H2   H N N 240 
MET HA   H N N 241 
MET HB2  H N N 242 
MET HB3  H N N 243 
MET HG2  H N N 244 
MET HG3  H N N 245 
MET HE1  H N N 246 
MET HE2  H N N 247 
MET HE3  H N N 248 
MET HXT  H N N 249 
NH2 N    N N N 250 
NH2 HN1  H N N 251 
NH2 HN2  H N N 252 
PHE N    N N N 253 
PHE CA   C N S 254 
PHE C    C N N 255 
PHE O    O N N 256 
PHE CB   C N N 257 
PHE CG   C Y N 258 
PHE CD1  C Y N 259 
PHE CD2  C Y N 260 
PHE CE1  C Y N 261 
PHE CE2  C Y N 262 
PHE CZ   C Y N 263 
PHE OXT  O N N 264 
PHE H    H N N 265 
PHE H2   H N N 266 
PHE HA   H N N 267 
PHE HB2  H N N 268 
PHE HB3  H N N 269 
PHE HD1  H N N 270 
PHE HD2  H N N 271 
PHE HE1  H N N 272 
PHE HE2  H N N 273 
PHE HZ   H N N 274 
PHE HXT  H N N 275 
PRO N    N N N 276 
PRO CA   C N S 277 
PRO C    C N N 278 
PRO O    O N N 279 
PRO CB   C N N 280 
PRO CG   C N N 281 
PRO CD   C N N 282 
PRO OXT  O N N 283 
PRO H    H N N 284 
PRO HA   H N N 285 
PRO HB2  H N N 286 
PRO HB3  H N N 287 
PRO HG2  H N N 288 
PRO HG3  H N N 289 
PRO HD2  H N N 290 
PRO HD3  H N N 291 
PRO HXT  H N N 292 
SER N    N N N 293 
SER CA   C N S 294 
SER C    C N N 295 
SER O    O N N 296 
SER CB   C N N 297 
SER OG   O N N 298 
SER OXT  O N N 299 
SER H    H N N 300 
SER H2   H N N 301 
SER HA   H N N 302 
SER HB2  H N N 303 
SER HB3  H N N 304 
SER HG   H N N 305 
SER HXT  H N N 306 
THR N    N N N 307 
THR CA   C N S 308 
THR C    C N N 309 
THR O    O N N 310 
THR CB   C N R 311 
THR OG1  O N N 312 
THR CG2  C N N 313 
THR OXT  O N N 314 
THR H    H N N 315 
THR H2   H N N 316 
THR HA   H N N 317 
THR HB   H N N 318 
THR HG1  H N N 319 
THR HG21 H N N 320 
THR HG22 H N N 321 
THR HG23 H N N 322 
THR HXT  H N N 323 
TRP N    N N N 324 
TRP CA   C N S 325 
TRP C    C N N 326 
TRP O    O N N 327 
TRP CB   C N N 328 
TRP CG   C Y N 329 
TRP CD1  C Y N 330 
TRP CD2  C Y N 331 
TRP NE1  N Y N 332 
TRP CE2  C Y N 333 
TRP CE3  C Y N 334 
TRP CZ2  C Y N 335 
TRP CZ3  C Y N 336 
TRP CH2  C Y N 337 
TRP OXT  O N N 338 
TRP H    H N N 339 
TRP H2   H N N 340 
TRP HA   H N N 341 
TRP HB2  H N N 342 
TRP HB3  H N N 343 
TRP HD1  H N N 344 
TRP HE1  H N N 345 
TRP HE3  H N N 346 
TRP HZ2  H N N 347 
TRP HZ3  H N N 348 
TRP HH2  H N N 349 
TRP HXT  H N N 350 
TYR N    N N N 351 
TYR CA   C N S 352 
TYR C    C N N 353 
TYR O    O N N 354 
TYR CB   C N N 355 
TYR CG   C Y N 356 
TYR CD1  C Y N 357 
TYR CD2  C Y N 358 
TYR CE1  C Y N 359 
TYR CE2  C Y N 360 
TYR CZ   C Y N 361 
TYR OH   O N N 362 
TYR OXT  O N N 363 
TYR H    H N N 364 
TYR H2   H N N 365 
TYR HA   H N N 366 
TYR HB2  H N N 367 
TYR HB3  H N N 368 
TYR HD1  H N N 369 
TYR HD2  H N N 370 
TYR HE1  H N N 371 
TYR HE2  H N N 372 
TYR HH   H N N 373 
TYR HXT  H N N 374 
VAL N    N N N 375 
VAL CA   C N S 376 
VAL C    C N N 377 
VAL O    O N N 378 
VAL CB   C N N 379 
VAL CG1  C N N 380 
VAL CG2  C N N 381 
VAL OXT  O N N 382 
VAL H    H N N 383 
VAL H2   H N N 384 
VAL HA   H N N 385 
VAL HB   H N N 386 
VAL HG11 H N N 387 
VAL HG12 H N N 388 
VAL HG13 H N N 389 
VAL HG21 H N N 390 
VAL HG22 H N N 391 
VAL HG23 H N N 392 
VAL HXT  H N N 393 
# 
loop_
_chem_comp_bond.comp_id 
_chem_comp_bond.atom_id_1 
_chem_comp_bond.atom_id_2 
_chem_comp_bond.value_order 
_chem_comp_bond.pdbx_aromatic_flag 
_chem_comp_bond.pdbx_stereo_config 
_chem_comp_bond.pdbx_ordinal 
ALA N   CA   sing N N 1   
ALA N   H    sing N N 2   
ALA N   H2   sing N N 3   
ALA CA  C    sing N N 4   
ALA CA  CB   sing N N 5   
ALA CA  HA   sing N N 6   
ALA C   O    doub N N 7   
ALA C   OXT  sing N N 8   
ALA CB  HB1  sing N N 9   
ALA CB  HB2  sing N N 10  
ALA CB  HB3  sing N N 11  
ALA OXT HXT  sing N N 12  
ARG N   CA   sing N N 13  
ARG N   H    sing N N 14  
ARG N   H2   sing N N 15  
ARG CA  C    sing N N 16  
ARG CA  CB   sing N N 17  
ARG CA  HA   sing N N 18  
ARG C   O    doub N N 19  
ARG C   OXT  sing N N 20  
ARG CB  CG   sing N N 21  
ARG CB  HB2  sing N N 22  
ARG CB  HB3  sing N N 23  
ARG CG  CD   sing N N 24  
ARG CG  HG2  sing N N 25  
ARG CG  HG3  sing N N 26  
ARG CD  NE   sing N N 27  
ARG CD  HD2  sing N N 28  
ARG CD  HD3  sing N N 29  
ARG NE  CZ   sing N N 30  
ARG NE  HE   sing N N 31  
ARG CZ  NH1  sing N N 32  
ARG CZ  NH2  doub N N 33  
ARG NH1 HH11 sing N N 34  
ARG NH1 HH12 sing N N 35  
ARG NH2 HH21 sing N N 36  
ARG NH2 HH22 sing N N 37  
ARG OXT HXT  sing N N 38  
ASN N   CA   sing N N 39  
ASN N   H    sing N N 40  
ASN N   H2   sing N N 41  
ASN CA  C    sing N N 42  
ASN CA  CB   sing N N 43  
ASN CA  HA   sing N N 44  
ASN C   O    doub N N 45  
ASN C   OXT  sing N N 46  
ASN CB  CG   sing N N 47  
ASN CB  HB2  sing N N 48  
ASN CB  HB3  sing N N 49  
ASN CG  OD1  doub N N 50  
ASN CG  ND2  sing N N 51  
ASN ND2 HD21 sing N N 52  
ASN ND2 HD22 sing N N 53  
ASN OXT HXT  sing N N 54  
ASP N   CA   sing N N 55  
ASP N   H    sing N N 56  
ASP N   H2   sing N N 57  
ASP CA  C    sing N N 58  
ASP CA  CB   sing N N 59  
ASP CA  HA   sing N N 60  
ASP C   O    doub N N 61  
ASP C   OXT  sing N N 62  
ASP CB  CG   sing N N 63  
ASP CB  HB2  sing N N 64  
ASP CB  HB3  sing N N 65  
ASP CG  OD1  doub N N 66  
ASP CG  OD2  sing N N 67  
ASP OD2 HD2  sing N N 68  
ASP OXT HXT  sing N N 69  
CYS N   CA   sing N N 70  
CYS N   H    sing N N 71  
CYS N   H2   sing N N 72  
CYS CA  C    sing N N 73  
CYS CA  CB   sing N N 74  
CYS CA  HA   sing N N 75  
CYS C   O    doub N N 76  
CYS C   OXT  sing N N 77  
CYS CB  SG   sing N N 78  
CYS CB  HB2  sing N N 79  
CYS CB  HB3  sing N N 80  
CYS SG  HG   sing N N 81  
CYS OXT HXT  sing N N 82  
GLN N   CA   sing N N 83  
GLN N   H    sing N N 84  
GLN N   H2   sing N N 85  
GLN CA  C    sing N N 86  
GLN CA  CB   sing N N 87  
GLN CA  HA   sing N N 88  
GLN C   O    doub N N 89  
GLN C   OXT  sing N N 90  
GLN CB  CG   sing N N 91  
GLN CB  HB2  sing N N 92  
GLN CB  HB3  sing N N 93  
GLN CG  CD   sing N N 94  
GLN CG  HG2  sing N N 95  
GLN CG  HG3  sing N N 96  
GLN CD  OE1  doub N N 97  
GLN CD  NE2  sing N N 98  
GLN NE2 HE21 sing N N 99  
GLN NE2 HE22 sing N N 100 
GLN OXT HXT  sing N N 101 
GLU N   CA   sing N N 102 
GLU N   H    sing N N 103 
GLU N   H2   sing N N 104 
GLU CA  C    sing N N 105 
GLU CA  CB   sing N N 106 
GLU CA  HA   sing N N 107 
GLU C   O    doub N N 108 
GLU C   OXT  sing N N 109 
GLU CB  CG   sing N N 110 
GLU CB  HB2  sing N N 111 
GLU CB  HB3  sing N N 112 
GLU CG  CD   sing N N 113 
GLU CG  HG2  sing N N 114 
GLU CG  HG3  sing N N 115 
GLU CD  OE1  doub N N 116 
GLU CD  OE2  sing N N 117 
GLU OE2 HE2  sing N N 118 
GLU OXT HXT  sing N N 119 
GLY N   CA   sing N N 120 
GLY N   H    sing N N 121 
GLY N   H2   sing N N 122 
GLY CA  C    sing N N 123 
GLY CA  HA2  sing N N 124 
GLY CA  HA3  sing N N 125 
GLY C   O    doub N N 126 
GLY C   OXT  sing N N 127 
GLY OXT HXT  sing N N 128 
HIS N   CA   sing N N 129 
HIS N   H    sing N N 130 
HIS N   H2   sing N N 131 
HIS CA  C    sing N N 132 
HIS CA  CB   sing N N 133 
HIS CA  HA   sing N N 134 
HIS C   O    doub N N 135 
HIS C   OXT  sing N N 136 
HIS CB  CG   sing N N 137 
HIS CB  HB2  sing N N 138 
HIS CB  HB3  sing N N 139 
HIS CG  ND1  sing Y N 140 
HIS CG  CD2  doub Y N 141 
HIS ND1 CE1  doub Y N 142 
HIS ND1 HD1  sing N N 143 
HIS CD2 NE2  sing Y N 144 
HIS CD2 HD2  sing N N 145 
HIS CE1 NE2  sing Y N 146 
HIS CE1 HE1  sing N N 147 
HIS NE2 HE2  sing N N 148 
HIS OXT HXT  sing N N 149 
HOH O   H1   sing N N 150 
HOH O   H2   sing N N 151 
ILE N   CA   sing N N 152 
ILE N   H    sing N N 153 
ILE N   H2   sing N N 154 
ILE CA  C    sing N N 155 
ILE CA  CB   sing N N 156 
ILE CA  HA   sing N N 157 
ILE C   O    doub N N 158 
ILE C   OXT  sing N N 159 
ILE CB  CG1  sing N N 160 
ILE CB  CG2  sing N N 161 
ILE CB  HB   sing N N 162 
ILE CG1 CD1  sing N N 163 
ILE CG1 HG12 sing N N 164 
ILE CG1 HG13 sing N N 165 
ILE CG2 HG21 sing N N 166 
ILE CG2 HG22 sing N N 167 
ILE CG2 HG23 sing N N 168 
ILE CD1 HD11 sing N N 169 
ILE CD1 HD12 sing N N 170 
ILE CD1 HD13 sing N N 171 
ILE OXT HXT  sing N N 172 
LEU N   CA   sing N N 173 
LEU N   H    sing N N 174 
LEU N   H2   sing N N 175 
LEU CA  C    sing N N 176 
LEU CA  CB   sing N N 177 
LEU CA  HA   sing N N 178 
LEU C   O    doub N N 179 
LEU C   OXT  sing N N 180 
LEU CB  CG   sing N N 181 
LEU CB  HB2  sing N N 182 
LEU CB  HB3  sing N N 183 
LEU CG  CD1  sing N N 184 
LEU CG  CD2  sing N N 185 
LEU CG  HG   sing N N 186 
LEU CD1 HD11 sing N N 187 
LEU CD1 HD12 sing N N 188 
LEU CD1 HD13 sing N N 189 
LEU CD2 HD21 sing N N 190 
LEU CD2 HD22 sing N N 191 
LEU CD2 HD23 sing N N 192 
LEU OXT HXT  sing N N 193 
LYS N   CA   sing N N 194 
LYS N   H    sing N N 195 
LYS N   H2   sing N N 196 
LYS CA  C    sing N N 197 
LYS CA  CB   sing N N 198 
LYS CA  HA   sing N N 199 
LYS C   O    doub N N 200 
LYS C   OXT  sing N N 201 
LYS CB  CG   sing N N 202 
LYS CB  HB2  sing N N 203 
LYS CB  HB3  sing N N 204 
LYS CG  CD   sing N N 205 
LYS CG  HG2  sing N N 206 
LYS CG  HG3  sing N N 207 
LYS CD  CE   sing N N 208 
LYS CD  HD2  sing N N 209 
LYS CD  HD3  sing N N 210 
LYS CE  NZ   sing N N 211 
LYS CE  HE2  sing N N 212 
LYS CE  HE3  sing N N 213 
LYS NZ  HZ1  sing N N 214 
LYS NZ  HZ2  sing N N 215 
LYS NZ  HZ3  sing N N 216 
LYS OXT HXT  sing N N 217 
MET N   CA   sing N N 218 
MET N   H    sing N N 219 
MET N   H2   sing N N 220 
MET CA  C    sing N N 221 
MET CA  CB   sing N N 222 
MET CA  HA   sing N N 223 
MET C   O    doub N N 224 
MET C   OXT  sing N N 225 
MET CB  CG   sing N N 226 
MET CB  HB2  sing N N 227 
MET CB  HB3  sing N N 228 
MET CG  SD   sing N N 229 
MET CG  HG2  sing N N 230 
MET CG  HG3  sing N N 231 
MET SD  CE   sing N N 232 
MET CE  HE1  sing N N 233 
MET CE  HE2  sing N N 234 
MET CE  HE3  sing N N 235 
MET OXT HXT  sing N N 236 
NH2 N   HN1  sing N N 237 
NH2 N   HN2  sing N N 238 
PHE N   CA   sing N N 239 
PHE N   H    sing N N 240 
PHE N   H2   sing N N 241 
PHE CA  C    sing N N 242 
PHE CA  CB   sing N N 243 
PHE CA  HA   sing N N 244 
PHE C   O    doub N N 245 
PHE C   OXT  sing N N 246 
PHE CB  CG   sing N N 247 
PHE CB  HB2  sing N N 248 
PHE CB  HB3  sing N N 249 
PHE CG  CD1  doub Y N 250 
PHE CG  CD2  sing Y N 251 
PHE CD1 CE1  sing Y N 252 
PHE CD1 HD1  sing N N 253 
PHE CD2 CE2  doub Y N 254 
PHE CD2 HD2  sing N N 255 
PHE CE1 CZ   doub Y N 256 
PHE CE1 HE1  sing N N 257 
PHE CE2 CZ   sing Y N 258 
PHE CE2 HE2  sing N N 259 
PHE CZ  HZ   sing N N 260 
PHE OXT HXT  sing N N 261 
PRO N   CA   sing N N 262 
PRO N   CD   sing N N 263 
PRO N   H    sing N N 264 
PRO CA  C    sing N N 265 
PRO CA  CB   sing N N 266 
PRO CA  HA   sing N N 267 
PRO C   O    doub N N 268 
PRO C   OXT  sing N N 269 
PRO CB  CG   sing N N 270 
PRO CB  HB2  sing N N 271 
PRO CB  HB3  sing N N 272 
PRO CG  CD   sing N N 273 
PRO CG  HG2  sing N N 274 
PRO CG  HG3  sing N N 275 
PRO CD  HD2  sing N N 276 
PRO CD  HD3  sing N N 277 
PRO OXT HXT  sing N N 278 
SER N   CA   sing N N 279 
SER N   H    sing N N 280 
SER N   H2   sing N N 281 
SER CA  C    sing N N 282 
SER CA  CB   sing N N 283 
SER CA  HA   sing N N 284 
SER C   O    doub N N 285 
SER C   OXT  sing N N 286 
SER CB  OG   sing N N 287 
SER CB  HB2  sing N N 288 
SER CB  HB3  sing N N 289 
SER OG  HG   sing N N 290 
SER OXT HXT  sing N N 291 
THR N   CA   sing N N 292 
THR N   H    sing N N 293 
THR N   H2   sing N N 294 
THR CA  C    sing N N 295 
THR CA  CB   sing N N 296 
THR CA  HA   sing N N 297 
THR C   O    doub N N 298 
THR C   OXT  sing N N 299 
THR CB  OG1  sing N N 300 
THR CB  CG2  sing N N 301 
THR CB  HB   sing N N 302 
THR OG1 HG1  sing N N 303 
THR CG2 HG21 sing N N 304 
THR CG2 HG22 sing N N 305 
THR CG2 HG23 sing N N 306 
THR OXT HXT  sing N N 307 
TRP N   CA   sing N N 308 
TRP N   H    sing N N 309 
TRP N   H2   sing N N 310 
TRP CA  C    sing N N 311 
TRP CA  CB   sing N N 312 
TRP CA  HA   sing N N 313 
TRP C   O    doub N N 314 
TRP C   OXT  sing N N 315 
TRP CB  CG   sing N N 316 
TRP CB  HB2  sing N N 317 
TRP CB  HB3  sing N N 318 
TRP CG  CD1  doub Y N 319 
TRP CG  CD2  sing Y N 320 
TRP CD1 NE1  sing Y N 321 
TRP CD1 HD1  sing N N 322 
TRP CD2 CE2  doub Y N 323 
TRP CD2 CE3  sing Y N 324 
TRP NE1 CE2  sing Y N 325 
TRP NE1 HE1  sing N N 326 
TRP CE2 CZ2  sing Y N 327 
TRP CE3 CZ3  doub Y N 328 
TRP CE3 HE3  sing N N 329 
TRP CZ2 CH2  doub Y N 330 
TRP CZ2 HZ2  sing N N 331 
TRP CZ3 CH2  sing Y N 332 
TRP CZ3 HZ3  sing N N 333 
TRP CH2 HH2  sing N N 334 
TRP OXT HXT  sing N N 335 
TYR N   CA   sing N N 336 
TYR N   H    sing N N 337 
TYR N   H2   sing N N 338 
TYR CA  C    sing N N 339 
TYR CA  CB   sing N N 340 
TYR CA  HA   sing N N 341 
TYR C   O    doub N N 342 
TYR C   OXT  sing N N 343 
TYR CB  CG   sing N N 344 
TYR CB  HB2  sing N N 345 
TYR CB  HB3  sing N N 346 
TYR CG  CD1  doub Y N 347 
TYR CG  CD2  sing Y N 348 
TYR CD1 CE1  sing Y N 349 
TYR CD1 HD1  sing N N 350 
TYR CD2 CE2  doub Y N 351 
TYR CD2 HD2  sing N N 352 
TYR CE1 CZ   doub Y N 353 
TYR CE1 HE1  sing N N 354 
TYR CE2 CZ   sing Y N 355 
TYR CE2 HE2  sing N N 356 
TYR CZ  OH   sing N N 357 
TYR OH  HH   sing N N 358 
TYR OXT HXT  sing N N 359 
VAL N   CA   sing N N 360 
VAL N   H    sing N N 361 
VAL N   H2   sing N N 362 
VAL CA  C    sing N N 363 
VAL CA  CB   sing N N 364 
VAL CA  HA   sing N N 365 
VAL C   O    doub N N 366 
VAL C   OXT  sing N N 367 
VAL CB  CG1  sing N N 368 
VAL CB  CG2  sing N N 369 
VAL CB  HB   sing N N 370 
VAL CG1 HG11 sing N N 371 
VAL CG1 HG12 sing N N 372 
VAL CG1 HG13 sing N N 373 
VAL CG2 HG21 sing N N 374 
VAL CG2 HG22 sing N N 375 
VAL CG2 HG23 sing N N 376 
VAL OXT HXT  sing N N 377 
# 
_pdbx_initial_refinement_model.id               1 
_pdbx_initial_refinement_model.entity_id_list   ? 
_pdbx_initial_refinement_model.type             'experimental model' 
_pdbx_initial_refinement_model.source_name      PDB 
_pdbx_initial_refinement_model.accession_code   2JOD 
_pdbx_initial_refinement_model.details          'PDB entry 2JOD' 
# 
_atom_sites.entry_id                    7JQD 
_atom_sites.Cartn_transf_matrix[1][1]   ? 
_atom_sites.Cartn_transf_matrix[1][2]   ? 
_atom_sites.Cartn_transf_matrix[1][3]   ? 
_atom_sites.Cartn_transf_matrix[2][1]   ? 
_atom_sites.Cartn_transf_matrix[2][2]   ? 
_atom_sites.Cartn_transf_matrix[2][3]   ? 
_atom_sites.Cartn_transf_matrix[3][1]   ? 
_atom_sites.Cartn_transf_matrix[3][2]   ? 
_atom_sites.Cartn_transf_matrix[3][3]   ? 
_atom_sites.Cartn_transf_vector[1]      ? 
_atom_sites.Cartn_transf_vector[2]      ? 
_atom_sites.Cartn_transf_vector[3]      ? 
_atom_sites.fract_transf_matrix[1][1]   0.00649704 
_atom_sites.fract_transf_matrix[1][2]   0.01165952 
_atom_sites.fract_transf_matrix[1][3]   -0.00633597 
_atom_sites.fract_transf_matrix[2][1]   0.00626362 
_atom_sites.fract_transf_matrix[2][2]   -0.00891386 
_atom_sites.fract_transf_matrix[2][3]   -0.00998053 
_atom_sites.fract_transf_matrix[3][1]   -0.01389574 
_atom_sites.fract_transf_matrix[3][2]   0.00202253 
_atom_sites.fract_transf_matrix[3][3]   -0.01052712 
_atom_sites.fract_transf_vector[1]      0.270846 
_atom_sites.fract_transf_vector[2]      -0.050004 
_atom_sites.fract_transf_vector[3]      0.054794 
_atom_sites.solution_primary            ? 
_atom_sites.solution_secondary          ? 
_atom_sites.solution_hydrogens          ? 
_atom_sites.special_details             ? 
# 
loop_
_atom_type.symbol 
C 
N 
O 
S 
# 
loop_
_atom_site.group_PDB 
_atom_site.id 
_atom_site.type_symbol 
_atom_site.label_atom_id 
_atom_site.label_alt_id 
_atom_site.label_comp_id 
_atom_site.label_asym_id 
_atom_site.label_entity_id 
_atom_site.label_seq_id 
_atom_site.pdbx_PDB_ins_code 
_atom_site.Cartn_x 
_atom_site.Cartn_y 
_atom_site.Cartn_z 
_atom_site.occupancy 
_atom_site.B_iso_or_equiv 
_atom_site.pdbx_formal_charge 
_atom_site.auth_seq_id 
_atom_site.auth_comp_id 
_atom_site.auth_asym_id 
_atom_site.auth_atom_id 
_atom_site.pdbx_PDB_model_num 
ATOM   1   N N   . ALA A 1 4  ? 11.192  6.684   11.781  1.00 57.37 ? 21  ALA A N   1 
ATOM   2   C CA  . ALA A 1 4  ? 10.041  6.983   10.936  1.00 52.42 ? 21  ALA A CA  1 
ATOM   3   C C   . ALA A 1 4  ? 8.736   6.729   11.688  1.00 60.05 ? 21  ALA A C   1 
ATOM   4   O O   . ALA A 1 4  ? 8.560   5.688   12.340  1.00 53.24 ? 21  ALA A O   1 
ATOM   5   C CB  . ALA A 1 4  ? 10.079  6.165   9.670   1.00 51.44 ? 21  ALA A CB  1 
ATOM   6   N N   . HIS A 1 5  ? 7.838   7.708   11.601  1.00 61.27 ? 22  HIS A N   1 
ATOM   7   C CA  . HIS A 1 5  ? 6.522   7.650   12.238  1.00 53.53 ? 22  HIS A CA  1 
ATOM   8   C C   . HIS A 1 5  ? 5.462   7.334   11.184  1.00 49.56 ? 22  HIS A C   1 
ATOM   9   O O   . HIS A 1 5  ? 4.558   8.124   10.884  1.00 42.43 ? 22  HIS A O   1 
ATOM   10  C CB  . HIS A 1 5  ? 6.231   8.965   12.965  1.00 52.64 ? 22  HIS A CB  1 
ATOM   11  C CG  . HIS A 1 5  ? 7.272   9.345   13.981  1.00 61.22 ? 22  HIS A CG  1 
ATOM   12  N ND1 . HIS A 1 5  ? 6.962   9.644   15.297  1.00 55.68 ? 22  HIS A ND1 1 
ATOM   13  C CD2 . HIS A 1 5  ? 8.618   9.500   13.875  1.00 52.00 ? 22  HIS A CD2 1 
ATOM   14  C CE1 . HIS A 1 5  ? 8.066   9.948   15.952  1.00 45.42 ? 22  HIS A CE1 1 
ATOM   15  N NE2 . HIS A 1 5  ? 9.087   9.868   15.112  1.00 45.38 ? 22  HIS A NE2 1 
ATOM   16  N N   . SER A 1 6  ? 5.612   6.129   10.622  1.00 44.70 ? 23  SER A N   1 
ATOM   17  C CA  . SER A 1 6  ? 4.878   5.759   9.421   1.00 46.83 ? 23  SER A CA  1 
ATOM   18  C C   . SER A 1 6  ? 3.382   5.713   9.677   1.00 43.88 ? 23  SER A C   1 
ATOM   19  O O   . SER A 1 6  ? 2.584   6.150   8.835   1.00 43.08 ? 23  SER A O   1 
ATOM   20  C CB  . SER A 1 6  ? 5.385   4.414   8.904   1.00 41.41 ? 23  SER A CB  1 
ATOM   21  O OG  . SER A 1 6  ? 5.270   3.418   9.895   1.00 41.22 ? 23  SER A OG  1 
ATOM   22  N N   . ASP A 1 7  ? 2.982   5.169   10.821  1.00 43.59 ? 24  ASP A N   1 
ATOM   23  C CA  . ASP A 1 7  ? 1.561   5.042   11.111  1.00 41.75 ? 24  ASP A CA  1 
ATOM   24  C C   . ASP A 1 7  ? 0.880   6.407   11.097  1.00 47.56 ? 24  ASP A C   1 
ATOM   25  O O   . ASP A 1 7  ? -0.211  6.562   10.529  1.00 43.36 ? 24  ASP A O   1 
ATOM   26  C CB  . ASP A 1 7  ? 1.382   4.339   12.453  1.00 41.35 ? 24  ASP A CB  1 
ATOM   27  C CG  . ASP A 1 7  ? -0.043  4.371   12.941  1.00 50.55 ? 24  ASP A CG  1 
ATOM   28  O OD1 . ASP A 1 7  ? -0.943  3.976   12.164  1.00 50.36 ? 24  ASP A OD1 1 
ATOM   29  O OD2 . ASP A 1 7  ? -0.265  4.807   14.097  1.00 57.38 ? 24  ASP A OD2 1 
ATOM   30  N N   . GLY A 1 8  ? 1.534   7.423   11.678  1.00 43.44 ? 25  GLY A N   1 
ATOM   31  C CA  . GLY A 1 8  ? 0.974   8.767   11.637  1.00 35.59 ? 25  GLY A CA  1 
ATOM   32  C C   . GLY A 1 8  ? 0.956   9.368   10.242  1.00 36.86 ? 25  GLY A C   1 
ATOM   33  O O   . GLY A 1 8  ? 0.033   10.099  9.886   1.00 36.07 ? 25  GLY A O   1 
ATOM   34  N N   . ILE A 1 9  ? 1.984   9.093   9.438   1.00 40.21 ? 26  ILE A N   1 
ATOM   35  C CA  . ILE A 1 9  ? 1.992   9.619   8.075   1.00 44.24 ? 26  ILE A CA  1 
ATOM   36  C C   . ILE A 1 9  ? 0.884   8.975   7.255   1.00 42.34 ? 26  ILE A C   1 
ATOM   37  O O   . ILE A 1 9  ? 0.188   9.647   6.483   1.00 46.37 ? 26  ILE A O   1 
ATOM   38  C CB  . ILE A 1 9  ? 3.370   9.414   7.423   1.00 43.13 ? 26  ILE A CB  1 
ATOM   39  C CG1 . ILE A 1 9  ? 4.433   10.206  8.170   1.00 36.76 ? 26  ILE A CG1 1 
ATOM   40  C CG2 . ILE A 1 9  ? 3.328   9.800   5.963   1.00 35.27 ? 26  ILE A CG2 1 
ATOM   41  C CD1 . ILE A 1 9  ? 5.705   10.330  7.397   1.00 43.82 ? 26  ILE A CD1 1 
ATOM   42  N N   . PHE A 1 10 ? 0.704   7.665   7.410   1.00 42.16 ? 27  PHE A N   1 
ATOM   43  C CA  . PHE A 1 10 ? -0.407  6.982   6.763   1.00 38.62 ? 27  PHE A CA  1 
ATOM   44  C C   . PHE A 1 10 ? -1.737  7.601   7.161   1.00 42.18 ? 27  PHE A C   1 
ATOM   45  O O   . PHE A 1 10 ? -2.606  7.822   6.306   1.00 47.26 ? 27  PHE A O   1 
ATOM   46  C CB  . PHE A 1 10 ? -0.381  5.496   7.111   1.00 40.04 ? 27  PHE A CB  1 
ATOM   47  C CG  . PHE A 1 10 ? 0.567   4.694   6.266   1.00 42.87 ? 27  PHE A CG  1 
ATOM   48  C CD1 . PHE A 1 10 ? 0.367   4.590   4.895   1.00 42.30 ? 27  PHE A CD1 1 
ATOM   49  C CD2 . PHE A 1 10 ? 1.652   4.036   6.838   1.00 41.31 ? 27  PHE A CD2 1 
ATOM   50  C CE1 . PHE A 1 10 ? 1.249   3.848   4.105   1.00 42.32 ? 27  PHE A CE1 1 
ATOM   51  C CE2 . PHE A 1 10 ? 2.527   3.289   6.063   1.00 36.82 ? 27  PHE A CE2 1 
ATOM   52  C CZ  . PHE A 1 10 ? 2.331   3.198   4.698   1.00 38.35 ? 27  PHE A CZ  1 
ATOM   53  N N   . LYS A 1 11 ? -1.913  7.910   8.456   1.00 44.38 ? 28  LYS A N   1 
ATOM   54  C CA  . LYS A 1 11 ? -3.201  8.418   8.931   1.00 41.88 ? 28  LYS A CA  1 
ATOM   55  C C   . LYS A 1 11 ? -3.492  9.799   8.359   1.00 42.18 ? 28  LYS A C   1 
ATOM   56  O O   . LYS A 1 11 ? -4.582  10.045  7.824   1.00 45.07 ? 28  LYS A O   1 
ATOM   57  C CB  . LYS A 1 11 ? -3.245  8.436   10.458  1.00 36.83 ? 28  LYS A CB  1 
ATOM   58  C CG  . LYS A 1 11 ? -3.230  7.042   11.113  1.00 41.90 ? 28  LYS A CG  1 
ATOM   59  C CD  . LYS A 1 11 ? -3.699  7.094   12.571  1.00 42.33 ? 28  LYS A CD  1 
ATOM   60  C CE  . LYS A 1 11 ? -2.979  6.085   13.472  1.00 52.58 ? 28  LYS A CE  1 
ATOM   61  N NZ  . LYS A 1 11 ? -3.680  4.774   13.703  1.00 54.40 ? 28  LYS A NZ  1 
ATOM   62  N N   . LYS A 1 12 ? -2.526  10.715  8.447   1.00 41.52 ? 29  LYS A N   1 
ATOM   63  C CA  . LYS A 1 12 ? -2.641  11.965  7.703   1.00 46.03 ? 29  LYS A CA  1 
ATOM   64  C C   . LYS A 1 12 ? -3.080  11.700  6.265   1.00 50.84 ? 29  LYS A C   1 
ATOM   65  O O   . LYS A 1 12 ? -4.019  12.331  5.761   1.00 53.42 ? 29  LYS A O   1 
ATOM   66  C CB  . LYS A 1 12 ? -1.309  12.724  7.725   1.00 50.73 ? 29  LYS A CB  1 
ATOM   67  C CG  . LYS A 1 12 ? -0.765  13.007  9.131   1.00 44.97 ? 29  LYS A CG  1 
ATOM   68  C CD  . LYS A 1 12 ? -1.124  14.401  9.636   1.00 44.98 ? 29  LYS A CD  1 
ATOM   69  C CE  . LYS A 1 12 ? -1.235  14.383  11.153  1.00 42.78 ? 29  LYS A CE  1 
ATOM   70  N NZ  . LYS A 1 12 ? -1.418  15.724  11.741  1.00 42.66 ? 29  LYS A NZ  1 
ATOM   71  N N   . GLU A 1 13 ? -2.448  10.726  5.607   1.00 49.07 ? 30  GLU A N   1 
ATOM   72  C CA  . GLU A 1 13 ? -2.811  10.430  4.227   1.00 54.12 ? 30  GLU A CA  1 
ATOM   73  C C   . GLU A 1 13 ? -4.208  9.823   4.120   1.00 50.27 ? 30  GLU A C   1 
ATOM   74  O O   . GLU A 1 13 ? -4.886  10.030  3.109   1.00 53.46 ? 30  GLU A O   1 
ATOM   75  C CB  . GLU A 1 13 ? -1.768  9.511   3.597   1.00 52.37 ? 30  GLU A CB  1 
ATOM   76  C CG  . GLU A 1 13 ? -1.914  9.399   2.105   1.00 54.65 ? 30  GLU A CG  1 
ATOM   77  C CD  . GLU A 1 13 ? -0.597  9.134   1.421   1.00 63.92 ? 30  GLU A CD  1 
ATOM   78  O OE1 . GLU A 1 13 ? 0.059   10.113  1.005   1.00 70.69 ? 30  GLU A OE1 1 
ATOM   79  O OE2 . GLU A 1 13 ? -0.225  7.948   1.294   1.00 70.13 ? 30  GLU A OE2 1 
ATOM   80  N N   . GLN A 1 14 ? -4.678  9.113   5.153   1.00 48.44 ? 31  GLN A N   1 
ATOM   81  C CA  . GLN A 1 14 ? -6.029  8.546   5.098   1.00 49.17 ? 31  GLN A CA  1 
ATOM   82  C C   . GLN A 1 14 ? -7.090  9.635   5.174   1.00 52.43 ? 31  GLN A C   1 
ATOM   83  O O   . GLN A 1 14 ? -8.106  9.575   4.472   1.00 51.70 ? 31  GLN A O   1 
ATOM   84  C CB  . GLN A 1 14 ? -6.237  7.536   6.223   1.00 46.92 ? 31  GLN A CB  1 
ATOM   85  C CG  . GLN A 1 14 ? -7.658  7.013   6.354   1.00 39.02 ? 31  GLN A CG  1 
ATOM   86  C CD  . GLN A 1 14 ? -7.840  6.143   7.597   1.00 44.19 ? 31  GLN A CD  1 
ATOM   87  O OE1 . GLN A 1 14 ? -6.965  6.081   8.461   1.00 49.17 ? 31  GLN A OE1 1 
ATOM   88  N NE2 . GLN A 1 14 ? -8.987  5.484   7.697   1.00 48.90 ? 31  GLN A NE2 1 
ATOM   89  N N   . ALA A 1 15 ? -6.885  10.626  6.042   1.00 60.04 ? 32  ALA A N   1 
ATOM   90  C CA  . ALA A 1 15 ? -7.746  11.803  6.031   1.00 50.78 ? 32  ALA A CA  1 
ATOM   91  C C   . ALA A 1 15 ? -7.588  12.570  4.727   1.00 53.68 ? 32  ALA A C   1 
ATOM   92  O O   . ALA A 1 15 ? -8.582  12.915  4.079   1.00 61.03 ? 32  ALA A O   1 
ATOM   93  C CB  . ALA A 1 15 ? -7.430  12.696  7.224   1.00 46.72 ? 32  ALA A CB  1 
ATOM   94  N N   . MET A 1 16 ? -6.341  12.835  4.317   1.00 51.74 ? 33  MET A N   1 
ATOM   95  C CA  . MET A 1 16 ? -6.110  13.437  3.009   1.00 50.82 ? 33  MET A CA  1 
ATOM   96  C C   . MET A 1 16 ? -6.845  12.682  1.917   1.00 56.80 ? 33  MET A C   1 
ATOM   97  O O   . MET A 1 16 ? -7.305  13.289  0.947   1.00 64.33 ? 33  MET A O   1 
ATOM   98  C CB  . MET A 1 16 ? -4.617  13.471  2.692   1.00 56.27 ? 33  MET A CB  1 
ATOM   99  C CG  . MET A 1 16 ? -3.880  14.669  3.254   1.00 56.57 ? 33  MET A CG  1 
ATOM   100 S SD  . MET A 1 16 ? -4.257  16.211  2.375   1.00 61.82 ? 33  MET A SD  1 
ATOM   101 C CE  . MET A 1 16 ? -5.052  17.199  3.629   1.00 56.87 ? 33  MET A CE  1 
ATOM   102 N N   . CYS A 1 17 ? -6.981  11.363  2.072   1.00 58.07 ? 34  CYS A N   1 
ATOM   103 C CA  . CYS A 1 17 ? -7.614  10.544  1.042   1.00 58.87 ? 34  CYS A CA  1 
ATOM   104 C C   . CYS A 1 17 ? -9.113  10.798  0.978   1.00 59.48 ? 34  CYS A C   1 
ATOM   105 O O   . CYS A 1 17 ? -9.654  11.146  -0.079  1.00 64.67 ? 34  CYS A O   1 
ATOM   106 C CB  . CYS A 1 17 ? -7.333  9.064   1.300   1.00 55.42 ? 34  CYS A CB  1 
ATOM   107 S SG  . CYS A 1 17 ? -8.087  7.973   0.085   1.00 54.46 ? 34  CYS A SG  1 
ATOM   108 N N   . LEU A 1 18 ? -9.807  10.627  2.105   1.00 58.07 ? 35  LEU A N   1 
ATOM   109 C CA  . LEU A 1 18 ? -11.248 10.840  2.136   1.00 56.02 ? 35  LEU A CA  1 
ATOM   110 C C   . LEU A 1 18 ? -11.615 12.218  1.607   1.00 65.39 ? 35  LEU A C   1 
ATOM   111 O O   . LEU A 1 18 ? -12.724 12.422  1.095   1.00 72.94 ? 35  LEU A O   1 
ATOM   112 C CB  . LEU A 1 18 ? -11.754 10.656  3.561   1.00 55.15 ? 35  LEU A CB  1 
ATOM   113 C CG  . LEU A 1 18 ? -11.398 9.313   4.200   1.00 57.69 ? 35  LEU A CG  1 
ATOM   114 C CD1 . LEU A 1 18 ? -11.601 9.395   5.700   1.00 52.65 ? 35  LEU A CD1 1 
ATOM   115 C CD2 . LEU A 1 18 ? -12.218 8.176   3.582   1.00 48.14 ? 35  LEU A CD2 1 
ATOM   116 N N   . GLU A 1 19 ? -10.681 13.163  1.690   1.00 63.97 ? 36  GLU A N   1 
ATOM   117 C CA  . GLU A 1 19 ? -10.933 14.524  1.244   1.00 66.64 ? 36  GLU A CA  1 
ATOM   118 C C   . GLU A 1 19 ? -11.189 14.594  -0.254  1.00 69.94 ? 36  GLU A C   1 
ATOM   119 O O   . GLU A 1 19 ? -12.052 15.358  -0.701  1.00 76.77 ? 36  GLU A O   1 
ATOM   120 C CB  . GLU A 1 19 ? -9.747  15.412  1.619   1.00 70.90 ? 36  GLU A CB  1 
ATOM   121 C CG  . GLU A 1 19 ? -9.832  16.834  1.087   1.00 79.18 ? 36  GLU A CG  1 
ATOM   122 C CD  . GLU A 1 19 ? -8.571  17.644  1.358   1.00 78.18 ? 36  GLU A CD  1 
ATOM   123 O OE1 . GLU A 1 19 ? -7.569  17.058  1.816   1.00 71.15 ? 36  GLU A OE1 1 
ATOM   124 O OE2 . GLU A 1 19 ? -8.581  18.866  1.093   1.00 78.60 ? 36  GLU A OE2 1 
ATOM   125 N N   . LYS A 1 20 ? -10.440 13.836  -1.055  1.00 66.12 ? 37  LYS A N   1 
ATOM   126 C CA  . LYS A 1 20 ? -10.622 13.962  -2.494  1.00 66.48 ? 37  LYS A CA  1 
ATOM   127 C C   . LYS A 1 20 ? -11.489 12.855  -3.084  1.00 69.70 ? 37  LYS A C   1 
ATOM   128 O O   . LYS A 1 20 ? -12.021 13.034  -4.184  1.00 76.95 ? 37  LYS A O   1 
ATOM   129 C CB  . LYS A 1 20 ? -9.264  14.041  -3.211  1.00 67.13 ? 37  LYS A CB  1 
ATOM   130 C CG  . LYS A 1 20 ? -9.314  13.943  -4.759  1.00 78.83 ? 37  LYS A CG  1 
ATOM   131 C CD  . LYS A 1 20 ? -10.043 15.100  -5.501  1.00 68.85 ? 37  LYS A CD  1 
ATOM   132 C CE  . LYS A 1 20 ? -9.115  16.202  -6.019  1.00 77.21 ? 37  LYS A CE  1 
ATOM   133 N NZ  . LYS A 1 20 ? -9.790  17.528  -6.183  1.00 70.93 ? 37  LYS A NZ  1 
ATOM   134 N N   . ILE A 1 21 ? -11.698 11.738  -2.380  1.00 67.97 ? 38  ILE A N   1 
ATOM   135 C CA  . ILE A 1 21 ? -12.717 10.785  -2.829  1.00 64.05 ? 38  ILE A CA  1 
ATOM   136 C C   . ILE A 1 21 ? -14.063 11.482  -2.951  1.00 67.83 ? 38  ILE A C   1 
ATOM   137 O O   . ILE A 1 21 ? -14.797 11.280  -3.925  1.00 74.78 ? 38  ILE A O   1 
ATOM   138 C CB  . ILE A 1 21 ? -12.798 9.563   -1.885  1.00 64.88 ? 38  ILE A CB  1 
ATOM   139 C CG1 . ILE A 1 21 ? -11.514 8.741   -1.954  1.00 59.27 ? 38  ILE A CG1 1 
ATOM   140 C CG2 . ILE A 1 21 ? -13.985 8.657   -2.237  1.00 62.88 ? 38  ILE A CG2 1 
ATOM   141 C CD1 . ILE A 1 21 ? -11.061 8.447   -3.367  1.00 58.29 ? 38  ILE A CD1 1 
ATOM   142 N N   . GLN A 1 22 ? -14.395 12.338  -1.976  1.00 68.75 ? 39  GLN A N   1 
ATOM   143 C CA  . GLN A 1 22 ? -15.690 13.015  -1.988  1.00 70.96 ? 39  GLN A CA  1 
ATOM   144 C C   . GLN A 1 22 ? -15.804 13.992  -3.153  1.00 68.73 ? 39  GLN A C   1 
ATOM   145 O O   . GLN A 1 22 ? -16.905 14.214  -3.676  1.00 75.29 ? 39  GLN A O   1 
ATOM   146 C CB  . GLN A 1 22 ? -15.928 13.740  -0.657  1.00 72.14 ? 39  GLN A CB  1 
ATOM   147 C CG  . GLN A 1 22 ? -15.023 14.942  -0.395  1.00 73.48 ? 39  GLN A CG  1 
ATOM   148 C CD  . GLN A 1 22 ? -15.177 15.491  1.012   1.00 76.86 ? 39  GLN A CD  1 
ATOM   149 O OE1 . GLN A 1 22 ? -15.284 16.707  1.218   1.00 78.70 ? 39  GLN A OE1 1 
ATOM   150 N NE2 . GLN A 1 22 ? -15.195 14.593  1.992   1.00 74.36 ? 39  GLN A NE2 1 
ATOM   151 N N   . ARG A 1 23 ? -14.686 14.575  -3.576  1.00 67.08 ? 40  ARG A N   1 
ATOM   152 C CA  . ARG A 1 23 ? -14.718 15.511  -4.690  1.00 67.25 ? 40  ARG A CA  1 
ATOM   153 C C   . ARG A 1 23 ? -14.980 14.769  -5.995  1.00 73.19 ? 40  ARG A C   1 
ATOM   154 O O   . ARG A 1 23 ? -15.877 15.134  -6.769  1.00 70.18 ? 40  ARG A O   1 
ATOM   155 C CB  . ARG A 1 23 ? -13.397 16.288  -4.750  1.00 71.10 ? 40  ARG A CB  1 
ATOM   156 C CG  . ARG A 1 23 ? -13.134 17.297  -3.598  1.00 76.57 ? 40  ARG A CG  1 
ATOM   157 C CD  . ARG A 1 23 ? -11.744 17.943  -3.768  1.00 75.45 ? 40  ARG A CD  1 
ATOM   158 N NE  . ARG A 1 23 ? -11.565 19.250  -3.116  1.00 72.74 ? 40  ARG A NE  1 
ATOM   159 C CZ  . ARG A 1 23 ? -10.778 19.479  -2.065  1.00 74.85 ? 40  ARG A CZ  1 
ATOM   160 N NH1 . ARG A 1 23 ? -10.058 18.496  -1.525  1.00 67.98 ? 40  ARG A NH1 1 
ATOM   161 N NH2 . ARG A 1 23 ? -10.693 20.706  -1.569  1.00 71.58 ? 40  ARG A NH2 1 
ATOM   162 N N   . ALA A 1 24 ? -14.226 13.689  -6.226  1.00 67.07 ? 41  ALA A N   1 
ATOM   163 C CA  . ALA A 1 24 ? -14.366 12.905  -7.450  1.00 69.76 ? 41  ALA A CA  1 
ATOM   164 C C   . ALA A 1 24 ? -15.791 12.379  -7.634  1.00 65.56 ? 41  ALA A C   1 
ATOM   165 O O   . ALA A 1 24 ? -16.415 12.591  -8.680  1.00 65.87 ? 41  ALA A O   1 
ATOM   166 C CB  . ALA A 1 24 ? -13.361 11.754  -7.434  1.00 66.39 ? 41  ALA A CB  1 
ATOM   167 N N   . ASN A 1 25 ? -16.325 11.689  -6.637  1.00 66.76 ? 42  ASN A N   1 
ATOM   168 C CA  . ASN A 1 25 ? -17.637 11.077  -6.816  1.00 74.62 ? 42  ASN A CA  1 
ATOM   169 C C   . ASN A 1 25 ? -18.764 12.123  -6.772  1.00 73.29 ? 42  ASN A C   1 
ATOM   170 O O   . ASN A 1 25 ? -18.615 13.246  -7.271  1.00 72.65 ? 42  ASN A O   1 
ATOM   171 C CB  . ASN A 1 25 ? -17.867 9.982   -5.766  1.00 67.39 ? 42  ASN A CB  1 
ATOM   172 C CG  . ASN A 1 25 ? -17.884 10.523  -4.356  1.00 71.64 ? 42  ASN A CG  1 
ATOM   173 O OD1 . ASN A 1 25 ? -17.694 11.712  -4.143  1.00 74.20 ? 42  ASN A OD1 1 
ATOM   174 N ND2 . ASN A 1 25 ? -18.133 9.655   -3.384  1.00 74.81 ? 42  ASN A ND2 1 
ATOM   175 N N   . GLY A 1 36 ? -19.638 1.684   -11.905 1.00 61.62 ? 53  GLY A N   1 
ATOM   176 C CA  . GLY A 1 36 ? -18.326 2.205   -11.552 1.00 58.71 ? 53  GLY A CA  1 
ATOM   177 C C   . GLY A 1 36 ? -17.925 1.842   -10.130 1.00 60.25 ? 53  GLY A C   1 
ATOM   178 O O   . GLY A 1 36 ? -18.786 1.523   -9.314  1.00 62.10 ? 53  GLY A O   1 
ATOM   179 N N   . CYS A 1 37 ? -16.488 1.880   -9.792  1.00 61.97 ? 54  CYS A N   1 
ATOM   180 C CA  . CYS A 1 37 ? -16.151 1.532   -8.416  1.00 61.11 ? 54  CYS A CA  1 
ATOM   181 C C   . CYS A 1 37 ? -15.882 2.776   -7.571  1.00 56.30 ? 54  CYS A C   1 
ATOM   182 O O   . CYS A 1 37 ? -15.268 3.756   -8.051  1.00 55.69 ? 54  CYS A O   1 
ATOM   183 C CB  . CYS A 1 37 ? -14.931 0.621   -8.340  1.00 54.64 ? 54  CYS A CB  1 
ATOM   184 S SG  . CYS A 1 37 ? -15.171 -0.901  -9.231  1.00 54.85 ? 54  CYS A SG  1 
ATOM   185 N N   . PRO A 1 38 ? -16.330 2.714   -6.326  1.00 54.45 ? 55  PRO A N   1 
ATOM   186 C CA  . PRO A 1 38 ? -16.183 3.855   -5.402  1.00 64.11 ? 55  PRO A CA  1 
ATOM   187 C C   . PRO A 1 38 ? -14.724 4.238   -5.155  1.00 60.40 ? 55  PRO A C   1 
ATOM   188 O O   . PRO A 1 38 ? -13.802 3.444   -5.301  1.00 59.50 ? 55  PRO A O   1 
ATOM   189 C CB  . PRO A 1 38 ? -16.830 3.374   -4.095  1.00 64.21 ? 55  PRO A CB  1 
ATOM   190 C CG  . PRO A 1 38 ? -17.185 1.924   -4.305  1.00 62.09 ? 55  PRO A CG  1 
ATOM   191 C CD  . PRO A 1 38 ? -16.908 1.513   -5.703  1.00 52.15 ? 55  PRO A CD  1 
ATOM   192 N N   . GLY A 1 39 ? -14.537 5.500   -4.761  1.00 62.23 ? 56  GLY A N   1 
ATOM   193 C CA  . GLY A 1 39 ? -13.261 5.902   -4.198  1.00 61.23 ? 56  GLY A CA  1 
ATOM   194 C C   . GLY A 1 39 ? -13.063 5.249   -2.845  1.00 59.51 ? 56  GLY A C   1 
ATOM   195 O O   . GLY A 1 39 ? -13.979 5.191   -2.023  1.00 54.69 ? 56  GLY A O   1 
ATOM   196 N N   . MET A 1 40 ? -11.836 4.781   -2.610  1.00 53.96 ? 57  MET A N   1 
ATOM   197 C CA  . MET A 1 40 ? -11.549 3.857   -1.528  1.00 53.35 ? 57  MET A CA  1 
ATOM   198 C C   . MET A 1 40 ? -10.156 4.124   -0.969  1.00 51.27 ? 57  MET A C   1 
ATOM   199 O O   . MET A 1 40 ? -9.263  4.613   -1.667  1.00 45.96 ? 57  MET A O   1 
ATOM   200 C CB  . MET A 1 40 ? -11.650 2.408   -2.023  1.00 55.14 ? 57  MET A CB  1 
ATOM   201 C CG  . MET A 1 40 ? -11.184 1.359   -1.029  1.00 56.27 ? 57  MET A CG  1 
ATOM   202 S SD  . MET A 1 40 ? -10.607 -0.085  -1.923  1.00 62.11 ? 57  MET A SD  1 
ATOM   203 C CE  . MET A 1 40 ? -9.723  0.717   -3.227  1.00 44.30 ? 57  MET A CE  1 
ATOM   204 N N   . TRP A 1 41 ? -9.991  3.784   0.313   1.00 45.95 ? 58  TRP A N   1 
ATOM   205 C CA  . TRP A 1 41 ? -8.711  3.787   1.008   1.00 45.67 ? 58  TRP A CA  1 
ATOM   206 C C   . TRP A 1 41 ? -8.470  2.395   1.571   1.00 48.35 ? 58  TRP A C   1 
ATOM   207 O O   . TRP A 1 41 ? -9.201  1.957   2.470   1.00 42.67 ? 58  TRP A O   1 
ATOM   208 C CB  . TRP A 1 41 ? -8.706  4.818   2.136   1.00 48.67 ? 58  TRP A CB  1 
ATOM   209 C CG  . TRP A 1 41 ? -7.526  4.721   3.061   1.00 47.82 ? 58  TRP A CG  1 
ATOM   210 C CD1 . TRP A 1 41 ? -7.493  4.133   4.298   1.00 44.03 ? 58  TRP A CD1 1 
ATOM   211 C CD2 . TRP A 1 41 ? -6.207  5.231   2.824   1.00 41.95 ? 58  TRP A CD2 1 
ATOM   212 N NE1 . TRP A 1 41 ? -6.234  4.253   4.839   1.00 46.66 ? 58  TRP A NE1 1 
ATOM   213 C CE2 . TRP A 1 41 ? -5.426  4.918   3.951   1.00 40.99 ? 58  TRP A CE2 1 
ATOM   214 C CE3 . TRP A 1 41 ? -5.612  5.913   1.763   1.00 46.54 ? 58  TRP A CE3 1 
ATOM   215 C CZ2 . TRP A 1 41 ? -4.079  5.269   4.050   1.00 40.15 ? 58  TRP A CZ2 1 
ATOM   216 C CZ3 . TRP A 1 41 ? -4.267  6.259   1.867   1.00 47.60 ? 58  TRP A CZ3 1 
ATOM   217 C CH2 . TRP A 1 41 ? -3.521  5.935   2.998   1.00 42.95 ? 58  TRP A CH2 1 
ATOM   218 N N   . ASP A 1 42 ? -7.441  1.705   1.061   1.00 45.48 ? 59  ASP A N   1 
ATOM   219 C CA  . ASP A 1 42 ? -7.185  0.327   1.458   1.00 42.01 ? 59  ASP A CA  1 
ATOM   220 C C   . ASP A 1 42 ? -6.251  0.206   2.654   1.00 41.64 ? 59  ASP A C   1 
ATOM   221 O O   . ASP A 1 42 ? -5.925  -0.918  3.051   1.00 40.87 ? 59  ASP A O   1 
ATOM   222 C CB  . ASP A 1 42 ? -6.623  -0.488  0.282   1.00 40.40 ? 59  ASP A CB  1 
ATOM   223 C CG  . ASP A 1 42 ? -5.315  0.060   -0.275  1.00 45.83 ? 59  ASP A CG  1 
ATOM   224 O OD1 . ASP A 1 42 ? -4.584  0.811   0.410   1.00 44.35 ? 59  ASP A OD1 1 
ATOM   225 O OD2 . ASP A 1 42 ? -4.982  -0.324  -1.418  1.00 49.47 ? 59  ASP A OD2 1 
ATOM   226 N N   . ASN A 1 43 ? -5.830  1.330   3.228   1.00 36.93 ? 60  ASN A N   1 
ATOM   227 C CA  . ASN A 1 43 ? -4.892  1.436   4.339   1.00 41.37 ? 60  ASN A CA  1 
ATOM   228 C C   . ASN A 1 43 ? -3.446  1.451   3.882   1.00 38.95 ? 60  ASN A C   1 
ATOM   229 O O   . ASN A 1 43 ? -2.534  1.404   4.710   1.00 34.15 ? 60  ASN A O   1 
ATOM   230 C CB  . ASN A 1 43 ? -5.116  0.366   5.409   1.00 38.43 ? 60  ASN A CB  1 
ATOM   231 C CG  . ASN A 1 43 ? -6.074  0.853   6.466   1.00 56.09 ? 60  ASN A CG  1 
ATOM   232 O OD1 . ASN A 1 43 ? -5.718  1.734   7.263   1.00 61.96 ? 60  ASN A OD1 1 
ATOM   233 N ND2 . ASN A 1 43 ? -7.319  0.360   6.438   1.00 51.47 ? 60  ASN A ND2 1 
ATOM   234 N N   . ILE A 1 44 ? -3.234  1.576   2.574   1.00 38.49 ? 61  ILE A N   1 
ATOM   235 C CA  . ILE A 1 44 ? -1.918  1.789   1.995   1.00 40.15 ? 61  ILE A CA  1 
ATOM   236 C C   . ILE A 1 44 ? -2.014  2.894   0.953   1.00 40.86 ? 61  ILE A C   1 
ATOM   237 O O   . ILE A 1 44 ? -1.152  3.777   0.895   1.00 45.34 ? 61  ILE A O   1 
ATOM   238 C CB  . ILE A 1 44 ? -1.354  0.496   1.374   1.00 40.39 ? 61  ILE A CB  1 
ATOM   239 C CG1 . ILE A 1 44 ? -1.113  -0.567  2.448   1.00 34.05 ? 61  ILE A CG1 1 
ATOM   240 C CG2 . ILE A 1 44 ? -0.069  0.789   0.598   1.00 37.88 ? 61  ILE A CG2 1 
ATOM   241 C CD1 . ILE A 1 44 ? 0.032   -0.239  3.388   1.00 32.83 ? 61  ILE A CD1 1 
ATOM   242 N N   . THR A 1 45 ? -3.060  2.870   0.130   1.00 38.39 ? 62  THR A N   1 
ATOM   243 C CA  . THR A 1 45 ? -3.137  3.752   -1.029  1.00 42.73 ? 62  THR A CA  1 
ATOM   244 C C   . THR A 1 45 ? -4.534  4.342   -1.170  1.00 45.07 ? 62  THR A C   1 
ATOM   245 O O   . THR A 1 45 ? -5.534  3.715   -0.808  1.00 47.54 ? 62  THR A O   1 
ATOM   246 C CB  . THR A 1 45 ? -2.734  2.995   -2.316  1.00 44.63 ? 62  THR A CB  1 
ATOM   247 O OG1 . THR A 1 45 ? -1.319  2.741   -2.287  1.00 47.41 ? 62  THR A OG1 1 
ATOM   248 C CG2 . THR A 1 45 ? -3.088  3.783   -3.575  1.00 40.47 ? 62  THR A CG2 1 
ATOM   249 N N   . CYS A 1 46 ? -4.586  5.579   -1.664  1.00 45.46 ? 63  CYS A N   1 
ATOM   250 C CA  . CYS A 1 46 ? -5.841  6.242   -2.001  1.00 50.74 ? 63  CYS A CA  1 
ATOM   251 C C   . CYS A 1 46 ? -6.189  5.932   -3.454  1.00 51.64 ? 63  CYS A C   1 
ATOM   252 O O   . CYS A 1 46 ? -5.410  6.254   -4.366  1.00 49.39 ? 63  CYS A O   1 
ATOM   253 C CB  . CYS A 1 46 ? -5.732  7.753   -1.795  1.00 51.20 ? 63  CYS A CB  1 
ATOM   254 S SG  . CYS A 1 46 ? -7.316  8.605   -1.698  1.00 54.13 ? 63  CYS A SG  1 
ATOM   255 N N   . TRP A 1 47 ? -7.354  5.302   -3.666  1.00 45.27 ? 64  TRP A N   1 
ATOM   256 C CA  . TRP A 1 47 ? -7.787  4.863   -4.988  1.00 42.67 ? 64  TRP A CA  1 
ATOM   257 C C   . TRP A 1 47 ? -8.832  5.839   -5.488  1.00 49.52 ? 64  TRP A C   1 
ATOM   258 O O   . TRP A 1 47 ? -9.930  5.935   -4.922  1.00 51.81 ? 64  TRP A O   1 
ATOM   259 C CB  . TRP A 1 47 ? -8.327  3.434   -4.951  1.00 44.64 ? 64  TRP A CB  1 
ATOM   260 C CG  . TRP A 1 47 ? -7.226  2.436   -4.630  1.00 50.15 ? 64  TRP A CG  1 
ATOM   261 C CD1 . TRP A 1 47 ? -6.795  2.037   -3.379  1.00 43.40 ? 64  TRP A CD1 1 
ATOM   262 C CD2 . TRP A 1 47 ? -6.390  1.755   -5.570  1.00 42.75 ? 64  TRP A CD2 1 
ATOM   263 N NE1 . TRP A 1 47 ? -5.769  1.141   -3.502  1.00 38.96 ? 64  TRP A NE1 1 
ATOM   264 C CE2 . TRP A 1 47 ? -5.499  0.955   -4.834  1.00 41.44 ? 64  TRP A CE2 1 
ATOM   265 C CE3 . TRP A 1 47 ? -6.314  1.741   -6.966  1.00 45.95 ? 64  TRP A CE3 1 
ATOM   266 C CZ2 . TRP A 1 47 ? -4.550  0.153   -5.450  1.00 41.18 ? 64  TRP A CZ2 1 
ATOM   267 C CZ3 . TRP A 1 47 ? -5.365  0.945   -7.575  1.00 41.16 ? 64  TRP A CZ3 1 
ATOM   268 C CH2 . TRP A 1 47 ? -4.495  0.168   -6.818  1.00 39.55 ? 64  TRP A CH2 1 
ATOM   269 N N   . LYS A 1 48 ? -8.480  6.570   -6.533  1.00 46.40 ? 65  LYS A N   1 
ATOM   270 C CA  . LYS A 1 48 ? -9.415  7.482   -7.164  1.00 51.09 ? 65  LYS A CA  1 
ATOM   271 C C   . LYS A 1 48 ? -10.547 6.677   -7.804  1.00 50.75 ? 65  LYS A C   1 
ATOM   272 O O   . LYS A 1 48 ? -10.269 5.731   -8.551  1.00 47.85 ? 65  LYS A O   1 
ATOM   273 C CB  . LYS A 1 48 ? -8.654  8.343   -8.180  1.00 49.62 ? 65  LYS A CB  1 
ATOM   274 C CG  . LYS A 1 48 ? -7.820  7.582   -9.221  1.00 45.71 ? 65  LYS A CG  1 
ATOM   275 C CD  . LYS A 1 48 ? -8.618  7.453   -10.533 1.00 59.66 ? 65  LYS A CD  1 
ATOM   276 C CE  . LYS A 1 48 ? -7.747  7.283   -11.774 1.00 50.71 ? 65  LYS A CE  1 
ATOM   277 N NZ  . LYS A 1 48 ? -8.612  7.465   -12.980 1.00 53.95 ? 65  LYS A NZ  1 
ATOM   278 N N   . PRO A 1 49 ? -11.836 6.972   -7.502  1.00 53.98 ? 66  PRO A N   1 
ATOM   279 C CA  . PRO A 1 49 ? -12.929 6.097   -7.967  1.00 59.20 ? 66  PRO A CA  1 
ATOM   280 C C   . PRO A 1 49 ? -12.918 5.894   -9.477  1.00 56.55 ? 66  PRO A C   1 
ATOM   281 O O   . PRO A 1 49 ? -12.333 6.706   -10.202 1.00 50.81 ? 66  PRO A O   1 
ATOM   282 C CB  . PRO A 1 49 ? -14.203 6.821   -7.504  1.00 59.36 ? 66  PRO A CB  1 
ATOM   283 C CG  . PRO A 1 49 ? -13.766 8.168   -7.003  1.00 63.11 ? 66  PRO A CG  1 
ATOM   284 C CD  . PRO A 1 49 ? -12.322 8.072   -6.653  1.00 59.71 ? 66  PRO A CD  1 
ATOM   285 N N   . ALA A 1 50 ? -13.525 4.805   -9.958  1.00 50.67 ? 67  ALA A N   1 
ATOM   286 C CA  . ALA A 1 50 ? -13.264 4.360   -11.319 1.00 51.14 ? 67  ALA A CA  1 
ATOM   287 C C   . ALA A 1 50 ? -14.496 3.724   -11.949 1.00 57.15 ? 67  ALA A C   1 
ATOM   288 O O   . ALA A 1 50 ? -15.372 3.200   -11.256 1.00 54.29 ? 67  ALA A O   1 
ATOM   289 C CB  . ALA A 1 50 ? -12.118 3.354   -11.362 1.00 46.84 ? 67  ALA A CB  1 
ATOM   290 N N   . HIS A 1 51 ? -14.524 3.753   -13.284 1.00 57.36 ? 68  HIS A N   1 
ATOM   291 C CA  . HIS A 1 51 ? -15.566 3.099   -14.067 1.00 58.34 ? 68  HIS A CA  1 
ATOM   292 C C   . HIS A 1 51 ? -15.309 1.603   -14.187 1.00 57.10 ? 68  HIS A C   1 
ATOM   293 O O   . HIS A 1 51 ? -14.167 1.135   -14.116 1.00 56.91 ? 68  HIS A O   1 
ATOM   294 C CB  . HIS A 1 51 ? -15.650 3.686   -15.479 1.00 52.66 ? 68  HIS A CB  1 
ATOM   295 C CG  . HIS A 1 51 ? -15.998 5.139   -15.515 1.00 55.26 ? 68  HIS A CG  1 
ATOM   296 N ND1 . HIS A 1 51 ? -17.106 5.655   -14.878 1.00 56.68 ? 68  HIS A ND1 1 
ATOM   297 C CD2 . HIS A 1 51 ? -15.397 6.184   -16.133 1.00 57.81 ? 68  HIS A CD2 1 
ATOM   298 C CE1 . HIS A 1 51 ? -17.163 6.957   -15.087 1.00 61.95 ? 68  HIS A CE1 1 
ATOM   299 N NE2 . HIS A 1 51 ? -16.140 7.304   -15.849 1.00 63.35 ? 68  HIS A NE2 1 
ATOM   300 N N   . VAL A 1 52 ? -16.390 0.846   -14.401 1.00 57.55 ? 69  VAL A N   1 
ATOM   301 C CA  . VAL A 1 52 ? -16.240 -0.580  -14.660 1.00 60.12 ? 69  VAL A CA  1 
ATOM   302 C C   . VAL A 1 52 ? -15.451 -0.753  -15.946 1.00 52.63 ? 69  VAL A C   1 
ATOM   303 O O   . VAL A 1 52 ? -15.727 -0.096  -16.953 1.00 51.40 ? 69  VAL A O   1 
ATOM   304 C CB  . VAL A 1 52 ? -17.612 -1.270  -14.720 1.00 55.83 ? 69  VAL A CB  1 
ATOM   305 C CG1 . VAL A 1 52 ? -17.452 -2.780  -14.673 1.00 52.46 ? 69  VAL A CG1 1 
ATOM   306 C CG2 . VAL A 1 52 ? -18.482 -0.800  -13.563 1.00 56.49 ? 69  VAL A CG2 1 
ATOM   307 N N   . GLY A 1 53 ? -14.415 -1.586  -15.897 1.00 51.99 ? 70  GLY A N   1 
ATOM   308 C CA  . GLY A 1 53 ? -13.613 -1.858  -17.068 1.00 50.23 ? 70  GLY A CA  1 
ATOM   309 C C   . GLY A 1 53 ? -12.328 -1.070  -17.200 1.00 46.85 ? 70  GLY A C   1 
ATOM   310 O O   . GLY A 1 53 ? -11.565 -1.333  -18.138 1.00 49.93 ? 70  GLY A O   1 
ATOM   311 N N   . GLU A 1 54 ? -12.049 -0.119  -16.315 1.00 44.47 ? 71  GLU A N   1 
ATOM   312 C CA  . GLU A 1 54 ? -10.777 0.586   -16.385 1.00 50.25 ? 71  GLU A CA  1 
ATOM   313 C C   . GLU A 1 54 ? -9.838  0.132   -15.266 1.00 52.86 ? 71  GLU A C   1 
ATOM   314 O O   . GLU A 1 54 ? -10.266 -0.356  -14.213 1.00 46.69 ? 71  GLU A O   1 
ATOM   315 C CB  . GLU A 1 54 ? -10.974 2.106   -16.361 1.00 48.49 ? 71  GLU A CB  1 
ATOM   316 C CG  . GLU A 1 54 ? -11.558 2.661   -15.086 1.00 53.06 ? 71  GLU A CG  1 
ATOM   317 C CD  . GLU A 1 54 ? -11.726 4.176   -15.114 1.00 57.36 ? 71  GLU A CD  1 
ATOM   318 O OE1 . GLU A 1 54 ? -12.492 4.680   -14.264 1.00 52.84 ? 71  GLU A OE1 1 
ATOM   319 O OE2 . GLU A 1 54 ? -11.100 4.858   -15.975 1.00 56.20 ? 71  GLU A OE2 1 
ATOM   320 N N   . MET A 1 55 ? -8.539  0.256   -15.522 1.00 48.40 ? 72  MET A N   1 
ATOM   321 C CA  . MET A 1 55 ? -7.523  -0.255  -14.615 1.00 44.53 ? 72  MET A CA  1 
ATOM   322 C C   . MET A 1 55 ? -6.703  0.909   -14.089 1.00 47.28 ? 72  MET A C   1 
ATOM   323 O O   . MET A 1 55 ? -6.148  1.688   -14.873 1.00 47.06 ? 72  MET A O   1 
ATOM   324 C CB  . MET A 1 55 ? -6.623  -1.280  -15.301 1.00 42.79 ? 72  MET A CB  1 
ATOM   325 C CG  . MET A 1 55 ? -5.689  -1.948  -14.335 1.00 45.90 ? 72  MET A CG  1 
ATOM   326 S SD  . MET A 1 55 ? -4.729  -3.233  -15.117 1.00 57.64 ? 72  MET A SD  1 
ATOM   327 C CE  . MET A 1 55 ? -3.650  -2.233  -16.136 1.00 52.30 ? 72  MET A CE  1 
ATOM   328 N N   . VAL A 1 56 ? -6.635  1.023   -12.761 1.00 47.02 ? 73  VAL A N   1 
ATOM   329 C CA  . VAL A 1 56 ? -5.874  2.064   -12.087 1.00 45.89 ? 73  VAL A CA  1 
ATOM   330 C C   . VAL A 1 56 ? -4.551  1.479   -11.617 1.00 43.36 ? 73  VAL A C   1 
ATOM   331 O O   . VAL A 1 56 ? -4.525  0.446   -10.928 1.00 38.61 ? 73  VAL A O   1 
ATOM   332 C CB  . VAL A 1 56 ? -6.654  2.636   -10.895 1.00 43.43 ? 73  VAL A CB  1 
ATOM   333 C CG1 . VAL A 1 56 ? -6.039  3.967   -10.444 1.00 39.86 ? 73  VAL A CG1 1 
ATOM   334 C CG2 . VAL A 1 56 ? -8.120  2.749   -11.241 1.00 39.88 ? 73  VAL A CG2 1 
ATOM   335 N N   . LEU A 1 57 ? -3.460  2.148   -11.970 1.00 38.49 ? 74  LEU A N   1 
ATOM   336 C CA  . LEU A 1 57 ? -2.149  1.839   -11.417 1.00 40.54 ? 74  LEU A CA  1 
ATOM   337 C C   . LEU A 1 57 ? -1.803  2.850   -10.333 1.00 42.00 ? 74  LEU A C   1 
ATOM   338 O O   . LEU A 1 57 ? -2.142  4.033   -10.443 1.00 37.80 ? 74  LEU A O   1 
ATOM   339 C CB  . LEU A 1 57 ? -1.071  1.854   -12.502 1.00 33.55 ? 74  LEU A CB  1 
ATOM   340 C CG  . LEU A 1 57 ? -1.409  1.028   -13.736 1.00 37.46 ? 74  LEU A CG  1 
ATOM   341 C CD1 . LEU A 1 57 ? -0.215  0.942   -14.629 1.00 35.79 ? 74  LEU A CD1 1 
ATOM   342 C CD2 . LEU A 1 57 ? -1.929  -0.360  -13.360 1.00 38.78 ? 74  LEU A CD2 1 
ATOM   343 N N   . VAL A 1 58 ? -1.131  2.376   -9.279  1.00 39.86 ? 75  VAL A N   1 
ATOM   344 C CA  . VAL A 1 58 ? -0.500  3.245   -8.292  1.00 37.86 ? 75  VAL A CA  1 
ATOM   345 C C   . VAL A 1 58 ? 0.909   2.735   -8.060  1.00 38.16 ? 75  VAL A C   1 
ATOM   346 O O   . VAL A 1 58 ? 1.249   1.600   -8.400  1.00 39.58 ? 75  VAL A O   1 
ATOM   347 C CB  . VAL A 1 58 ? -1.261  3.314   -6.949  1.00 34.29 ? 75  VAL A CB  1 
ATOM   348 C CG1 . VAL A 1 58 ? -2.661  3.845   -7.167  1.00 34.40 ? 75  VAL A CG1 1 
ATOM   349 C CG2 . VAL A 1 58 ? -1.272  1.953   -6.268  1.00 31.51 ? 75  VAL A CG2 1 
ATOM   350 N N   . SER A 1 59 ? 1.737   3.587   -7.476  1.00 38.40 ? 76  SER A N   1 
ATOM   351 C CA  . SER A 1 59 ? 3.084   3.178   -7.126  1.00 40.46 ? 76  SER A CA  1 
ATOM   352 C C   . SER A 1 59 ? 3.132   2.808   -5.643  1.00 42.39 ? 76  SER A C   1 
ATOM   353 O O   . SER A 1 59 ? 2.141   2.918   -4.915  1.00 43.65 ? 76  SER A O   1 
ATOM   354 C CB  . SER A 1 59 ? 4.097   4.268   -7.492  1.00 46.31 ? 76  SER A CB  1 
ATOM   355 O OG  . SER A 1 59 ? 3.807   5.500   -6.868  1.00 47.66 ? 76  SER A OG  1 
ATOM   356 N N   . CYS A 1 60 ? 4.291   2.322   -5.201  1.00 42.77 ? 77  CYS A N   1 
ATOM   357 C CA  . CYS A 1 60 ? 4.455   1.954   -3.807  1.00 45.16 ? 77  CYS A CA  1 
ATOM   358 C C   . CYS A 1 60 ? 4.306   3.192   -2.920  1.00 42.87 ? 77  CYS A C   1 
ATOM   359 O O   . CYS A 1 60 ? 4.444   4.326   -3.392  1.00 43.12 ? 77  CYS A O   1 
ATOM   360 C CB  . CYS A 1 60 ? 5.810   1.267   -3.598  1.00 47.27 ? 77  CYS A CB  1 
ATOM   361 S SG  . CYS A 1 60 ? 5.896   -0.421  -4.292  1.00 46.81 ? 77  CYS A SG  1 
ATOM   362 N N   . PRO A 1 61 ? 3.997   3.004   -1.636  1.00 43.88 ? 78  PRO A N   1 
ATOM   363 C CA  . PRO A 1 61 ? 3.721   4.163   -0.778  1.00 47.44 ? 78  PRO A CA  1 
ATOM   364 C C   . PRO A 1 61 ? 4.896   5.128   -0.749  1.00 43.97 ? 78  PRO A C   1 
ATOM   365 O O   . PRO A 1 61 ? 6.058   4.721   -0.796  1.00 45.09 ? 78  PRO A O   1 
ATOM   366 C CB  . PRO A 1 61 ? 3.467   3.539   0.601   1.00 45.34 ? 78  PRO A CB  1 
ATOM   367 C CG  . PRO A 1 61 ? 3.189   2.118   0.334   1.00 43.75 ? 78  PRO A CG  1 
ATOM   368 C CD  . PRO A 1 61 ? 3.976   1.747   -0.870  1.00 39.69 ? 78  PRO A CD  1 
ATOM   369 N N   . GLU A 1 62 ? 4.571   6.417   -0.655  1.00 43.71 ? 79  GLU A N   1 
ATOM   370 C CA  . GLU A 1 62 ? 5.583   7.453   -0.796  1.00 44.15 ? 79  GLU A CA  1 
ATOM   371 C C   . GLU A 1 62 ? 6.690   7.333   0.235   1.00 48.69 ? 79  GLU A C   1 
ATOM   372 O O   . GLU A 1 62 ? 7.801   7.819   -0.004  1.00 54.37 ? 79  GLU A O   1 
ATOM   373 C CB  . GLU A 1 62 ? 4.932   8.823   -0.705  1.00 51.58 ? 79  GLU A CB  1 
ATOM   374 C CG  . GLU A 1 62 ? 4.435   9.331   -2.038  1.00 54.79 ? 79  GLU A CG  1 
ATOM   375 C CD  . GLU A 1 62 ? 5.562   9.414   -3.034  1.00 57.83 ? 79  GLU A CD  1 
ATOM   376 O OE1 . GLU A 1 62 ? 6.405   10.335  -2.911  1.00 54.85 ? 79  GLU A OE1 1 
ATOM   377 O OE2 . GLU A 1 62 ? 5.622   8.528   -3.915  1.00 63.75 ? 79  GLU A OE2 1 
ATOM   378 N N   . LEU A 1 63 ? 6.416   6.701   1.381   1.00 41.61 ? 80  LEU A N   1 
ATOM   379 C CA  . LEU A 1 63 ? 7.455   6.489   2.389   1.00 45.62 ? 80  LEU A CA  1 
ATOM   380 C C   . LEU A 1 63 ? 8.684   5.837   1.789   1.00 48.68 ? 80  LEU A C   1 
ATOM   381 O O   . LEU A 1 63 ? 9.819   6.134   2.182   1.00 49.45 ? 80  LEU A O   1 
ATOM   382 C CB  . LEU A 1 63 ? 6.930   5.609   3.521   1.00 45.97 ? 80  LEU A CB  1 
ATOM   383 C CG  . LEU A 1 63 ? 6.079   6.303   4.569   1.00 43.27 ? 80  LEU A CG  1 
ATOM   384 C CD1 . LEU A 1 63 ? 5.444   5.281   5.449   1.00 44.76 ? 80  LEU A CD1 1 
ATOM   385 C CD2 . LEU A 1 63 ? 6.972   7.213   5.365   1.00 42.49 ? 80  LEU A CD2 1 
ATOM   386 N N   . PHE A 1 64 ? 8.469   4.935   0.840   1.00 50.43 ? 81  PHE A N   1 
ATOM   387 C CA  . PHE A 1 64 ? 9.551   4.146   0.298   1.00 46.32 ? 81  PHE A CA  1 
ATOM   388 C C   . PHE A 1 64 ? 10.472  4.974   -0.574  1.00 52.64 ? 81  PHE A C   1 
ATOM   389 O O   . PHE A 1 64 ? 11.641  4.607   -0.713  1.00 61.41 ? 81  PHE A O   1 
ATOM   390 C CB  . PHE A 1 64 ? 8.976   2.963   -0.467  1.00 45.98 ? 81  PHE A CB  1 
ATOM   391 C CG  . PHE A 1 64 ? 8.397   1.888   0.422   1.00 44.76 ? 81  PHE A CG  1 
ATOM   392 C CD1 . PHE A 1 64 ? 7.457   2.191   1.383   1.00 48.46 ? 81  PHE A CD1 1 
ATOM   393 C CD2 . PHE A 1 64 ? 8.775   0.565   0.272   1.00 51.80 ? 81  PHE A CD2 1 
ATOM   394 C CE1 . PHE A 1 64 ? 6.930   1.200   2.194   1.00 47.51 ? 81  PHE A CE1 1 
ATOM   395 C CE2 . PHE A 1 64 ? 8.241   -0.425  1.076   1.00 47.44 ? 81  PHE A CE2 1 
ATOM   396 C CZ  . PHE A 1 64 ? 7.314   -0.104  2.032   1.00 43.38 ? 81  PHE A CZ  1 
ATOM   397 N N   . ARG A 1 65 ? 9.997   6.092   -1.136  1.00 48.50 ? 82  ARG A N   1 
ATOM   398 C CA  . ARG A 1 65 ? 10.934  7.021   -1.763  1.00 52.18 ? 82  ARG A CA  1 
ATOM   399 C C   . ARG A 1 65 ? 12.074  7.366   -0.811  1.00 58.89 ? 82  ARG A C   1 
ATOM   400 O O   . ARG A 1 65 ? 13.217  7.529   -1.247  1.00 61.44 ? 82  ARG A O   1 
ATOM   401 C CB  . ARG A 1 65 ? 10.230  8.307   -2.209  1.00 53.37 ? 82  ARG A CB  1 
ATOM   402 C CG  . ARG A 1 65 ? 9.017   8.139   -3.138  1.00 66.09 ? 82  ARG A CG  1 
ATOM   403 C CD  . ARG A 1 65 ? 9.238   7.128   -4.268  1.00 66.01 ? 82  ARG A CD  1 
ATOM   404 N NE  . ARG A 1 65 ? 8.710   5.841   -3.869  1.00 63.99 ? 82  ARG A NE  1 
ATOM   405 C CZ  . ARG A 1 65 ? 8.261   4.918   -4.706  1.00 56.74 ? 82  ARG A CZ  1 
ATOM   406 N NH1 . ARG A 1 65 ? 8.269   5.138   -6.011  1.00 60.00 ? 82  ARG A NH1 1 
ATOM   407 N NH2 . ARG A 1 65 ? 7.803   3.769   -4.227  1.00 49.80 ? 82  ARG A NH2 1 
ATOM   408 N N   . ILE A 1 66 ? 11.796  7.438   0.492   1.00 53.25 ? 83  ILE A N   1 
ATOM   409 C CA  . ILE A 1 66 ? 12.842  7.730   1.470   1.00 53.76 ? 83  ILE A CA  1 
ATOM   410 C C   . ILE A 1 66 ? 13.477  6.447   2.006   1.00 56.40 ? 83  ILE A C   1 
ATOM   411 O O   . ILE A 1 66 ? 14.691  6.388   2.206   1.00 59.02 ? 83  ILE A O   1 
ATOM   412 C CB  . ILE A 1 66 ? 12.283  8.612   2.615   1.00 57.06 ? 83  ILE A CB  1 
ATOM   413 C CG1 . ILE A 1 66 ? 12.071  10.070  2.173   1.00 51.64 ? 83  ILE A CG1 1 
ATOM   414 C CG2 . ILE A 1 66 ? 13.248  8.635   3.779   1.00 53.52 ? 83  ILE A CG2 1 
ATOM   415 C CD1 . ILE A 1 66 ? 10.973  10.306  1.135   1.00 44.54 ? 83  ILE A CD1 1 
ATOM   416 N N   . PHE A 1 67 ? 12.691  5.390   2.242   1.00 60.30 ? 84  PHE A N   1 
ATOM   417 C CA  . PHE A 1 67 ? 13.255  4.183   2.853   1.00 56.20 ? 84  PHE A CA  1 
ATOM   418 C C   . PHE A 1 67 ? 14.269  3.525   1.923   1.00 63.23 ? 84  PHE A C   1 
ATOM   419 O O   . PHE A 1 67 ? 15.464  3.475   2.231   1.00 69.36 ? 84  PHE A O   1 
ATOM   420 C CB  . PHE A 1 67 ? 12.151  3.209   3.258   1.00 45.74 ? 84  PHE A CB  1 
ATOM   421 C CG  . PHE A 1 67 ? 11.290  3.710   4.392   1.00 50.39 ? 84  PHE A CG  1 
ATOM   422 C CD1 . PHE A 1 67 ? 11.650  4.847   5.107   1.00 55.21 ? 84  PHE A CD1 1 
ATOM   423 C CD2 . PHE A 1 67 ? 10.132  3.041   4.755   1.00 48.17 ? 84  PHE A CD2 1 
ATOM   424 C CE1 . PHE A 1 67 ? 10.860  5.319   6.169   1.00 50.09 ? 84  PHE A CE1 1 
ATOM   425 C CE2 . PHE A 1 67 ? 9.343   3.499   5.810   1.00 51.31 ? 84  PHE A CE2 1 
ATOM   426 C CZ  . PHE A 1 67 ? 9.709   4.646   6.520   1.00 50.63 ? 84  PHE A CZ  1 
ATOM   427 N N   . ASN A 1 68 ? 13.835  3.051   0.755   1.00 60.20 ? 85  ASN A N   1 
ATOM   428 C CA  . ASN A 1 68 ? 14.806  2.627   -0.251  1.00 61.66 ? 85  ASN A CA  1 
ATOM   429 C C   . ASN A 1 68 ? 14.794  3.604   -1.420  1.00 58.10 ? 85  ASN A C   1 
ATOM   430 O O   . ASN A 1 68 ? 14.061  3.416   -2.402  1.00 59.06 ? 85  ASN A O   1 
ATOM   431 C CB  . ASN A 1 68 ? 14.574  1.190   -0.736  1.00 66.55 ? 85  ASN A CB  1 
ATOM   432 C CG  . ASN A 1 68 ? 13.124  0.904   -1.141  1.00 65.69 ? 85  ASN A CG  1 
ATOM   433 O OD1 . ASN A 1 68 ? 12.225  1.744   -1.008  1.00 66.71 ? 85  ASN A OD1 1 
ATOM   434 N ND2 . ASN A 1 68 ? 12.906  -0.292  -1.665  1.00 54.16 ? 85  ASN A ND2 1 
ATOM   435 N N   . PRO A 1 69 ? 15.585  4.677   -1.350  1.00 60.16 ? 86  PRO A N   1 
ATOM   436 C CA  . PRO A 1 69 ? 15.602  5.635   -2.475  1.00 60.07 ? 86  PRO A CA  1 
ATOM   437 C C   . PRO A 1 69 ? 15.852  4.989   -3.822  1.00 58.11 ? 86  PRO A C   1 
ATOM   438 O O   . PRO A 1 69 ? 15.216  5.356   -4.816  1.00 60.52 ? 86  PRO A O   1 
ATOM   439 C CB  . PRO A 1 69 ? 16.748  6.602   -2.119  1.00 64.92 ? 86  PRO A CB  1 
ATOM   440 C CG  . PRO A 1 69 ? 17.090  6.340   -0.679  1.00 64.70 ? 86  PRO A CG  1 
ATOM   441 C CD  . PRO A 1 69 ? 16.312  5.166   -0.167  1.00 60.18 ? 86  PRO A CD  1 
ATOM   442 N N   . ASP A 1 70 ? 16.756  4.018   -3.881  1.00 64.12 ? 87  ASP A N   1 
ATOM   443 C CA  . ASP A 1 70 ? 17.238  3.501   -5.156  1.00 62.89 ? 87  ASP A CA  1 
ATOM   444 C C   . ASP A 1 70 ? 16.332  2.427   -5.745  1.00 51.65 ? 87  ASP A C   1 
ATOM   445 O O   . ASP A 1 70 ? 16.785  1.620   -6.560  1.00 55.61 ? 87  ASP A O   1 
ATOM   446 C CB  . ASP A 1 70 ? 18.670  2.968   -5.002  1.00 65.63 ? 87  ASP A CB  1 
ATOM   447 C CG  . ASP A 1 70 ? 19.622  3.997   -4.382  1.00 70.52 ? 87  ASP A CG  1 
ATOM   448 O OD1 . ASP A 1 70 ? 19.671  5.138   -4.896  1.00 70.37 ? 87  ASP A OD1 1 
ATOM   449 O OD2 . ASP A 1 70 ? 20.316  3.668   -3.388  1.00 64.31 ? 87  ASP A OD2 1 
ATOM   450 N N   . GLN A 1 71 ? 15.065  2.385   -5.364  1.00 48.02 ? 88  GLN A N   1 
ATOM   451 C CA  . GLN A 1 71 ? 14.127  1.442   -5.957  1.00 53.02 ? 88  GLN A CA  1 
ATOM   452 C C   . GLN A 1 71 ? 12.794  2.144   -6.145  1.00 50.68 ? 88  GLN A C   1 
ATOM   453 O O   . GLN A 1 71 ? 12.215  2.646   -5.174  1.00 54.20 ? 88  GLN A O   1 
ATOM   454 C CB  . GLN A 1 71 ? 13.973  0.193   -5.090  1.00 53.00 ? 88  GLN A CB  1 
ATOM   455 C CG  . GLN A 1 71 ? 15.156  -0.741  -5.180  1.00 51.49 ? 88  GLN A CG  1 
ATOM   456 C CD  . GLN A 1 71 ? 14.982  -1.971  -4.327  1.00 62.11 ? 88  GLN A CD  1 
ATOM   457 O OE1 . GLN A 1 71 ? 14.019  -2.078  -3.575  1.00 66.44 ? 88  GLN A OE1 1 
ATOM   458 N NE2 . GLN A 1 71 ? 15.918  -2.907  -4.431  1.00 67.66 ? 88  GLN A NE2 1 
ATOM   459 N N   . ASP A 1 72 ? 12.318  2.171   -7.403  1.00 44.32 ? 89  ASP A N   1 
ATOM   460 C CA  . ASP A 1 72 ? 11.140  2.958   -7.763  1.00 43.47 ? 89  ASP A CA  1 
ATOM   461 C C   . ASP A 1 72 ? 10.311  2.342   -8.891  1.00 39.28 ? 89  ASP A C   1 
ATOM   462 O O   . ASP A 1 72 ? 9.581   3.074   -9.568  1.00 45.93 ? 89  ASP A O   1 
ATOM   463 C CB  . ASP A 1 72 ? 11.574  4.356   -8.187  1.00 44.04 ? 89  ASP A CB  1 
ATOM   464 C CG  . ASP A 1 72 ? 12.504  4.332   -9.390  1.00 42.38 ? 89  ASP A CG  1 
ATOM   465 O OD1 . ASP A 1 72 ? 13.062  3.264   -9.681  1.00 45.41 ? 89  ASP A OD1 1 
ATOM   466 O OD2 . ASP A 1 72 ? 12.686  5.370   -10.054 1.00 47.11 ? 89  ASP A OD2 1 
ATOM   467 N N   . MET A 1 73 ? 10.412  1.038   -9.132  1.00 39.36 ? 90  MET A N   1 
ATOM   468 C CA  . MET A 1 73 ? 9.690   0.358   -10.200 1.00 43.16 ? 90  MET A CA  1 
ATOM   469 C C   . MET A 1 73 ? 8.423   -0.330  -9.704  1.00 42.48 ? 90  MET A C   1 
ATOM   470 O O   . MET A 1 73 ? 7.783   -1.053  -10.473 1.00 44.37 ? 90  MET A O   1 
ATOM   471 C CB  . MET A 1 73 ? 10.598  -0.683  -10.888 1.00 43.36 ? 90  MET A CB  1 
ATOM   472 C CG  . MET A 1 73 ? 11.811  -0.135  -11.627 1.00 38.16 ? 90  MET A CG  1 
ATOM   473 S SD  . MET A 1 73 ? 11.305  0.816   -13.087 1.00 46.37 ? 90  MET A SD  1 
ATOM   474 C CE  . MET A 1 73 ? 10.798  -0.474  -14.212 1.00 45.86 ? 90  MET A CE  1 
ATOM   475 N N   . GLY A 1 74 ? 8.053   -0.132  -8.443  1.00 35.73 ? 91  GLY A N   1 
ATOM   476 C CA  . GLY A 1 74 ? 6.930   -0.861  -7.884  1.00 34.66 ? 91  GLY A CA  1 
ATOM   477 C C   . GLY A 1 74 ? 5.608   -0.287  -8.351  1.00 37.03 ? 91  GLY A C   1 
ATOM   478 O O   . GLY A 1 74 ? 5.358   0.918   -8.233  1.00 40.48 ? 91  GLY A O   1 
ATOM   479 N N   . VAL A 1 75 ? 4.753   -1.153  -8.883  1.00 34.25 ? 92  VAL A N   1 
ATOM   480 C CA  . VAL A 1 75 ? 3.416   -0.787  -9.325  1.00 39.98 ? 92  VAL A CA  1 
ATOM   481 C C   . VAL A 1 75 ? 2.435   -1.766  -8.695  1.00 36.52 ? 92  VAL A C   1 
ATOM   482 O O   . VAL A 1 75 ? 2.745   -2.944  -8.498  1.00 40.32 ? 92  VAL A O   1 
ATOM   483 C CB  . VAL A 1 75 ? 3.281   -0.802  -10.874 1.00 40.75 ? 92  VAL A CB  1 
ATOM   484 C CG1 . VAL A 1 75 ? 1.907   -0.321  -11.305 1.00 35.89 ? 92  VAL A CG1 1 
ATOM   485 C CG2 . VAL A 1 75 ? 4.361   0.038   -11.518 1.00 42.31 ? 92  VAL A CG2 1 
ATOM   486 N N   . VAL A 1 76 ? 1.255   -1.268  -8.362  1.00 33.02 ? 93  VAL A N   1 
ATOM   487 C CA  . VAL A 1 76 ? 0.157   -2.096  -7.891  1.00 33.89 ? 93  VAL A CA  1 
ATOM   488 C C   . VAL A 1 76 ? -1.086  -1.698  -8.682  1.00 37.46 ? 93  VAL A C   1 
ATOM   489 O O   . VAL A 1 76 ? -1.342  -0.505  -8.882  1.00 38.50 ? 93  VAL A O   1 
ATOM   490 C CB  . VAL A 1 76 ? -0.066  -1.936  -6.374  1.00 33.44 ? 93  VAL A CB  1 
ATOM   491 C CG1 . VAL A 1 76 ? -1.133  -2.895  -5.886  1.00 34.50 ? 93  VAL A CG1 1 
ATOM   492 C CG2 . VAL A 1 76 ? 1.227   -2.193  -5.611  1.00 32.78 ? 93  VAL A CG2 1 
ATOM   493 N N   . SER A 1 77 ? -1.839  -2.697  -9.159  1.00 39.73 ? 94  SER A N   1 
ATOM   494 C CA  . SER A 1 77 ? -3.023  -2.474  -9.990  1.00 40.50 ? 94  SER A CA  1 
ATOM   495 C C   . SER A 1 77 ? -4.273  -3.015  -9.307  1.00 40.78 ? 94  SER A C   1 
ATOM   496 O O   . SER A 1 77 ? -4.199  -3.918  -8.463  1.00 39.18 ? 94  SER A O   1 
ATOM   497 C CB  . SER A 1 77 ? -2.882  -3.131  -11.375 1.00 35.05 ? 94  SER A CB  1 
ATOM   498 O OG  . SER A 1 77 ? -2.827  -4.546  -11.276 1.00 32.63 ? 94  SER A OG  1 
ATOM   499 N N   . ARG A 1 78 ? -5.420  -2.423  -9.664  1.00 42.11 ? 95  ARG A N   1 
ATOM   500 C CA  . ARG A 1 78 ? -6.743  -2.963  -9.367  1.00 39.46 ? 95  ARG A CA  1 
ATOM   501 C C   . ARG A 1 78 ? -7.630  -2.736  -10.571 1.00 40.34 ? 95  ARG A C   1 
ATOM   502 O O   . ARG A 1 78 ? -7.522  -1.711  -11.246 1.00 40.94 ? 95  ARG A O   1 
ATOM   503 C CB  . ARG A 1 78 ? -7.435  -2.321  -8.156  1.00 36.80 ? 95  ARG A CB  1 
ATOM   504 C CG  . ARG A 1 78 ? -6.728  -2.463  -6.849  1.00 35.56 ? 95  ARG A CG  1 
ATOM   505 C CD  . ARG A 1 78 ? -7.537  -1.912  -5.695  1.00 36.38 ? 95  ARG A CD  1 
ATOM   506 N NE  . ARG A 1 78 ? -6.865  -2.152  -4.418  1.00 41.77 ? 95  ARG A NE  1 
ATOM   507 C CZ  . ARG A 1 78 ? -7.326  -2.956  -3.463  1.00 36.84 ? 95  ARG A CZ  1 
ATOM   508 N NH1 . ARG A 1 78 ? -6.643  -3.107  -2.331  1.00 43.18 ? 95  ARG A NH1 1 
ATOM   509 N NH2 . ARG A 1 78 ? -8.465  -3.616  -3.626  1.00 34.68 ? 95  ARG A NH2 1 
ATOM   510 N N   . ASN A 1 79 ? -8.500  -3.699  -10.831 1.00 45.46 ? 96  ASN A N   1 
ATOM   511 C CA  . ASN A 1 79 ? -9.544  -3.536  -11.825 1.00 44.56 ? 96  ASN A CA  1 
ATOM   512 C C   . ASN A 1 79 ? -10.837 -3.159  -11.132 1.00 44.70 ? 96  ASN A C   1 
ATOM   513 O O   . ASN A 1 79 ? -11.122 -3.633  -10.028 1.00 44.26 ? 96  ASN A O   1 
ATOM   514 C CB  . ASN A 1 79 ? -9.744  -4.812  -12.629 1.00 44.28 ? 96  ASN A CB  1 
ATOM   515 C CG  . ASN A 1 79 ? -8.569  -5.125  -13.480 1.00 45.59 ? 96  ASN A CG  1 
ATOM   516 O OD1 . ASN A 1 79 ? -8.210  -6.284  -13.669 1.00 53.85 ? 96  ASN A OD1 1 
ATOM   517 N ND2 . ASN A 1 79 ? -7.925  -4.085  -13.985 1.00 52.77 ? 96  ASN A ND2 1 
ATOM   518 N N   . CYS A 1 80 ? -11.598 -2.287  -11.775 1.00 42.65 ? 97  CYS A N   1 
ATOM   519 C CA  . CYS A 1 80 ? -12.961 -2.008  -11.369 1.00 50.80 ? 97  CYS A CA  1 
ATOM   520 C C   . CYS A 1 80 ? -13.899 -2.874  -12.193 1.00 52.61 ? 97  CYS A C   1 
ATOM   521 O O   . CYS A 1 80 ? -13.984 -2.703  -13.414 1.00 54.12 ? 97  CYS A O   1 
ATOM   522 C CB  . CYS A 1 80 ? -13.310 -0.537  -11.563 1.00 55.51 ? 97  CYS A CB  1 
ATOM   523 S SG  . CYS A 1 80 ? -15.029 -0.261  -11.161 1.00 57.48 ? 97  CYS A SG  1 
ATOM   524 N N   . THR A 1 81 ? -14.608 -3.786  -11.533 1.00 53.39 ? 98  THR A N   1 
ATOM   525 C CA  . THR A 1 81 ? -15.534 -4.687  -12.208 1.00 60.48 ? 98  THR A CA  1 
ATOM   526 C C   . THR A 1 81 ? -16.953 -4.470  -11.699 1.00 57.98 ? 98  THR A C   1 
ATOM   527 O O   . THR A 1 81 ? -17.186 -3.728  -10.741 1.00 58.20 ? 98  THR A O   1 
ATOM   528 C CB  . THR A 1 81 ? -15.135 -6.154  -12.001 1.00 61.43 ? 98  THR A CB  1 
ATOM   529 O OG1 . THR A 1 81 ? -15.516 -6.576  -10.679 1.00 56.46 ? 98  THR A OG1 1 
ATOM   530 C CG2 . THR A 1 81 ? -13.618 -6.327  -12.196 1.00 55.79 ? 98  THR A CG2 1 
ATOM   531 N N   . GLU A 1 82 ? -17.904 -5.140  -12.356 1.00 54.38 ? 99  GLU A N   1 
ATOM   532 C CA  . GLU A 1 82 ? -19.276 -5.178  -11.855 1.00 59.27 ? 99  GLU A CA  1 
ATOM   533 C C   . GLU A 1 82 ? -19.306 -5.532  -10.378 1.00 57.83 ? 99  GLU A C   1 
ATOM   534 O O   . GLU A 1 82 ? -20.147 -5.027  -9.623  1.00 55.80 ? 99  GLU A O   1 
ATOM   535 C CB  . GLU A 1 82 ? -20.108 -6.189  -12.655 1.00 65.78 ? 99  GLU A CB  1 
ATOM   536 C CG  . GLU A 1 82 ? -21.380 -6.728  -11.931 1.00 68.70 ? 99  GLU A CG  1 
ATOM   537 C CD  . GLU A 1 82 ? -22.652 -5.873  -12.164 1.00 75.59 ? 99  GLU A CD  1 
ATOM   538 O OE1 . GLU A 1 82 ? -22.540 -4.620  -12.208 1.00 75.40 ? 99  GLU A OE1 1 
ATOM   539 O OE2 . GLU A 1 82 ? -23.767 -6.459  -12.295 1.00 63.80 ? 99  GLU A OE2 1 
ATOM   540 N N   . ASP A 1 83 ? -18.379 -6.386  -9.947  1.00 56.98 ? 100 ASP A N   1 
ATOM   541 C CA  . ASP A 1 83 ? -18.313 -6.857  -8.571  1.00 60.30 ? 100 ASP A CA  1 
ATOM   542 C C   . ASP A 1 83 ? -17.414 -5.986  -7.691  1.00 56.80 ? 100 ASP A C   1 
ATOM   543 O O   . ASP A 1 83 ? -16.891 -6.476  -6.679  1.00 59.90 ? 100 ASP A O   1 
ATOM   544 C CB  . ASP A 1 83 ? -17.858 -8.323  -8.552  1.00 55.79 ? 100 ASP A CB  1 
ATOM   545 C CG  . ASP A 1 83 ? -18.835 -9.249  -9.288  1.00 61.09 ? 100 ASP A CG  1 
ATOM   546 O OD1 . ASP A 1 83 ? -19.766 -8.740  -9.956  1.00 65.53 ? 100 ASP A OD1 1 
ATOM   547 O OD2 . ASP A 1 83 ? -18.683 -10.486 -9.206  1.00 60.00 ? 100 ASP A OD2 1 
ATOM   548 N N   . GLY A 1 84 ? -17.237 -4.706  -8.048  1.00 54.35 ? 101 GLY A N   1 
ATOM   549 C CA  . GLY A 1 84 ? -16.389 -3.797  -7.297  1.00 59.64 ? 101 GLY A CA  1 
ATOM   550 C C   . GLY A 1 84 ? -14.903 -3.938  -7.615  1.00 60.88 ? 101 GLY A C   1 
ATOM   551 O O   . GLY A 1 84 ? -14.484 -4.598  -8.586  1.00 54.69 ? 101 GLY A O   1 
ATOM   552 N N   . TRP A 1 85 ? -14.096 -3.290  -6.763  1.00 55.06 ? 102 TRP A N   1 
ATOM   553 C CA  . TRP A 1 85 ? -12.640 -3.333  -6.891  1.00 48.67 ? 102 TRP A CA  1 
ATOM   554 C C   . TRP A 1 85 ? -12.144 -4.766  -6.801  1.00 43.61 ? 102 TRP A C   1 
ATOM   555 O O   . TRP A 1 85 ? -12.684 -5.575  -6.052  1.00 46.14 ? 102 TRP A O   1 
ATOM   556 C CB  . TRP A 1 85 ? -11.955 -2.493  -5.793  1.00 45.21 ? 102 TRP A CB  1 
ATOM   557 C CG  . TRP A 1 85 ? -12.021 -0.997  -5.996  1.00 45.61 ? 102 TRP A CG  1 
ATOM   558 C CD1 . TRP A 1 85 ? -12.740 -0.107  -5.261  1.00 47.23 ? 102 TRP A CD1 1 
ATOM   559 C CD2 . TRP A 1 85 ? -11.350 -0.229  -7.009  1.00 42.87 ? 102 TRP A CD2 1 
ATOM   560 N NE1 . TRP A 1 85 ? -12.564 1.166   -5.751  1.00 44.44 ? 102 TRP A NE1 1 
ATOM   561 C CE2 . TRP A 1 85 ? -11.714 1.117   -6.824  1.00 43.83 ? 102 TRP A CE2 1 
ATOM   562 C CE3 . TRP A 1 85 ? -10.484 -0.554  -8.059  1.00 42.04 ? 102 TRP A CE3 1 
ATOM   563 C CZ2 . TRP A 1 85 ? -11.240 2.141   -7.643  1.00 48.96 ? 102 TRP A CZ2 1 
ATOM   564 C CZ3 . TRP A 1 85 ? -10.007 0.464   -8.869  1.00 41.48 ? 102 TRP A CZ3 1 
ATOM   565 C CH2 . TRP A 1 85 ? -10.384 1.793   -8.656  1.00 46.14 ? 102 TRP A CH2 1 
ATOM   566 N N   . SER A 1 86 ? -11.106 -5.075  -7.565  1.00 38.74 ? 103 SER A N   1 
ATOM   567 C CA  . SER A 1 86 ? -10.430 -6.352  -7.450  1.00 34.50 ? 103 SER A CA  1 
ATOM   568 C C   . SER A 1 86 ? -9.336  -6.282  -6.388  1.00 36.83 ? 103 SER A C   1 
ATOM   569 O O   . SER A 1 86 ? -8.948  -5.208  -5.935  1.00 42.75 ? 103 SER A O   1 
ATOM   570 C CB  . SER A 1 86 ? -9.821  -6.738  -8.785  1.00 38.02 ? 103 SER A CB  1 
ATOM   571 O OG  . SER A 1 86 ? -8.992  -5.686  -9.254  1.00 41.45 ? 103 SER A OG  1 
ATOM   572 N N   . GLU A 1 87 ? -8.832  -7.448  -5.997  1.00 35.05 ? 104 GLU A N   1 
ATOM   573 C CA  . GLU A 1 87 ? -7.612  -7.547  -5.208  1.00 40.24 ? 104 GLU A CA  1 
ATOM   574 C C   . GLU A 1 87 ? -6.515  -6.676  -5.806  1.00 40.95 ? 104 GLU A C   1 
ATOM   575 O O   . GLU A 1 87 ? -6.545  -6.363  -7.002  1.00 35.97 ? 104 GLU A O   1 
ATOM   576 C CB  . GLU A 1 87 ? -7.092  -8.992  -5.147  1.00 43.86 ? 104 GLU A CB  1 
ATOM   577 C CG  . GLU A 1 87 ? -7.890  -9.967  -4.289  1.00 51.66 ? 104 GLU A CG  1 
ATOM   578 C CD  . GLU A 1 87 ? -7.641  -9.793  -2.793  1.00 58.61 ? 104 GLU A CD  1 
ATOM   579 O OE1 . GLU A 1 87 ? -8.040  -10.683 -2.016  1.00 67.40 ? 104 GLU A OE1 1 
ATOM   580 O OE2 . GLU A 1 87 ? -7.060  -8.766  -2.382  1.00 57.27 ? 104 GLU A OE2 1 
ATOM   581 N N   . PRO A 1 88 ? -5.525  -6.281  -5.016  1.00 38.47 ? 105 PRO A N   1 
ATOM   582 C CA  . PRO A 1 88 ? -4.331  -5.678  -5.608  1.00 32.43 ? 105 PRO A CA  1 
ATOM   583 C C   . PRO A 1 88 ? -3.699  -6.647  -6.589  1.00 33.74 ? 105 PRO A C   1 
ATOM   584 O O   . PRO A 1 88 ? -3.689  -7.860  -6.372  1.00 34.21 ? 105 PRO A O   1 
ATOM   585 C CB  . PRO A 1 88 ? -3.407  -5.446  -4.404  1.00 33.52 ? 105 PRO A CB  1 
ATOM   586 C CG  . PRO A 1 88 ? -4.257  -5.633  -3.183  1.00 37.44 ? 105 PRO A CG  1 
ATOM   587 C CD  . PRO A 1 88 ? -5.403  -6.501  -3.564  1.00 32.65 ? 105 PRO A CD  1 
ATOM   588 N N   . PHE A 1 89 ? -3.152  -6.113  -7.681  1.00 33.52 ? 106 PHE A N   1 
ATOM   589 C CA  . PHE A 1 89 ? -2.223  -6.971  -8.410  1.00 35.99 ? 106 PHE A CA  1 
ATOM   590 C C   . PHE A 1 89 ? -0.983  -6.183  -8.841  1.00 36.81 ? 106 PHE A C   1 
ATOM   591 O O   . PHE A 1 89 ? -1.110  -5.190  -9.568  1.00 36.10 ? 106 PHE A O   1 
ATOM   592 C CB  . PHE A 1 89 ? -2.879  -7.628  -9.637  1.00 40.48 ? 106 PHE A CB  1 
ATOM   593 C CG  . PHE A 1 89 ? -1.899  -8.403  -10.466 1.00 38.55 ? 106 PHE A CG  1 
ATOM   594 C CD1 . PHE A 1 89 ? -1.137  -7.777  -11.450 1.00 36.49 ? 106 PHE A CD1 1 
ATOM   595 C CD2 . PHE A 1 89 ? -1.665  -9.725  -10.197 1.00 34.42 ? 106 PHE A CD2 1 
ATOM   596 C CE1 . PHE A 1 89 ? -0.187  -8.481  -12.147 1.00 37.05 ? 106 PHE A CE1 1 
ATOM   597 C CE2 . PHE A 1 89 ? -0.724  -10.419 -10.901 1.00 36.87 ? 106 PHE A CE2 1 
ATOM   598 C CZ  . PHE A 1 89 ? 0.016   -9.802  -11.871 1.00 30.17 ? 106 PHE A CZ  1 
ATOM   599 N N   . PRO A 1 90 ? 0.236   -6.594  -8.422  1.00 36.32 ? 107 PRO A N   1 
ATOM   600 C CA  . PRO A 1 90 ? 0.461   -7.688  -7.468  1.00 33.81 ? 107 PRO A CA  1 
ATOM   601 C C   . PRO A 1 90 ? 0.069   -7.275  -6.058  1.00 32.53 ? 107 PRO A C   1 
ATOM   602 O O   . PRO A 1 90 ? -0.273  -6.107  -5.835  1.00 32.51 ? 107 PRO A O   1 
ATOM   603 C CB  . PRO A 1 90 ? 1.981   -7.932  -7.534  1.00 32.34 ? 107 PRO A CB  1 
ATOM   604 C CG  . PRO A 1 90 ? 2.507   -7.030  -8.596  1.00 35.74 ? 107 PRO A CG  1 
ATOM   605 C CD  . PRO A 1 90 ? 1.500   -5.920  -8.750  1.00 37.08 ? 107 PRO A CD  1 
ATOM   606 N N   . HIS A 1 91 ? 0.119   -8.220  -5.125  1.00 30.74 ? 108 HIS A N   1 
ATOM   607 C CA  . HIS A 1 91 ? -0.077  -7.893  -3.725  1.00 28.52 ? 108 HIS A CA  1 
ATOM   608 C C   . HIS A 1 91 ? 1.025   -6.966  -3.254  1.00 28.52 ? 108 HIS A C   1 
ATOM   609 O O   . HIS A 1 91 ? 2.152   -7.004  -3.753  1.00 27.73 ? 108 HIS A O   1 
ATOM   610 C CB  . HIS A 1 91 ? -0.075  -9.149  -2.872  1.00 29.97 ? 108 HIS A CB  1 
ATOM   611 C CG  . HIS A 1 91 ? -1.379  -9.869  -2.868  1.00 31.12 ? 108 HIS A CG  1 
ATOM   612 N ND1 . HIS A 1 91 ? -2.554  -9.280  -2.443  1.00 30.59 ? 108 HIS A ND1 1 
ATOM   613 C CD2 . HIS A 1 91 ? -1.701  -11.133 -3.221  1.00 25.90 ? 108 HIS A CD2 1 
ATOM   614 C CE1 . HIS A 1 91 ? -3.534  -10.149 -2.533  1.00 28.76 ? 108 HIS A CE1 1 
ATOM   615 N NE2 . HIS A 1 91 ? -3.040  -11.286 -3.003  1.00 35.69 ? 108 HIS A NE2 1 
ATOM   616 N N   . TYR A 1 92 ? 0.685   -6.117  -2.286  1.00 28.85 ? 109 TYR A N   1 
ATOM   617 C CA  . TYR A 1 92 ? 1.649   -5.134  -1.821  1.00 31.35 ? 109 TYR A CA  1 
ATOM   618 C C   . TYR A 1 92 ? 2.929   -5.795  -1.339  1.00 31.89 ? 109 TYR A C   1 
ATOM   619 O O   . TYR A 1 92 ? 4.006   -5.211  -1.466  1.00 34.24 ? 109 TYR A O   1 
ATOM   620 C CB  . TYR A 1 92 ? 1.041   -4.298  -0.712  1.00 31.97 ? 109 TYR A CB  1 
ATOM   621 C CG  . TYR A 1 92 ? 0.113   -3.210  -1.200  1.00 35.63 ? 109 TYR A CG  1 
ATOM   622 C CD1 . TYR A 1 92 ? 0.604   -2.071  -1.830  1.00 33.91 ? 109 TYR A CD1 1 
ATOM   623 C CD2 . TYR A 1 92 ? -1.257  -3.317  -1.009  1.00 34.31 ? 109 TYR A CD2 1 
ATOM   624 C CE1 . TYR A 1 92 ? -0.249  -1.084  -2.257  1.00 35.80 ? 109 TYR A CE1 1 
ATOM   625 C CE2 . TYR A 1 92 ? -2.111  -2.331  -1.427  1.00 33.54 ? 109 TYR A CE2 1 
ATOM   626 C CZ  . TYR A 1 92 ? -1.609  -1.220  -2.050  1.00 35.84 ? 109 TYR A CZ  1 
ATOM   627 O OH  . TYR A 1 92 ? -2.481  -0.231  -2.456  1.00 37.80 ? 109 TYR A OH  1 
ATOM   628 N N   . PHE A 1 93 ? 2.842   -7.016  -0.810  1.00 29.04 ? 110 PHE A N   1 
ATOM   629 C CA  . PHE A 1 93 ? 4.057   -7.702  -0.389  1.00 31.16 ? 110 PHE A CA  1 
ATOM   630 C C   . PHE A 1 93 ? 4.958   -8.013  -1.568  1.00 32.14 ? 110 PHE A C   1 
ATOM   631 O O   . PHE A 1 93 ? 6.178   -7.852  -1.479  1.00 38.26 ? 110 PHE A O   1 
ATOM   632 C CB  . PHE A 1 93 ? 3.712   -8.978  0.367   1.00 31.65 ? 110 PHE A CB  1 
ATOM   633 C CG  . PHE A 1 93 ? 3.693   -8.798  1.852   1.00 35.11 ? 110 PHE A CG  1 
ATOM   634 C CD1 . PHE A 1 93 ? 4.782   -8.262  2.497   1.00 30.13 ? 110 PHE A CD1 1 
ATOM   635 C CD2 . PHE A 1 93 ? 2.593   -9.153  2.601   1.00 32.73 ? 110 PHE A CD2 1 
ATOM   636 C CE1 . PHE A 1 93 ? 4.773   -8.089  3.833   1.00 26.38 ? 110 PHE A CE1 1 
ATOM   637 C CE2 . PHE A 1 93 ? 2.598   -8.978  3.957   1.00 29.62 ? 110 PHE A CE2 1 
ATOM   638 C CZ  . PHE A 1 93 ? 3.688   -8.448  4.561   1.00 27.78 ? 110 PHE A CZ  1 
ATOM   639 N N   . ASP A 1 94 ? 4.375   -8.455  -2.678  1.00 34.80 ? 111 ASP A N   1 
ATOM   640 C CA  . ASP A 1 94 ? 5.139   -8.847  -3.849  1.00 33.92 ? 111 ASP A CA  1 
ATOM   641 C C   . ASP A 1 94 ? 5.617   -7.671  -4.690  1.00 33.35 ? 111 ASP A C   1 
ATOM   642 O O   . ASP A 1 94 ? 6.506   -7.853  -5.518  1.00 44.94 ? 111 ASP A O   1 
ATOM   643 C CB  . ASP A 1 94 ? 4.295   -9.758  -4.728  1.00 32.12 ? 111 ASP A CB  1 
ATOM   644 C CG  . ASP A 1 94 ? 3.919   -11.040 -4.051  1.00 36.46 ? 111 ASP A CG  1 
ATOM   645 O OD1 . ASP A 1 94 ? 4.784   -11.716 -3.454  1.00 41.66 ? 111 ASP A OD1 1 
ATOM   646 O OD2 . ASP A 1 94 ? 2.729   -11.379 -4.128  1.00 48.25 ? 111 ASP A OD2 1 
ATOM   647 N N   . ALA A 1 95 ? 5.024   -6.492  -4.543  1.00 35.52 ? 112 ALA A N   1 
ATOM   648 C CA  . ALA A 1 95 ? 5.399   -5.343  -5.350  1.00 34.19 ? 112 ALA A CA  1 
ATOM   649 C C   . ALA A 1 95 ? 6.122   -4.264  -4.562  1.00 37.99 ? 112 ALA A C   1 
ATOM   650 O O   . ALA A 1 95 ? 6.833   -3.458  -5.166  1.00 40.71 ? 112 ALA A O   1 
ATOM   651 C CB  . ALA A 1 95 ? 4.160   -4.724  -6.012  1.00 28.11 ? 112 ALA A CB  1 
ATOM   652 N N   . CYS A 1 96 ? 5.953   -4.219  -3.245  1.00 37.85 ? 113 CYS A N   1 
ATOM   653 C CA  . CYS A 1 96 ? 6.513   -3.148  -2.436  1.00 43.20 ? 113 CYS A CA  1 
ATOM   654 C C   . CYS A 1 96 ? 7.337   -3.633  -1.257  1.00 44.76 ? 113 CYS A C   1 
ATOM   655 O O   . CYS A 1 96 ? 8.077   -2.832  -0.675  1.00 48.85 ? 113 CYS A O   1 
ATOM   656 C CB  . CYS A 1 96 ? 5.399   -2.224  -1.924  1.00 40.54 ? 113 CYS A CB  1 
ATOM   657 S SG  . CYS A 1 96 ? 4.463   -1.459  -3.247  1.00 47.22 ? 113 CYS A SG  1 
ATOM   658 N N   . GLY A 1 97 ? 7.238   -4.899  -0.891  1.00 41.16 ? 114 GLY A N   1 
ATOM   659 C CA  . GLY A 1 97 ? 8.177   -5.495  0.029   1.00 51.03 ? 114 GLY A CA  1 
ATOM   660 C C   . GLY A 1 97 ? 9.456   -5.816  -0.709  1.00 58.23 ? 114 GLY A C   1 
ATOM   661 O O   . GLY A 1 97 ? 9.710   -5.328  -1.813  1.00 55.17 ? 114 GLY A O   1 
ATOM   662 N N   . PHE A 1 98 ? 10.265  -6.670  -0.092  1.00 61.25 ? 115 PHE A N   1 
ATOM   663 C CA  . PHE A 1 98 ? 11.563  -7.001  -0.646  1.00 60.06 ? 115 PHE A CA  1 
ATOM   664 C C   . PHE A 1 98 ? 11.745  -8.523  -0.629  1.00 64.46 ? 115 PHE A C   1 
ATOM   665 O O   . PHE A 1 98 ? 11.222  -9.216  0.256   1.00 54.12 ? 115 PHE A O   1 
ATOM   666 C CB  . PHE A 1 98 ? 12.675  -6.301  0.147   1.00 63.51 ? 115 PHE A CB  1 
ATOM   667 C CG  . PHE A 1 98 ? 12.354  -4.869  0.547   1.00 57.39 ? 115 PHE A CG  1 
ATOM   668 C CD1 . PHE A 1 98 ? 11.481  -4.589  1.601   1.00 56.72 ? 115 PHE A CD1 1 
ATOM   669 C CD2 . PHE A 1 98 ? 12.957  -3.809  -0.097  1.00 55.20 ? 115 PHE A CD2 1 
ATOM   670 C CE1 . PHE A 1 98 ? 11.187  -3.278  1.979   1.00 50.82 ? 115 PHE A CE1 1 
ATOM   671 C CE2 . PHE A 1 98 ? 12.677  -2.504  0.287   1.00 61.12 ? 115 PHE A CE2 1 
ATOM   672 C CZ  . PHE A 1 98 ? 11.782  -2.240  1.324   1.00 56.87 ? 115 PHE A CZ  1 
ATOM   673 N N   . CYS B 2 1  ? -7.665  -10.416 8.645   1.00 52.19 ? 1   CYS B N   1 
ATOM   674 C CA  . CYS B 2 1  ? -6.608  -9.473  8.285   1.00 46.39 ? 1   CYS B CA  1 
ATOM   675 C C   . CYS B 2 1  ? -5.849  -10.014 7.078   1.00 43.90 ? 1   CYS B C   1 
ATOM   676 O O   . CYS B 2 1  ? -5.074  -10.975 7.183   1.00 47.75 ? 1   CYS B O   1 
ATOM   677 C CB  . CYS B 2 1  ? -5.680  -9.228  9.481   1.00 44.68 ? 1   CYS B CB  1 
ATOM   678 S SG  . CYS B 2 1  ? -4.255  -8.093  9.238   1.00 50.95 ? 1   CYS B SG  1 
ATOM   679 N N   . ASP B 2 2  ? -6.086  -9.394  5.926   1.00 40.03 ? 2   ASP B N   1 
ATOM   680 C CA  . ASP B 2 2  ? -5.691  -9.978  4.654   1.00 40.69 ? 2   ASP B CA  1 
ATOM   681 C C   . ASP B 2 2  ? -4.280  -9.533  4.269   1.00 41.00 ? 2   ASP B C   1 
ATOM   682 O O   . ASP B 2 2  ? -3.581  -8.853  5.025   1.00 35.73 ? 2   ASP B O   1 
ATOM   683 C CB  . ASP B 2 2  ? -6.715  -9.639  3.565   1.00 32.14 ? 2   ASP B CB  1 
ATOM   684 C CG  . ASP B 2 2  ? -6.911  -8.164  3.386   1.00 33.59 ? 2   ASP B CG  1 
ATOM   685 O OD1 . ASP B 2 2  ? -6.113  -7.383  3.935   1.00 38.18 ? 2   ASP B OD1 1 
ATOM   686 O OD2 . ASP B 2 2  ? -7.852  -7.771  2.671   1.00 40.79 ? 2   ASP B OD2 1 
ATOM   687 N N   . ALA B 2 3  ? -3.872  -9.909  3.052   1.00 36.58 ? 3   ALA B N   1 
ATOM   688 C CA  . ALA B 2 3  ? -2.535  -9.605  2.570   1.00 35.11 ? 3   ALA B CA  1 
ATOM   689 C C   . ALA B 2 3  ? -2.222  -8.126  2.734   1.00 35.99 ? 3   ALA B C   1 
ATOM   690 O O   . ALA B 2 3  ? -1.141  -7.744  3.205   1.00 31.82 ? 3   ALA B O   1 
ATOM   691 C CB  . ALA B 2 3  ? -2.425  -10.025 1.108   1.00 30.63 ? 3   ALA B CB  1 
ATOM   692 N N   . THR B 2 4  ? -3.178  -7.277  2.364   1.00 34.43 ? 4   THR B N   1 
ATOM   693 C CA  . THR B 2 4  ? -2.936  -5.848  2.420   1.00 33.00 ? 4   THR B CA  1 
ATOM   694 C C   . THR B 2 4  ? -2.877  -5.385  3.855   1.00 35.24 ? 4   THR B C   1 
ATOM   695 O O   . THR B 2 4  ? -2.008  -4.584  4.221   1.00 30.17 ? 4   THR B O   1 
ATOM   696 C CB  . THR B 2 4  ? -4.017  -5.102  1.656   1.00 30.01 ? 4   THR B CB  1 
ATOM   697 O OG1 . THR B 2 4  ? -4.024  -5.561  0.294   1.00 34.32 ? 4   THR B OG1 1 
ATOM   698 C CG2 . THR B 2 4  ? -3.718  -3.638  1.684   1.00 31.83 ? 4   THR B CG2 1 
ATOM   699 N N   . CYS B 2 5  ? -3.783  -5.915  4.682   1.00 38.07 ? 5   CYS B N   1 
ATOM   700 C CA  . CYS B 2 5  ? -3.757  -5.665  6.121   1.00 36.26 ? 5   CYS B CA  1 
ATOM   701 C C   . CYS B 2 5  ? -2.400  -5.991  6.725   1.00 34.09 ? 5   CYS B C   1 
ATOM   702 O O   . CYS B 2 5  ? -1.871  -5.215  7.524   1.00 39.81 ? 5   CYS B O   1 
ATOM   703 C CB  . CYS B 2 5  ? -4.858  -6.483  6.793   1.00 35.85 ? 5   CYS B CB  1 
ATOM   704 S SG  . CYS B 2 5  ? -4.972  -6.300  8.565   1.00 45.98 ? 5   CYS B SG  1 
ATOM   705 N N   . GLN B 2 6  ? -1.814  -7.132  6.349   1.00 37.41 ? 6   GLN B N   1 
ATOM   706 C CA  . GLN B 2 6  ? -0.556  -7.562  6.952   1.00 34.35 ? 6   GLN B CA  1 
ATOM   707 C C   . GLN B 2 6  ? 0.617   -6.727  6.454   1.00 34.93 ? 6   GLN B C   1 
ATOM   708 O O   . GLN B 2 6  ? 1.596   -6.532  7.188   1.00 37.02 ? 6   GLN B O   1 
ATOM   709 C CB  . GLN B 2 6  ? -0.322  -9.056  6.680   1.00 33.06 ? 6   GLN B CB  1 
ATOM   710 C CG  . GLN B 2 6  ? -1.567  -9.930  6.816   1.00 33.74 ? 6   GLN B CG  1 
ATOM   711 C CD  . GLN B 2 6  ? -1.301  -11.438 6.705   1.00 36.51 ? 6   GLN B CD  1 
ATOM   712 O OE1 . GLN B 2 6  ? -0.169  -11.889 6.861   1.00 36.52 ? 6   GLN B OE1 1 
ATOM   713 N NE2 . GLN B 2 6  ? -2.350  -12.212 6.379   1.00 33.40 ? 6   GLN B NE2 1 
ATOM   714 N N   . PHE B 2 7  ? 0.536   -6.211  5.226   1.00 32.39 ? 7   PHE B N   1 
ATOM   715 C CA  . PHE B 2 7  ? 1.606   -5.354  4.719   1.00 32.48 ? 7   PHE B CA  1 
ATOM   716 C C   . PHE B 2 7  ? 1.633   -4.014  5.454   1.00 33.39 ? 7   PHE B C   1 
ATOM   717 O O   . PHE B 2 7  ? 2.696   -3.544  5.875   1.00 36.98 ? 7   PHE B O   1 
ATOM   718 C CB  . PHE B 2 7  ? 1.426   -5.157  3.220   1.00 32.47 ? 7   PHE B CB  1 
ATOM   719 C CG  . PHE B 2 7  ? 2.483   -4.326  2.585   1.00 32.46 ? 7   PHE B CG  1 
ATOM   720 C CD1 . PHE B 2 7  ? 3.718   -4.874  2.271   1.00 33.65 ? 7   PHE B CD1 1 
ATOM   721 C CD2 . PHE B 2 7  ? 2.242   -3.003  2.274   1.00 31.47 ? 7   PHE B CD2 1 
ATOM   722 C CE1 . PHE B 2 7  ? 4.691   -4.106  1.658   1.00 35.13 ? 7   PHE B CE1 1 
ATOM   723 C CE2 . PHE B 2 7  ? 3.208   -2.234  1.665   1.00 32.71 ? 7   PHE B CE2 1 
ATOM   724 C CZ  . PHE B 2 7  ? 4.430   -2.777  1.360   1.00 35.23 ? 7   PHE B CZ  1 
ATOM   725 N N   . ARG B 2 8  ? 0.475   -3.387  5.623   1.00 33.98 ? 8   ARG B N   1 
ATOM   726 C CA  . ARG B 2 8  ? 0.408   -2.173  6.426   1.00 36.44 ? 8   ARG B CA  1 
ATOM   727 C C   . ARG B 2 8  ? 0.948   -2.414  7.825   1.00 36.51 ? 8   ARG B C   1 
ATOM   728 O O   . ARG B 2 8  ? 1.740   -1.613  8.337   1.00 39.56 ? 8   ARG B O   1 
ATOM   729 C CB  . ARG B 2 8  ? -1.025  -1.651  6.505   1.00 32.67 ? 8   ARG B CB  1 
ATOM   730 C CG  . ARG B 2 8  ? -1.218  -0.633  7.607   1.00 30.65 ? 8   ARG B CG  1 
ATOM   731 C CD  . ARG B 2 8  ? -0.382  0.602   7.348   1.00 36.16 ? 8   ARG B CD  1 
ATOM   732 N NE  . ARG B 2 8  ? -0.636  1.641   8.343   1.00 40.69 ? 8   ARG B NE  1 
ATOM   733 C CZ  . ARG B 2 8  ? -1.650  2.499   8.285   1.00 37.15 ? 8   ARG B CZ  1 
ATOM   734 N NH1 . ARG B 2 8  ? -1.801  3.405   9.235   1.00 37.09 ? 8   ARG B NH1 1 
ATOM   735 N NH2 . ARG B 2 8  ? -2.522  2.439   7.288   1.00 41.03 ? 8   ARG B NH2 1 
ATOM   736 N N   . LYS B 2 9  ? 0.514   -3.500  8.472   1.00 31.56 ? 9   LYS B N   1 
ATOM   737 C CA  . LYS B 2 9  ? 1.019   -3.795  9.807   1.00 33.03 ? 9   LYS B CA  1 
ATOM   738 C C   . LYS B 2 9  ? 2.528   -4.011  9.768   1.00 39.49 ? 9   LYS B C   1 
ATOM   739 O O   . LYS B 2 9  ? 3.270   -3.457  10.588  1.00 38.74 ? 9   LYS B O   1 
ATOM   740 C CB  . LYS B 2 9  ? 0.304   -5.012  10.389  1.00 35.44 ? 9   LYS B CB  1 
ATOM   741 C CG  . LYS B 2 9  ? -1.155  -4.790  10.770  1.00 36.90 ? 9   LYS B CG  1 
ATOM   742 C CD  . LYS B 2 9  ? -1.697  -6.002  11.530  1.00 40.37 ? 9   LYS B CD  1 
ATOM   743 C CE  . LYS B 2 9  ? -3.101  -5.765  12.091  1.00 48.68 ? 9   LYS B CE  1 
ATOM   744 N NZ  . LYS B 2 9  ? -3.559  -6.843  13.036  1.00 54.42 ? 9   LYS B NZ  1 
ATOM   745 N N   . ALA B 2 10 ? 3.005   -4.783  8.785   1.00 40.38 ? 10  ALA B N   1 
ATOM   746 C CA  . ALA B 2 10 ? 4.445   -4.970  8.606   1.00 38.01 ? 10  ALA B CA  1 
ATOM   747 C C   . ALA B 2 10 ? 5.168   -3.633  8.555   1.00 41.08 ? 10  ALA B C   1 
ATOM   748 O O   . ALA B 2 10 ? 6.091   -3.386  9.338   1.00 46.92 ? 10  ALA B O   1 
ATOM   749 C CB  . ALA B 2 10 ? 4.718   -5.768  7.335   1.00 31.83 ? 10  ALA B CB  1 
ATOM   750 N N   . ILE B 2 11 ? 4.747   -2.749  7.641   1.00 39.40 ? 11  ILE B N   1 
ATOM   751 C CA  . ILE B 2 11 ? 5.398   -1.446  7.497   1.00 38.58 ? 11  ILE B CA  1 
ATOM   752 C C   . ILE B 2 11 ? 5.579   -0.791  8.858   1.00 38.47 ? 11  ILE B C   1 
ATOM   753 O O   . ILE B 2 11 ? 6.685   -0.394  9.227   1.00 37.32 ? 11  ILE B O   1 
ATOM   754 C CB  . ILE B 2 11 ? 4.599   -0.527  6.553   1.00 37.15 ? 11  ILE B CB  1 
ATOM   755 C CG1 . ILE B 2 11 ? 4.749   -0.949  5.096   1.00 37.81 ? 11  ILE B CG1 1 
ATOM   756 C CG2 . ILE B 2 11 ? 5.079   0.924   6.697   1.00 37.18 ? 11  ILE B CG2 1 
ATOM   757 C CD1 . ILE B 2 11 ? 3.988   -0.030  4.121   1.00 32.49 ? 11  ILE B CD1 1 
ATOM   758 N N   . ASP B 2 12 ? 4.490   -0.661  9.624   1.00 39.30 ? 12  ASP B N   1 
ATOM   759 C CA  . ASP B 2 12 ? 4.554   0.148   10.838  1.00 38.78 ? 12  ASP B CA  1 
ATOM   760 C C   . ASP B 2 12 ? 5.403   -0.530  11.910  1.00 49.16 ? 12  ASP B C   1 
ATOM   761 O O   . ASP B 2 12 ? 6.121   0.146   12.663  1.00 48.76 ? 12  ASP B O   1 
ATOM   762 C CB  . ASP B 2 12 ? 3.143   0.439   11.351  1.00 34.32 ? 12  ASP B CB  1 
ATOM   763 C CG  . ASP B 2 12 ? 2.372   1.423   10.445  1.00 46.23 ? 12  ASP B CG  1 
ATOM   764 O OD1 . ASP B 2 12 ? 3.034   2.247   9.772   1.00 47.55 ? 12  ASP B OD1 1 
ATOM   765 O OD2 . ASP B 2 12 ? 1.108   1.376   10.392  1.00 38.36 ? 12  ASP B OD2 1 
ATOM   766 N N   . ASP B 2 13 ? 5.358   -1.859  11.980  1.00 44.74 ? 13  ASP B N   1 
ATOM   767 C CA  . ASP B 2 13 ? 6.191   -2.554  12.942  1.00 41.55 ? 13  ASP B CA  1 
ATOM   768 C C   . ASP B 2 13 ? 7.660   -2.391  12.594  1.00 45.29 ? 13  ASP B C   1 
ATOM   769 O O   . ASP B 2 13 ? 8.476   -2.055  13.454  1.00 47.14 ? 13  ASP B O   1 
ATOM   770 C CB  . ASP B 2 13 ? 5.805   -4.025  13.000  1.00 48.17 ? 13  ASP B CB  1 
ATOM   771 C CG  . ASP B 2 13 ? 6.485   -4.754  14.145  1.00 57.05 ? 13  ASP B CG  1 
ATOM   772 O OD1 . ASP B 2 13 ? 6.141   -4.448  15.314  1.00 56.44 ? 13  ASP B OD1 1 
ATOM   773 O OD2 . ASP B 2 13 ? 7.347   -5.634  13.878  1.00 60.56 ? 13  ASP B OD2 1 
ATOM   774 N N   . CYS B 2 14 ? 8.011   -2.598  11.323  1.00 45.82 ? 14  CYS B N   1 
ATOM   775 C CA  . CYS B 2 14 ? 9.411   -2.510  10.925  1.00 42.64 ? 14  CYS B CA  1 
ATOM   776 C C   . CYS B 2 14 ? 9.932   -1.085  11.005  1.00 42.82 ? 14  CYS B C   1 
ATOM   777 O O   . CYS B 2 14 ? 11.037  -0.855  11.511  1.00 50.34 ? 14  CYS B O   1 
ATOM   778 C CB  . CYS B 2 14 ? 9.590   -3.074  9.520   1.00 38.31 ? 14  CYS B CB  1 
ATOM   779 S SG  . CYS B 2 14 ? 9.290   -4.844  9.413   1.00 48.13 ? 14  CYS B SG  1 
ATOM   780 N N   . ALA B 2 15 ? 9.160   -0.117  10.504  1.00 44.56 ? 15  ALA B N   1 
ATOM   781 C CA  . ALA B 2 15 ? 9.534   1.293   10.575  1.00 44.29 ? 15  ALA B CA  1 
ATOM   782 C C   . ALA B 2 15 ? 9.807   1.750   11.995  1.00 44.77 ? 15  ALA B C   1 
ATOM   783 O O   . ALA B 2 15 ? 10.487  2.767   12.185  1.00 46.23 ? 15  ALA B O   1 
ATOM   784 C CB  . ALA B 2 15 ? 8.438   2.171   9.963   1.00 43.68 ? 15  ALA B CB  1 
ATOM   785 N N   . ARG B 2 16 ? 9.291   1.024   12.986  1.00 44.43 ? 16  ARG B N   1 
ATOM   786 C CA  . ARG B 2 16 ? 9.531   1.369   14.378  1.00 49.50 ? 16  ARG B CA  1 
ATOM   787 C C   . ARG B 2 16 ? 10.773  0.672   14.933  1.00 49.06 ? 16  ARG B C   1 
ATOM   788 O O   . ARG B 2 16 ? 11.506  1.255   15.737  1.00 55.79 ? 16  ARG B O   1 
ATOM   789 C CB  . ARG B 2 16 ? 8.305   1.022   15.213  1.00 53.02 ? 16  ARG B CB  1 
ATOM   790 C CG  . ARG B 2 16 ? 8.635   0.787   16.660  1.00 52.88 ? 16  ARG B CG  1 
ATOM   791 C CD  . ARG B 2 16 ? 7.455   0.198   17.391  1.00 57.09 ? 16  ARG B CD  1 
ATOM   792 N NE  . ARG B 2 16 ? 7.245   -1.173  16.972  1.00 58.06 ? 16  ARG B NE  1 
ATOM   793 C CZ  . ARG B 2 16 ? 8.060   -2.179  17.285  1.00 57.16 ? 16  ARG B CZ  1 
ATOM   794 N NH1 . ARG B 2 16 ? 9.153   -1.975  18.020  1.00 64.14 ? 16  ARG B NH1 1 
ATOM   795 N NH2 . ARG B 2 16 ? 7.799   -3.405  16.856  1.00 50.99 ? 16  ARG B NH2 1 
ATOM   796 N N   . GLN B 2 17 ? 11.022  -0.577  14.542  1.00 49.75 ? 17  GLN B N   1 
ATOM   797 C CA  . GLN B 2 17 ? 12.264  -1.236  14.928  1.00 45.68 ? 17  GLN B CA  1 
ATOM   798 C C   . GLN B 2 17 ? 13.461  -0.581  14.260  1.00 53.33 ? 17  GLN B C   1 
ATOM   799 O O   . GLN B 2 17 ? 14.439  -0.224  14.929  1.00 57.43 ? 17  GLN B O   1 
ATOM   800 C CB  . GLN B 2 17 ? 12.223  -2.711  14.558  1.00 38.45 ? 17  GLN B CB  1 
ATOM   801 C CG  . GLN B 2 17 ? 11.039  -3.437  15.085  1.00 47.21 ? 17  GLN B CG  1 
ATOM   802 C CD  . GLN B 2 17 ? 11.201  -4.910  14.877  1.00 55.15 ? 17  GLN B CD  1 
ATOM   803 O OE1 . GLN B 2 17 ? 12.326  -5.397  14.718  1.00 54.86 ? 17  GLN B OE1 1 
ATOM   804 N NE2 . GLN B 2 17 ? 10.088  -5.633  14.822  1.00 51.74 ? 17  GLN B NE2 1 
ATOM   805 N N   . ALA B 2 18 ? 13.414  -0.431  12.942  1.00 50.77 ? 18  ALA B N   1 
ATOM   806 C CA  . ALA B 2 18 ? 14.598  -0.068  12.181  1.00 50.30 ? 18  ALA B CA  1 
ATOM   807 C C   . ALA B 2 18 ? 14.885  1.420   12.317  1.00 53.92 ? 18  ALA B C   1 
ATOM   808 O O   . ALA B 2 18 ? 13.966  2.248   12.225  1.00 54.94 ? 18  ALA B O   1 
ATOM   809 C CB  . ALA B 2 18 ? 14.405  -0.435  10.714  1.00 51.81 ? 18  ALA B CB  1 
ATOM   810 N N   . TYR B 2 19 ? 16.158  1.760   12.562  1.00 49.21 ? 19  TYR B N   1 
ATOM   811 C CA  . TYR B 2 19 ? 16.612  3.138   12.447  1.00 47.47 ? 19  TYR B CA  1 
ATOM   812 C C   . TYR B 2 19 ? 17.556  3.322   11.272  1.00 46.69 ? 19  TYR B C   1 
ATOM   813 O O   . TYR B 2 19 ? 17.849  4.463   10.898  1.00 43.33 ? 19  TYR B O   1 
ATOM   814 C CB  . TYR B 2 19 ? 17.258  3.623   13.757  1.00 52.43 ? 19  TYR B CB  1 
ATOM   815 C CG  . TYR B 2 19 ? 16.271  3.754   14.938  1.00 60.45 ? 19  TYR B CG  1 
ATOM   816 C CD1 . TYR B 2 19 ? 14.913  3.439   14.789  1.00 65.60 ? 19  TYR B CD1 1 
ATOM   817 C CD2 . TYR B 2 19 ? 16.693  4.203   16.185  1.00 59.34 ? 19  TYR B CD2 1 
ATOM   818 C CE1 . TYR B 2 19 ? 14.017  3.549   15.835  1.00 63.22 ? 19  TYR B CE1 1 
ATOM   819 C CE2 . TYR B 2 19 ? 15.798  4.322   17.249  1.00 59.29 ? 19  TYR B CE2 1 
ATOM   820 C CZ  . TYR B 2 19 ? 14.464  3.991   17.061  1.00 68.42 ? 19  TYR B CZ  1 
ATOM   821 O OH  . TYR B 2 19 ? 13.565  4.099   18.094  1.00 77.86 ? 19  TYR B OH  1 
ATOM   822 N N   . HIS B 2 20 ? 17.993  2.231   10.649  1.00 49.07 ? 20  HIS B N   1 
ATOM   823 C CA  . HIS B 2 20 ? 18.616  2.271   9.339   1.00 43.34 ? 20  HIS B CA  1 
ATOM   824 C C   . HIS B 2 20 ? 17.763  1.504   8.327   1.00 46.74 ? 20  HIS B C   1 
ATOM   825 O O   . HIS B 2 20 ? 17.114  0.507   8.661   1.00 48.05 ? 20  HIS B O   1 
ATOM   826 C CB  . HIS B 2 20 ? 20.030  1.694   9.361   1.00 37.51 ? 20  HIS B CB  1 
ATOM   827 C CG  . HIS B 2 20 ? 20.802  2.006   8.119   1.00 41.19 ? 20  HIS B CG  1 
ATOM   828 N ND1 . HIS B 2 20 ? 20.810  1.174   7.018   1.00 38.97 ? 20  HIS B ND1 1 
ATOM   829 C CD2 . HIS B 2 20 ? 21.551  3.082   7.782   1.00 43.24 ? 20  HIS B CD2 1 
ATOM   830 C CE1 . HIS B 2 20 ? 21.534  1.719   6.061   1.00 40.50 ? 20  HIS B CE1 1 
ATOM   831 N NE2 . HIS B 2 20 ? 21.999  2.877   6.500   1.00 48.25 ? 20  HIS B NE2 1 
ATOM   832 N N   . SER B 2 21 ? 17.800  1.959   7.072   1.00 42.43 ? 21  SER B N   1 
ATOM   833 C CA  . SER B 2 21 ? 16.914  1.420   6.045   1.00 41.40 ? 21  SER B CA  1 
ATOM   834 C C   . SER B 2 21 ? 17.191  -0.047  5.762   1.00 45.88 ? 21  SER B C   1 
ATOM   835 O O   . SER B 2 21 ? 16.280  -0.796  5.385   1.00 52.68 ? 21  SER B O   1 
ATOM   836 C CB  . SER B 2 21 ? 17.076  2.215   4.763   1.00 39.31 ? 21  SER B CB  1 
ATOM   837 O OG  . SER B 2 21 ? 18.448  2.275   4.439   1.00 42.23 ? 21  SER B OG  1 
ATOM   838 N N   . SER B 2 22 ? 18.445  -0.470  5.866   1.00 46.64 ? 22  SER B N   1 
ATOM   839 C CA  . SER B 2 22 ? 18.752  -1.861  5.565   1.00 46.98 ? 22  SER B CA  1 
ATOM   840 C C   . SER B 2 22 ? 18.274  -2.785  6.676   1.00 45.06 ? 22  SER B C   1 
ATOM   841 O O   . SER B 2 22 ? 17.951  -3.948  6.416   1.00 49.56 ? 22  SER B O   1 
ATOM   842 C CB  . SER B 2 22 ? 20.247  -2.020  5.309   1.00 42.74 ? 22  SER B CB  1 
ATOM   843 O OG  . SER B 2 22 ? 20.979  -1.488  6.392   1.00 53.04 ? 22  SER B OG  1 
ATOM   844 N N   . VAL B 2 23 ? 18.182  -2.286  7.908   1.00 41.87 ? 23  VAL B N   1 
ATOM   845 C CA  . VAL B 2 23 ? 17.431  -3.012  8.929   1.00 43.51 ? 23  VAL B CA  1 
ATOM   846 C C   . VAL B 2 23 ? 15.965  -3.109  8.531   1.00 47.18 ? 23  VAL B C   1 
ATOM   847 O O   . VAL B 2 23 ? 15.331  -4.166  8.669   1.00 46.52 ? 23  VAL B O   1 
ATOM   848 C CB  . VAL B 2 23 ? 17.595  -2.330  10.301  1.00 45.45 ? 23  VAL B CB  1 
ATOM   849 C CG1 . VAL B 2 23 ? 16.931  -3.153  11.401  1.00 38.62 ? 23  VAL B CG1 1 
ATOM   850 C CG2 . VAL B 2 23 ? 19.073  -2.081  10.604  1.00 43.66 ? 23  VAL B CG2 1 
ATOM   851 N N   . PHE B 2 24 ? 15.404  -2.007  8.018   1.00 49.54 ? 24  PHE B N   1 
ATOM   852 C CA  . PHE B 2 24 ? 13.999  -1.985  7.624   1.00 47.75 ? 24  PHE B CA  1 
ATOM   853 C C   . PHE B 2 24 ? 13.694  -3.082  6.614   1.00 48.59 ? 24  PHE B C   1 
ATOM   854 O O   . PHE B 2 24 ? 12.745  -3.863  6.789   1.00 43.31 ? 24  PHE B O   1 
ATOM   855 C CB  . PHE B 2 24 ? 13.627  -0.616  7.050   1.00 42.48 ? 24  PHE B CB  1 
ATOM   856 C CG  . PHE B 2 24 ? 12.179  -0.501  6.691   1.00 43.48 ? 24  PHE B CG  1 
ATOM   857 C CD1 . PHE B 2 24 ? 11.228  -0.306  7.679   1.00 41.28 ? 24  PHE B CD1 1 
ATOM   858 C CD2 . PHE B 2 24 ? 11.757  -0.636  5.374   1.00 47.13 ? 24  PHE B CD2 1 
ATOM   859 C CE1 . PHE B 2 24 ? 9.906   -0.221  7.366   1.00 39.68 ? 24  PHE B CE1 1 
ATOM   860 C CE2 . PHE B 2 24 ? 10.415  -0.551  5.047   1.00 40.40 ? 24  PHE B CE2 1 
ATOM   861 C CZ  . PHE B 2 24 ? 9.497   -0.340  6.041   1.00 42.93 ? 24  PHE B CZ  1 
ATOM   862 N N   . LYS B 2 25 ? 14.495  -3.153  5.542   1.00 46.86 ? 25  LYS B N   1 
ATOM   863 C CA  . LYS B 2 25 ? 14.253  -4.153  4.510   1.00 51.17 ? 25  LYS B CA  1 
ATOM   864 C C   . LYS B 2 25 ? 14.289  -5.554  5.103   1.00 47.97 ? 25  LYS B C   1 
ATOM   865 O O   . LYS B 2 25 ? 13.484  -6.417  4.726   1.00 42.97 ? 25  LYS B O   1 
ATOM   866 C CB  . LYS B 2 25 ? 15.279  -4.013  3.381   1.00 50.34 ? 25  LYS B CB  1 
ATOM   867 C CG  . LYS B 2 25 ? 15.179  -2.702  2.609   1.00 57.37 ? 25  LYS B CG  1 
ATOM   868 C CD  . LYS B 2 25 ? 16.280  -2.583  1.552   1.00 66.07 ? 25  LYS B CD  1 
ATOM   869 C CE  . LYS B 2 25 ? 16.592  -1.128  1.215   1.00 63.51 ? 25  LYS B CE  1 
ATOM   870 N NZ  . LYS B 2 25 ? 18.041  -0.806  1.431   1.00 59.74 ? 25  LYS B NZ  1 
ATOM   871 N N   . ALA B 2 26 ? 15.192  -5.779  6.064   1.00 42.96 ? 26  ALA B N   1 
ATOM   872 C CA  . ALA B 2 26 ? 15.362  -7.109  6.629   1.00 41.89 ? 26  ALA B CA  1 
ATOM   873 C C   . ALA B 2 26 ? 14.136  -7.513  7.422   1.00 43.36 ? 26  ALA B C   1 
ATOM   874 O O   . ALA B 2 26 ? 13.559  -8.581  7.188   1.00 46.03 ? 26  ALA B O   1 
ATOM   875 C CB  . ALA B 2 26 ? 16.613  -7.160  7.503   1.00 40.64 ? 26  ALA B CB  1 
ATOM   876 N N   . CYS B 2 27 ? 13.719  -6.668  8.368   1.00 47.00 ? 27  CYS B N   1 
ATOM   877 C CA  . CYS B 2 27 ? 12.454  -6.891  9.063   1.00 41.27 ? 27  CYS B CA  1 
ATOM   878 C C   . CYS B 2 27 ? 11.307  -7.052  8.069   1.00 43.61 ? 27  CYS B C   1 
ATOM   879 O O   . CYS B 2 27 ? 10.448  -7.924  8.238   1.00 43.57 ? 27  CYS B O   1 
ATOM   880 C CB  . CYS B 2 27 ? 12.192  -5.741  10.030  1.00 35.78 ? 27  CYS B CB  1 
ATOM   881 S SG  . CYS B 2 27 ? 10.567  -5.726  10.784  1.00 51.92 ? 27  CYS B SG  1 
ATOM   882 N N   . MET B 2 28 ? 11.296  -6.245  7.002   1.00 46.24 ? 28  MET B N   1 
ATOM   883 C CA  . MET B 2 28 ? 10.256  -6.378  5.983   1.00 46.36 ? 28  MET B CA  1 
ATOM   884 C C   . MET B 2 28 ? 10.366  -7.704  5.227   1.00 41.20 ? 28  MET B C   1 
ATOM   885 O O   . MET B 2 28 ? 9.343   -8.346  4.944   1.00 41.62 ? 28  MET B O   1 
ATOM   886 C CB  . MET B 2 28 ? 10.309  -5.190  5.014   1.00 44.54 ? 28  MET B CB  1 
ATOM   887 C CG  . MET B 2 28 ? 9.684   -3.908  5.564   1.00 43.49 ? 28  MET B CG  1 
ATOM   888 S SD  . MET B 2 28 ? 7.930   -4.073  6.000   1.00 42.19 ? 28  MET B SD  1 
ATOM   889 C CE  . MET B 2 28 ? 7.155   -4.104  4.364   1.00 29.74 ? 28  MET B CE  1 
ATOM   890 N N   . LYS B 2 29 ? 11.585  -8.120  4.866   1.00 41.42 ? 29  LYS B N   1 
ATOM   891 C CA  . LYS B 2 29 ? 11.761  -9.454  4.290   1.00 43.48 ? 29  LYS B CA  1 
ATOM   892 C C   . LYS B 2 29 ? 11.194  -10.518 5.211   1.00 43.94 ? 29  LYS B C   1 
ATOM   893 O O   . LYS B 2 29 ? 10.500  -11.436 4.759   1.00 44.44 ? 29  LYS B O   1 
ATOM   894 C CB  . LYS B 2 29 ? 13.235  -9.745  4.016   1.00 40.99 ? 29  LYS B CB  1 
ATOM   895 C CG  . LYS B 2 29 ? 13.726  -9.168  2.722   1.00 48.20 ? 29  LYS B CG  1 
ATOM   896 C CD  . LYS B 2 29 ? 15.228  -9.322  2.595   1.00 46.21 ? 29  LYS B CD  1 
ATOM   897 C CE  . LYS B 2 29 ? 15.709  -8.734  1.280   1.00 52.43 ? 29  LYS B CE  1 
ATOM   898 N NZ  . LYS B 2 29 ? 17.171  -8.449  1.278   1.00 48.64 ? 29  LYS B NZ  1 
ATOM   899 N N   . GLN B 2 30 ? 11.464  -10.400 6.511   1.00 40.00 ? 30  GLN B N   1 
ATOM   900 C CA  . GLN B 2 30 ? 10.921  -11.358 7.464   1.00 40.53 ? 30  GLN B CA  1 
ATOM   901 C C   . GLN B 2 30 ? 9.396   -11.316 7.489   1.00 39.26 ? 30  GLN B C   1 
ATOM   902 O O   . GLN B 2 30 ? 8.749   -12.366 7.553   1.00 38.85 ? 30  GLN B O   1 
ATOM   903 C CB  . GLN B 2 30 ? 11.500  -11.098 8.856   1.00 34.48 ? 30  GLN B CB  1 
ATOM   904 C CG  . GLN B 2 30 ? 10.906  -11.962 9.947   1.00 40.05 ? 30  GLN B CG  1 
ATOM   905 C CD  . GLN B 2 30 ? 10.989  -13.472 9.672   1.00 43.18 ? 30  GLN B CD  1 
ATOM   906 O OE1 . GLN B 2 30 ? 11.901  -13.955 8.992   1.00 42.79 ? 30  GLN B OE1 1 
ATOM   907 N NE2 . GLN B 2 30 ? 10.035  -14.220 10.219  1.00 37.06 ? 30  GLN B NE2 1 
ATOM   908 N N   . LYS B 2 31 ? 8.801   -10.117 7.405   1.00 38.68 ? 31  LYS B N   1 
ATOM   909 C CA  . LYS B 2 31 ? 7.345   -10.002 7.436   1.00 39.45 ? 31  LYS B CA  1 
ATOM   910 C C   . LYS B 2 31 ? 6.695   -10.634 6.208   1.00 38.86 ? 31  LYS B C   1 
ATOM   911 O O   . LYS B 2 31 ? 5.560   -11.130 6.288   1.00 35.18 ? 31  LYS B O   1 
ATOM   912 C CB  . LYS B 2 31 ? 6.925   -8.536  7.552   1.00 40.91 ? 31  LYS B CB  1 
ATOM   913 C CG  . LYS B 2 31 ? 7.100   -7.913  8.946   1.00 36.66 ? 31  LYS B CG  1 
ATOM   914 C CD  . LYS B 2 31 ? 6.771   -8.876  10.052  1.00 35.10 ? 31  LYS B CD  1 
ATOM   915 C CE  . LYS B 2 31 ? 6.911   -8.200  11.390  1.00 42.34 ? 31  LYS B CE  1 
ATOM   916 N NZ  . LYS B 2 31 ? 5.907   -7.114  11.474  1.00 49.26 ? 31  LYS B NZ  1 
ATOM   917 N N   . LYS B 2 32 ? 7.388   -10.621 5.069   1.00 37.69 ? 32  LYS B N   1 
ATOM   918 C CA  . LYS B 2 32 ? 6.888   -11.323 3.894   1.00 32.70 ? 32  LYS B CA  1 
ATOM   919 C C   . LYS B 2 32 ? 6.927   -12.839 4.086   1.00 41.14 ? 32  LYS B C   1 
ATOM   920 O O   . LYS B 2 32 ? 5.991   -13.546 3.671   1.00 35.71 ? 32  LYS B O   1 
ATOM   921 C CB  . LYS B 2 32 ? 7.701   -10.897 2.679   1.00 30.14 ? 32  LYS B CB  1 
ATOM   922 C CG  . LYS B 2 32 ? 7.206   -11.443 1.371   1.00 34.18 ? 32  LYS B CG  1 
ATOM   923 C CD  . LYS B 2 32 ? 7.638   -10.533 0.252   1.00 36.72 ? 32  LYS B CD  1 
ATOM   924 C CE  . LYS B 2 32 ? 7.739   -11.224 -1.079  1.00 29.69 ? 32  LYS B CE  1 
ATOM   925 N NZ  . LYS B 2 32 ? 8.359   -10.257 -2.023  1.00 42.48 ? 32  LYS B NZ  1 
ATOM   926 N N   . LYS B 2 33 ? 7.993   -13.375 4.710   1.00 39.17 ? 33  LYS B N   1 
ATOM   927 C CA  . LYS B 2 33 ? 8.042   -14.816 4.901   1.00 35.51 ? 33  LYS B CA  1 
ATOM   928 C C   . LYS B 2 33 ? 6.970   -15.268 5.883   1.00 36.35 ? 33  LYS B C   1 
ATOM   929 O O   . LYS B 2 33 ? 6.335   -16.303 5.676   1.00 40.80 ? 33  LYS B O   1 
ATOM   930 C CB  . LYS B 2 33 ? 9.418   -15.294 5.353   1.00 39.06 ? 33  LYS B CB  1 
ATOM   931 C CG  . LYS B 2 33 ? 10.613  -14.679 4.632   1.00 46.08 ? 33  LYS B CG  1 
ATOM   932 C CD  . LYS B 2 33 ? 11.914  -15.164 5.288   1.00 53.31 ? 33  LYS B CD  1 
ATOM   933 C CE  . LYS B 2 33 ? 13.027  -14.113 5.212   1.00 58.69 ? 33  LYS B CE  1 
ATOM   934 N NZ  . LYS B 2 33 ? 13.760  -13.971 6.529   1.00 58.35 ? 33  LYS B NZ  1 
ATOM   935 N N   . GLU B 2 34 ? 6.732   -14.478 6.933   1.00 33.42 ? 34  GLU B N   1 
ATOM   936 C CA  . GLU B 2 34 ? 5.627   -14.805 7.840   1.00 35.93 ? 34  GLU B CA  1 
ATOM   937 C C   . GLU B 2 34 ? 4.309   -14.836 7.086   1.00 35.08 ? 34  GLU B C   1 
ATOM   938 O O   . GLU B 2 34 ? 3.505   -15.760 7.271   1.00 39.49 ? 34  GLU B O   1 
ATOM   939 C CB  . GLU B 2 34 ? 5.557   -13.792 8.991   1.00 39.54 ? 34  GLU B CB  1 
ATOM   940 C CG  . GLU B 2 34 ? 6.918   -13.386 9.530   1.00 40.70 ? 34  GLU B CG  1 
ATOM   941 C CD  . GLU B 2 34 ? 6.892   -12.994 10.980  1.00 48.47 ? 34  GLU B CD  1 
ATOM   942 O OE1 . GLU B 2 34 ? 5.970   -12.243 11.354  1.00 58.11 ? 34  GLU B OE1 1 
ATOM   943 O OE2 . GLU B 2 34 ? 7.806   -13.417 11.718  1.00 53.85 ? 34  GLU B OE2 1 
ATOM   944 N N   . TRP B 2 35 ? 4.083   -13.851 6.219   1.00 37.33 ? 35  TRP B N   1 
ATOM   945 C CA  . TRP B 2 35 ? 2.873   -13.807 5.404   1.00 35.44 ? 35  TRP B CA  1 
ATOM   946 C C   . TRP B 2 35 ? 2.744   -15.045 4.522   1.00 36.75 ? 35  TRP B C   1 
ATOM   947 O O   . TRP B 2 35 ? 1.680   -15.685 4.499   1.00 34.03 ? 35  TRP B O   1 
ATOM   948 C CB  . TRP B 2 35 ? 2.870   -12.525 4.565   1.00 34.94 ? 35  TRP B CB  1 
ATOM   949 C CG  . TRP B 2 35 ? 1.832   -12.454 3.443   1.00 34.12 ? 35  TRP B CG  1 
ATOM   950 C CD1 . TRP B 2 35 ? 0.469   -12.393 3.580   1.00 28.40 ? 35  TRP B CD1 1 
ATOM   951 C CD2 . TRP B 2 35 ? 2.099   -12.367 2.032   1.00 30.83 ? 35  TRP B CD2 1 
ATOM   952 N NE1 . TRP B 2 35 ? -0.121  -12.294 2.343   1.00 31.50 ? 35  TRP B NE1 1 
ATOM   953 C CE2 . TRP B 2 35 ? 0.855   -12.281 1.376   1.00 30.14 ? 35  TRP B CE2 1 
ATOM   954 C CE3 . TRP B 2 35 ? 3.272   -12.357 1.264   1.00 29.82 ? 35  TRP B CE3 1 
ATOM   955 C CZ2 . TRP B 2 35 ? 0.746   -12.201 -0.015  1.00 27.27 ? 35  TRP B CZ2 1 
ATOM   956 C CZ3 . TRP B 2 35 ? 3.163   -12.275 -0.120  1.00 32.42 ? 35  TRP B CZ3 1 
ATOM   957 C CH2 . TRP B 2 35 ? 1.910   -12.195 -0.742  1.00 29.92 ? 35  TRP B CH2 1 
ATOM   958 N N   . LYS B 2 36 ? 3.805   -15.410 3.779   1.00 29.00 ? 36  LYS B N   1 
ATOM   959 C CA  . LYS B 2 36 ? 3.687   -16.569 2.897   1.00 31.23 ? 36  LYS B CA  1 
ATOM   960 C C   . LYS B 2 36 ? 3.473   -17.852 3.706   1.00 37.62 ? 36  LYS B C   1 
ATOM   961 O O   . LYS B 2 36 ? 2.616   -18.679 3.364   1.00 31.68 ? 36  LYS B O   1 
ATOM   962 C CB  . LYS B 2 36 ? 4.914   -16.704 1.995   1.00 29.55 ? 36  LYS B CB  1 
ATOM   963 C CG  . LYS B 2 36 ? 4.966   -15.781 0.786   1.00 28.98 ? 36  LYS B CG  1 
ATOM   964 C CD  . LYS B 2 36 ? 6.059   -16.266 -0.185  1.00 25.87 ? 36  LYS B CD  1 
ATOM   965 C CE  . LYS B 2 36 ? 6.342   -15.274 -1.302  1.00 34.93 ? 36  LYS B CE  1 
ATOM   966 N NZ  . LYS B 2 36 ? 5.553   -15.478 -2.570  1.00 44.72 ? 36  LYS B NZ  1 
ATOM   967 N N   . ALA B 2 37 ? 4.225   -18.014 4.805   1.00 33.83 ? 37  ALA B N   1 
ATOM   968 C CA  . ALA B 2 37 ? 4.083   -19.206 5.637   1.00 32.61 ? 37  ALA B CA  1 
ATOM   969 C C   . ALA B 2 37 ? 2.667   -19.359 6.194   1.00 35.62 ? 37  ALA B C   1 
ATOM   970 O O   . ALA B 2 37 ? 2.180   -20.483 6.372   1.00 28.66 ? 37  ALA B O   1 
ATOM   971 C CB  . ALA B 2 37 ? 5.093   -19.164 6.782   1.00 32.86 ? 37  ALA B CB  1 
ATOM   972 N N   . GLY B 2 38 ? 1.997   -18.251 6.490   1.00 32.76 ? 38  GLY B N   1 
ATOM   973 C CA  . GLY B 2 38 ? 0.712   -18.318 7.164   1.00 33.87 ? 38  GLY B CA  1 
ATOM   974 C C   . GLY B 2 38 ? -0.487  -18.741 6.328   1.00 39.31 ? 38  GLY B C   1 
ATOM   975 O O   . GLY B 2 38 ? -1.298  -19.556 6.780   1.00 46.49 ? 38  GLY B O   1 
HETATM 976 N N   . NH2 B 2 39 ? -0.607  -18.197 5.119   1.00 31.63 ? 39  NH2 B N   1 
HETATM 977 O O   . HOH C 3 .  ? 0.992   6.216   -0.191  1.00 45.26 ? 201 HOH A O   1 
HETATM 978 O O   . HOH C 3 .  ? -4.093  4.526   -13.636 1.00 44.73 ? 202 HOH A O   1 
HETATM 979 O O   . HOH C 3 .  ? -5.402  6.736   -7.552  1.00 39.58 ? 203 HOH A O   1 
HETATM 980 O O   . HOH D 3 .  ? -7.184  -5.074  3.940   1.00 34.26 ? 101 HOH B O   1 
HETATM 981 O O   . HOH D 3 .  ? 0.311   -7.472  0.993   1.00 32.65 ? 102 HOH B O   1 
HETATM 982 O O   . HOH D 3 .  ? -2.881  -18.239 3.655   1.00 37.42 ? 103 HOH B O   1 
HETATM 983 O O   . HOH D 3 .  ? 3.003   -11.147 7.795   1.00 35.97 ? 104 HOH B O   1 
HETATM 984 O O   . HOH D 3 .  ? -0.383  -0.815  12.246  1.00 32.82 ? 105 HOH B O   1 
# 
